data_7CZF
#
_entry.id   7CZF
#
_cell.length_a   80.803
_cell.length_b   153.196
_cell.length_c   275.228
_cell.angle_alpha   90.000
_cell.angle_beta   90.000
_cell.angle_gamma   90.000
#
_symmetry.space_group_name_H-M   'P 21 21 21'
#
loop_
_entity.id
_entity.type
_entity.pdbx_description
1 polymer 'Ephrin type-A receptor 2'
2 polymer 'Envelope glycoprotein H'
3 polymer 'Envelope glycoprotein L'
4 branched 2-acetamido-2-deoxy-beta-D-glucopyranose-(1-4)-2-acetamido-2-deoxy-beta-D-glucopyranose
5 branched alpha-D-mannopyranose-(1-4)-alpha-D-mannopyranose-(1-4)-2-acetamido-2-deoxy-beta-D-glucopyranose-(1-4)-[alpha-L-fucopyranose-(1-3)][alpha-L-fucopyranose-(1-6)]2-acetamido-2-deoxy-beta-D-glucopyranose
6 branched 2-acetamido-2-deoxy-beta-D-glucopyranose-(1-4)-[alpha-L-fucopyranose-(1-6)]2-acetamido-2-deoxy-beta-D-glucopyranose
7 non-polymer 2-acetamido-2-deoxy-beta-D-glucopyranose
#
loop_
_entity_poly.entity_id
_entity_poly.type
_entity_poly.pdbx_seq_one_letter_code
_entity_poly.pdbx_strand_id
1 'polypeptide(L)'
;EVVLLDFAAAGGELGWLTHPYGKGWDLMQNIMNDMPIYMYSVCNVMSGDQDNWLRTNWVYRGEAERIFIELKFTVRDCNS
FPGGASSCKETFNLYYAESDLDYGTNFQKRLFTKIDTIAPDEITVSSDFEARHVKLNVEERSVGPLTRKGFYLAFQDIGA
CVALLSVRVYYKKCPELLQHHHHHH
;
A,D
2 'polypeptide(L)'
;ATGALPTTATTITRSATQLINGRTNLSIELEFNGTSFFLNWQNLLNVITEPALTELWTSAEVAEDLRVTLKKRQSLFFPN
KTVVISGDGHRYTCEVPTSSQTYNITKGFNYSALPGHLGGFGINARLVLGDIFASKWSLFARDTPEYRVFYPMNVMAVKF
SISIGNNESGVALYGVVSEDFVVVTLHNRSKEANETASHLLFGLPDSLPSLKGHATYDELTFARNAKYALVAILPKDSYQ
TLLTENYTRIFLNMTESTPLEFTRTIQTRIVSIEARRACAAQEAAPDIFLVLFQMLVAHFLVARGIAEHRFVEVDCVCRQ
YAELYFLRRISRLCMPTFTTVGYNHTTLGAVAATQIARVSATKLASLPRSSQETVLAMVQLGARDGAVPSSILEGIAMVV
EHMYTAYTYVYTLGDTERKLMLDIHTVLTDSCPPKDSGVSEKLLRTYLMFTSMCTNIELGEMIARFSKPDSLNIYRAFSP
CFLGLRYDLHPAKLRAEAPQSSALTRTAVARGTSGFAELLHALHLDSLNLIPAINCSKITADKIIATVPLPHVTYIISSE
ALSNAVVYEVSEIFLKSAMFISAIKPDCSGFNFSQIDRHIPIVYNISTPRRGCPLCDSVIMSYDESDGLQSLMYVTNERV
QTNLFLDKSPFFDNNNLHIHYLWLRDNGTVVEIRGMY
;
B,E
3 'polypeptide(L)'
;DGIQYVALPCCAIQASAASTLPLFFAVHSIHFADPNHCNGVCIAKLRSKTGDITVETCVNGFNLRSFLVAVVRRLGSWAS
QENLRLLWYLQRSLTAYTVGFNATTADSSIHNVNIIIISVGKAMNRTGSVSGSQTRAKSSSRRAHAGQKGKHHHHHH
;
C,F
#
# COMPACT_ATOMS: atom_id res chain seq x y z
N GLU A 1 48.72 -24.66 -23.72
CA GLU A 1 47.68 -23.87 -23.06
C GLU A 1 46.82 -24.74 -22.16
N VAL A 2 46.95 -24.54 -20.85
CA VAL A 2 46.13 -25.24 -19.87
C VAL A 2 44.98 -24.31 -19.49
N VAL A 3 43.76 -24.67 -19.88
CA VAL A 3 42.62 -23.82 -19.65
C VAL A 3 42.21 -23.90 -18.18
N LEU A 4 42.14 -22.74 -17.52
CA LEU A 4 41.71 -22.69 -16.13
C LEU A 4 40.21 -22.48 -16.01
N LEU A 5 39.64 -21.58 -16.81
CA LEU A 5 38.20 -21.31 -16.76
C LEU A 5 37.70 -20.96 -18.16
N ASP A 6 36.66 -21.66 -18.60
CA ASP A 6 35.99 -21.37 -19.86
C ASP A 6 34.50 -21.31 -19.60
N PHE A 7 33.88 -20.18 -19.98
CA PHE A 7 32.46 -19.99 -19.68
C PHE A 7 31.56 -20.67 -20.71
N ALA A 8 31.92 -20.59 -21.99
CA ALA A 8 31.07 -21.17 -23.03
C ALA A 8 31.03 -22.69 -22.94
N ALA A 9 32.10 -23.33 -22.47
CA ALA A 9 32.14 -24.78 -22.39
C ALA A 9 31.28 -25.34 -21.26
N ALA A 10 30.69 -24.48 -20.43
CA ALA A 10 29.87 -24.98 -19.33
C ALA A 10 28.45 -25.31 -19.77
N GLY A 11 27.85 -24.45 -20.59
CA GLY A 11 26.51 -24.69 -21.10
C GLY A 11 25.42 -24.21 -20.18
N GLY A 12 25.55 -22.98 -19.68
CA GLY A 12 24.56 -22.38 -18.81
C GLY A 12 24.59 -22.86 -17.38
N GLU A 13 25.23 -23.98 -17.09
CA GLU A 13 25.28 -24.49 -15.72
C GLU A 13 26.17 -23.65 -14.82
N LEU A 14 27.11 -22.90 -15.39
CA LEU A 14 27.98 -22.03 -14.61
C LEU A 14 27.26 -20.71 -14.36
N GLY A 15 26.95 -20.44 -13.10
CA GLY A 15 26.28 -19.21 -12.70
C GLY A 15 27.26 -18.30 -11.97
N TRP A 16 27.18 -17.01 -12.27
CA TRP A 16 28.02 -16.00 -11.66
C TRP A 16 27.19 -15.07 -10.78
N LEU A 17 27.88 -14.22 -10.03
CA LEU A 17 27.23 -13.29 -9.12
C LEU A 17 27.02 -11.95 -9.80
N THR A 18 25.81 -11.41 -9.68
CA THR A 18 25.43 -10.14 -10.28
C THR A 18 25.15 -9.13 -9.19
N HIS A 19 25.95 -8.06 -9.15
CA HIS A 19 25.79 -7.01 -8.16
C HIS A 19 25.62 -5.67 -8.87
N PRO A 20 24.56 -4.90 -8.56
CA PRO A 20 23.54 -5.20 -7.55
C PRO A 20 22.50 -6.23 -8.00
N TYR A 21 21.39 -6.32 -7.28
CA TYR A 21 20.42 -7.39 -7.54
C TYR A 21 19.47 -7.03 -8.68
N GLY A 22 18.82 -5.87 -8.60
CA GLY A 22 17.80 -5.52 -9.57
C GLY A 22 18.29 -5.34 -10.98
N LYS A 23 19.12 -4.33 -11.21
CA LYS A 23 19.67 -4.06 -12.53
C LYS A 23 21.01 -4.79 -12.68
N GLY A 24 21.72 -4.50 -13.76
CA GLY A 24 23.04 -5.05 -13.99
C GLY A 24 23.04 -6.20 -14.97
N TRP A 25 24.06 -7.05 -14.84
CA TRP A 25 24.24 -8.18 -15.74
C TRP A 25 23.15 -9.23 -15.51
N ASP A 26 22.77 -9.90 -16.60
CA ASP A 26 21.78 -10.96 -16.56
C ASP A 26 22.21 -12.08 -17.51
N LEU A 27 22.06 -13.32 -17.05
CA LEU A 27 22.38 -14.48 -17.88
C LEU A 27 21.26 -14.70 -18.89
N MET A 28 21.60 -14.66 -20.17
CA MET A 28 20.63 -14.80 -21.25
C MET A 28 20.99 -15.99 -22.13
N GLN A 29 19.99 -16.78 -22.49
CA GLN A 29 20.16 -17.98 -23.29
C GLN A 29 19.65 -17.71 -24.70
N ASN A 30 20.57 -17.41 -25.61
CA ASN A 30 20.25 -17.23 -27.02
C ASN A 30 20.64 -18.49 -27.79
N ILE A 31 19.94 -18.72 -28.91
CA ILE A 31 20.16 -19.89 -29.75
C ILE A 31 20.73 -19.41 -31.08
N MET A 32 21.92 -19.89 -31.42
CA MET A 32 22.59 -19.56 -32.67
C MET A 32 23.11 -20.83 -33.31
N ASN A 33 22.92 -20.96 -34.63
CA ASN A 33 23.28 -22.16 -35.38
C ASN A 33 22.63 -23.40 -34.79
N ASP A 34 21.35 -23.27 -34.43
CA ASP A 34 20.54 -24.39 -33.91
C ASP A 34 21.14 -25.00 -32.65
N MET A 35 21.90 -24.21 -31.90
CA MET A 35 22.52 -24.65 -30.65
C MET A 35 22.45 -23.53 -29.63
N PRO A 36 22.18 -23.84 -28.36
CA PRO A 36 22.09 -22.79 -27.35
C PRO A 36 23.46 -22.18 -27.04
N ILE A 37 23.49 -20.86 -26.94
CA ILE A 37 24.69 -20.10 -26.64
C ILE A 37 24.35 -19.14 -25.51
N TYR A 38 24.80 -19.44 -24.30
CA TYR A 38 24.52 -18.58 -23.17
C TYR A 38 25.44 -17.36 -23.16
N MET A 39 25.02 -16.33 -22.43
CA MET A 39 25.77 -15.08 -22.39
C MET A 39 25.29 -14.24 -21.22
N TYR A 40 26.21 -13.46 -20.67
CA TYR A 40 25.88 -12.41 -19.71
C TYR A 40 25.93 -11.06 -20.40
N SER A 41 24.98 -10.19 -20.09
CA SER A 41 24.90 -8.90 -20.77
C SER A 41 24.11 -7.92 -19.94
N VAL A 42 24.24 -6.65 -20.30
CA VAL A 42 23.45 -5.57 -19.73
C VAL A 42 23.48 -4.40 -20.71
N CYS A 43 22.34 -3.75 -20.89
CA CYS A 43 22.22 -2.63 -21.83
C CYS A 43 21.46 -1.48 -21.20
N ASN A 44 21.75 -1.18 -19.94
CA ASN A 44 21.13 -0.05 -19.24
C ASN A 44 21.99 1.18 -19.50
N VAL A 45 21.71 1.86 -20.61
CA VAL A 45 22.57 2.92 -21.12
C VAL A 45 21.89 4.28 -21.13
N MET A 46 20.68 4.38 -20.60
CA MET A 46 19.94 5.65 -20.58
C MET A 46 19.83 6.27 -19.20
N SER A 47 20.24 5.57 -18.15
CA SER A 47 20.26 6.12 -16.80
C SER A 47 21.62 6.75 -16.54
N GLY A 48 21.88 7.14 -15.29
CA GLY A 48 23.13 7.79 -14.95
C GLY A 48 24.15 6.85 -14.35
N ASP A 49 24.41 7.00 -13.04
CA ASP A 49 25.42 6.20 -12.38
C ASP A 49 24.98 4.73 -12.29
N GLN A 50 25.82 3.83 -12.80
CA GLN A 50 25.56 2.40 -12.73
C GLN A 50 26.89 1.68 -12.55
N ASP A 51 27.14 1.17 -11.34
CA ASP A 51 28.27 0.30 -11.06
C ASP A 51 27.79 -1.15 -11.11
N ASN A 52 27.60 -1.65 -12.32
CA ASN A 52 27.11 -3.01 -12.52
C ASN A 52 28.29 -3.97 -12.54
N TRP A 53 28.35 -4.86 -11.55
CA TRP A 53 29.45 -5.80 -11.38
C TRP A 53 29.00 -7.22 -11.66
N LEU A 54 29.97 -8.06 -12.05
CA LEU A 54 29.70 -9.45 -12.37
C LEU A 54 30.93 -10.26 -11.95
N ARG A 55 30.84 -10.95 -10.83
CA ARG A 55 31.95 -11.74 -10.29
C ARG A 55 31.82 -13.19 -10.69
N THR A 56 32.94 -13.79 -11.10
CA THR A 56 32.96 -15.19 -11.52
C THR A 56 33.02 -16.10 -10.30
N ASN A 57 33.24 -17.39 -10.54
CA ASN A 57 33.37 -18.38 -9.48
C ASN A 57 34.85 -18.52 -9.10
N TRP A 58 35.17 -19.52 -8.28
CA TRP A 58 36.54 -19.72 -7.84
C TRP A 58 37.31 -20.54 -8.87
N VAL A 59 38.49 -20.06 -9.23
CA VAL A 59 39.36 -20.70 -10.21
C VAL A 59 40.63 -21.12 -9.50
N TYR A 60 40.82 -22.43 -9.35
CA TYR A 60 42.02 -22.93 -8.68
C TYR A 60 43.24 -22.68 -9.56
N ARG A 61 44.31 -22.18 -8.95
CA ARG A 61 45.49 -21.81 -9.72
C ARG A 61 46.31 -23.03 -10.13
N GLY A 62 46.78 -23.79 -9.14
CA GLY A 62 47.50 -25.03 -9.37
C GLY A 62 48.98 -24.81 -9.68
N GLU A 63 49.26 -24.34 -10.90
CA GLU A 63 50.61 -23.92 -11.27
C GLU A 63 50.62 -22.62 -12.07
N ALA A 64 49.53 -21.86 -12.10
CA ALA A 64 49.45 -20.69 -12.96
C ALA A 64 50.35 -19.58 -12.45
N GLU A 65 51.27 -19.12 -13.30
CA GLU A 65 52.15 -18.01 -12.95
C GLU A 65 51.66 -16.69 -13.56
N ARG A 66 51.46 -16.66 -14.87
CA ARG A 66 50.91 -15.49 -15.56
C ARG A 66 49.69 -15.95 -16.36
N ILE A 67 48.54 -15.36 -16.06
CA ILE A 67 47.28 -15.77 -16.67
C ILE A 67 46.93 -14.82 -17.82
N PHE A 68 46.22 -15.35 -18.80
CA PHE A 68 45.74 -14.60 -19.95
C PHE A 68 44.22 -14.67 -20.00
N ILE A 69 43.58 -13.54 -20.32
CA ILE A 69 42.13 -13.42 -20.29
C ILE A 69 41.66 -13.13 -21.72
N GLU A 70 40.85 -14.03 -22.27
CA GLU A 70 40.25 -13.87 -23.59
C GLU A 70 38.78 -13.55 -23.43
N LEU A 71 38.30 -12.52 -24.13
CA LEU A 71 36.94 -12.02 -23.98
C LEU A 71 36.27 -12.01 -25.34
N LYS A 72 35.28 -12.89 -25.52
CA LYS A 72 34.44 -12.92 -26.71
C LYS A 72 33.16 -12.17 -26.39
N PHE A 73 32.95 -11.02 -27.04
CA PHE A 73 31.82 -10.17 -26.70
C PHE A 73 31.41 -9.35 -27.92
N THR A 74 30.20 -8.80 -27.85
CA THR A 74 29.67 -7.90 -28.85
C THR A 74 29.27 -6.59 -28.19
N VAL A 75 29.41 -5.50 -28.93
CA VAL A 75 29.13 -4.16 -28.43
C VAL A 75 28.20 -3.46 -29.44
N ARG A 76 27.15 -2.84 -28.92
CA ARG A 76 26.22 -2.08 -29.75
C ARG A 76 26.61 -0.61 -29.75
N ASP A 77 26.49 0.02 -30.91
CA ASP A 77 26.89 1.42 -31.05
C ASP A 77 25.97 2.33 -30.23
N CYS A 78 26.43 3.55 -29.99
CA CYS A 78 25.68 4.51 -29.19
C CYS A 78 24.79 5.42 -30.02
N ASN A 79 25.16 5.69 -31.27
CA ASN A 79 24.36 6.57 -32.11
C ASN A 79 23.09 5.91 -32.62
N SER A 80 22.86 4.64 -32.28
CA SER A 80 21.62 3.99 -32.70
C SER A 80 20.44 4.50 -31.87
N PHE A 81 20.58 4.55 -30.55
CA PHE A 81 19.57 5.17 -29.73
C PHE A 81 19.54 6.67 -30.00
N PRO A 82 18.39 7.33 -29.77
CA PRO A 82 18.34 8.79 -29.80
C PRO A 82 18.78 9.41 -28.47
N GLY A 83 20.04 9.18 -28.11
CA GLY A 83 20.56 9.63 -26.84
C GLY A 83 21.75 10.57 -26.93
N GLY A 84 22.44 10.54 -28.06
CA GLY A 84 23.60 11.40 -28.26
C GLY A 84 24.72 11.17 -27.28
N ALA A 85 24.94 9.92 -26.86
CA ALA A 85 26.03 9.55 -25.96
C ALA A 85 25.98 10.34 -24.65
N SER A 86 24.82 10.30 -23.99
CA SER A 86 24.71 10.91 -22.67
C SER A 86 25.46 10.10 -21.64
N SER A 87 25.10 8.82 -21.48
CA SER A 87 25.81 7.90 -20.59
C SER A 87 26.18 6.61 -21.32
N CYS A 88 26.14 6.62 -22.65
CA CYS A 88 26.46 5.43 -23.44
C CYS A 88 27.95 5.42 -23.78
N LYS A 89 28.61 4.31 -23.47
CA LYS A 89 30.01 4.10 -23.82
C LYS A 89 30.13 2.79 -24.56
N GLU A 90 31.34 2.53 -25.08
CA GLU A 90 31.61 1.31 -25.82
C GLU A 90 32.73 0.48 -25.19
N THR A 91 33.00 0.70 -23.90
CA THR A 91 34.05 -0.02 -23.20
C THR A 91 33.54 -0.44 -21.83
N PHE A 92 34.31 -1.30 -21.16
CA PHE A 92 33.97 -1.75 -19.82
C PHE A 92 35.26 -2.19 -19.12
N ASN A 93 35.31 -1.99 -17.81
CA ASN A 93 36.51 -2.29 -17.05
C ASN A 93 36.53 -3.76 -16.64
N LEU A 94 37.74 -4.25 -16.37
CA LEU A 94 37.98 -5.62 -15.95
C LEU A 94 38.84 -5.61 -14.70
N TYR A 95 38.36 -6.25 -13.64
CA TYR A 95 39.04 -6.29 -12.36
C TYR A 95 39.43 -7.72 -12.01
N TYR A 96 40.23 -7.84 -10.95
CA TYR A 96 40.77 -9.14 -10.56
C TYR A 96 41.27 -9.06 -9.12
N ALA A 97 41.01 -10.11 -8.35
CA ALA A 97 41.45 -10.19 -6.97
C ALA A 97 41.82 -11.64 -6.65
N GLU A 98 42.49 -11.82 -5.51
CA GLU A 98 42.96 -13.12 -5.08
C GLU A 98 42.23 -13.57 -3.82
N SER A 99 42.24 -14.88 -3.58
CA SER A 99 41.60 -15.47 -2.42
C SER A 99 42.07 -16.91 -2.27
N ASP A 100 42.33 -17.32 -1.03
CA ASP A 100 42.76 -18.68 -0.75
C ASP A 100 41.60 -19.65 -0.60
N LEU A 101 40.43 -19.16 -0.20
CA LEU A 101 39.25 -20.00 -0.03
C LEU A 101 38.06 -19.35 -0.73
N ASP A 102 37.13 -20.19 -1.19
CA ASP A 102 35.96 -19.70 -1.92
C ASP A 102 35.08 -18.90 -0.97
N TYR A 103 35.01 -17.58 -1.20
CA TYR A 103 34.14 -16.73 -0.39
C TYR A 103 32.67 -17.11 -0.56
N GLY A 104 32.28 -17.55 -1.74
CA GLY A 104 30.89 -17.92 -2.01
C GLY A 104 30.09 -16.72 -2.51
N THR A 105 29.18 -16.23 -1.66
CA THR A 105 28.33 -15.09 -1.99
C THR A 105 28.95 -13.75 -1.62
N ASN A 106 30.11 -13.75 -0.96
CA ASN A 106 30.74 -12.51 -0.55
C ASN A 106 31.39 -11.82 -1.74
N PHE A 107 31.07 -10.54 -1.92
CA PHE A 107 31.66 -9.73 -2.99
C PHE A 107 31.88 -8.32 -2.44
N GLN A 108 33.14 -7.96 -2.23
CA GLN A 108 33.53 -6.61 -1.83
C GLN A 108 34.23 -5.95 -3.00
N LYS A 109 33.64 -4.87 -3.52
CA LYS A 109 34.31 -4.14 -4.59
C LYS A 109 35.33 -3.17 -4.03
N ARG A 110 36.24 -3.68 -3.19
CA ARG A 110 37.44 -2.96 -2.80
C ARG A 110 38.72 -3.78 -2.91
N LEU A 111 38.64 -5.10 -2.91
CA LEU A 111 39.81 -5.96 -3.02
C LEU A 111 40.24 -6.21 -4.46
N PHE A 112 39.48 -5.72 -5.43
CA PHE A 112 39.78 -5.94 -6.84
C PHE A 112 40.64 -4.81 -7.37
N THR A 113 41.51 -5.15 -8.33
CA THR A 113 42.43 -4.20 -8.94
C THR A 113 42.10 -4.09 -10.43
N LYS A 114 41.97 -2.87 -10.91
CA LYS A 114 41.66 -2.64 -12.32
C LYS A 114 42.85 -3.05 -13.18
N ILE A 115 42.60 -3.94 -14.15
CA ILE A 115 43.66 -4.43 -15.02
C ILE A 115 43.83 -3.49 -16.22
N ASP A 116 42.77 -3.33 -17.00
CA ASP A 116 42.80 -2.50 -18.19
C ASP A 116 41.37 -2.33 -18.69
N THR A 117 41.14 -1.22 -19.39
CA THR A 117 39.85 -0.96 -20.01
C THR A 117 39.75 -1.75 -21.31
N ILE A 118 38.73 -2.59 -21.41
CA ILE A 118 38.52 -3.43 -22.59
C ILE A 118 37.91 -2.58 -23.70
N ALA A 119 38.64 -2.42 -24.80
CA ALA A 119 38.18 -1.62 -25.93
C ALA A 119 37.93 -2.50 -27.15
N PRO A 120 36.95 -2.16 -27.97
CA PRO A 120 36.67 -2.95 -29.18
C PRO A 120 37.72 -2.71 -30.26
N ASP A 121 37.75 -3.62 -31.22
CA ASP A 121 38.69 -3.54 -32.33
C ASP A 121 38.29 -2.42 -33.30
N LYS A 135 29.63 -7.81 -35.49
CA LYS A 135 30.86 -7.23 -34.95
C LYS A 135 31.25 -7.90 -33.64
N LEU A 136 31.87 -9.07 -33.75
CA LEU A 136 32.32 -9.84 -32.57
C LEU A 136 33.70 -9.32 -32.17
N ASN A 137 33.69 -8.21 -31.44
CA ASN A 137 34.94 -7.60 -30.98
C ASN A 137 35.56 -8.47 -29.89
N VAL A 138 36.74 -9.01 -30.15
CA VAL A 138 37.43 -9.90 -29.24
C VAL A 138 38.82 -9.36 -28.96
N GLU A 139 39.15 -9.20 -27.67
CA GLU A 139 40.46 -8.75 -27.24
C GLU A 139 40.97 -9.66 -26.12
N GLU A 140 42.28 -9.70 -25.96
CA GLU A 140 42.92 -10.54 -24.96
C GLU A 140 43.80 -9.68 -24.05
N ARG A 141 43.87 -10.05 -22.78
CA ARG A 141 44.64 -9.34 -21.77
C ARG A 141 45.63 -10.30 -21.11
N SER A 142 46.47 -9.74 -20.24
CA SER A 142 47.50 -10.51 -19.55
C SER A 142 47.88 -9.78 -18.27
N VAL A 143 47.99 -10.54 -17.18
CA VAL A 143 48.33 -9.97 -15.87
C VAL A 143 49.05 -11.04 -15.06
N GLY A 144 49.83 -10.58 -14.09
CA GLY A 144 50.58 -11.48 -13.23
C GLY A 144 51.55 -10.72 -12.34
N PRO A 145 52.25 -11.45 -11.46
CA PRO A 145 52.12 -12.89 -11.27
C PRO A 145 51.08 -13.23 -10.21
N LEU A 146 50.71 -14.51 -10.12
CA LEU A 146 49.76 -14.97 -9.12
C LEU A 146 50.50 -15.45 -7.87
N THR A 147 49.97 -15.11 -6.70
CA THR A 147 50.60 -15.41 -5.43
C THR A 147 49.82 -16.41 -4.60
N ARG A 148 48.54 -16.16 -4.35
CA ARG A 148 47.74 -16.98 -3.46
C ARG A 148 47.29 -18.28 -4.16
N LYS A 149 46.50 -19.08 -3.45
CA LYS A 149 46.08 -20.38 -3.98
C LYS A 149 45.01 -20.24 -5.04
N GLY A 150 44.23 -19.16 -5.03
CA GLY A 150 43.19 -18.96 -6.02
C GLY A 150 42.95 -17.49 -6.33
N PHE A 151 41.92 -17.21 -7.11
CA PHE A 151 41.64 -15.83 -7.51
C PHE A 151 40.22 -15.73 -8.03
N TYR A 152 39.74 -14.50 -8.12
CA TYR A 152 38.44 -14.17 -8.66
C TYR A 152 38.59 -13.24 -9.86
N LEU A 153 37.50 -13.12 -10.63
CA LEU A 153 37.46 -12.19 -11.75
C LEU A 153 36.11 -11.48 -11.75
N ALA A 154 36.14 -10.18 -12.03
CA ALA A 154 34.95 -9.35 -11.98
C ALA A 154 34.91 -8.44 -13.20
N PHE A 155 33.71 -8.25 -13.75
CA PHE A 155 33.49 -7.36 -14.88
C PHE A 155 32.59 -6.21 -14.43
N GLN A 156 32.98 -4.99 -14.79
CA GLN A 156 32.26 -3.79 -14.39
C GLN A 156 31.77 -3.05 -15.62
N ASP A 157 30.51 -2.62 -15.59
CA ASP A 157 29.90 -1.86 -16.67
C ASP A 157 29.72 -0.42 -16.22
N ILE A 158 30.26 0.53 -16.99
CA ILE A 158 30.13 1.95 -16.68
C ILE A 158 28.88 2.55 -17.31
N GLY A 159 28.06 1.76 -17.98
CA GLY A 159 26.90 2.27 -18.68
C GLY A 159 26.95 1.94 -20.16
N ALA A 160 27.68 0.89 -20.52
CA ALA A 160 27.79 0.45 -21.90
C ALA A 160 26.78 -0.64 -22.20
N CYS A 161 26.61 -0.93 -23.48
CA CYS A 161 25.69 -1.97 -23.95
C CYS A 161 26.56 -3.09 -24.53
N VAL A 162 26.95 -4.03 -23.67
CA VAL A 162 27.90 -5.08 -24.01
C VAL A 162 27.25 -6.43 -23.75
N ALA A 163 27.45 -7.37 -24.68
CA ALA A 163 26.99 -8.74 -24.54
C ALA A 163 28.21 -9.65 -24.49
N LEU A 164 28.51 -10.18 -23.30
CA LEU A 164 29.66 -11.02 -23.08
C LEU A 164 29.29 -12.48 -23.34
N LEU A 165 29.95 -13.10 -24.32
CA LEU A 165 29.60 -14.46 -24.74
C LEU A 165 30.52 -15.51 -24.13
N SER A 166 31.83 -15.37 -24.31
CA SER A 166 32.80 -16.36 -23.85
C SER A 166 33.95 -15.68 -23.12
N VAL A 167 34.41 -16.31 -22.04
CA VAL A 167 35.57 -15.84 -21.29
C VAL A 167 36.51 -17.03 -21.11
N ARG A 168 37.75 -16.88 -21.57
CA ARG A 168 38.75 -17.93 -21.50
C ARG A 168 39.94 -17.46 -20.66
N VAL A 169 40.29 -18.26 -19.66
CA VAL A 169 41.43 -17.98 -18.77
C VAL A 169 42.38 -19.16 -18.84
N TYR A 170 43.64 -18.89 -19.15
CA TYR A 170 44.63 -19.94 -19.32
C TYR A 170 46.02 -19.36 -19.10
N TYR A 171 47.00 -20.24 -18.96
CA TYR A 171 48.40 -19.88 -18.88
C TYR A 171 49.19 -20.68 -19.91
N LYS A 172 50.21 -20.04 -20.48
CA LYS A 172 51.00 -20.65 -21.54
C LYS A 172 52.15 -21.44 -20.95
N LYS A 173 52.31 -22.68 -21.41
CA LYS A 173 53.38 -23.56 -20.97
C LYS A 173 54.35 -23.81 -22.12
N CYS A 174 55.63 -23.58 -21.87
CA CYS A 174 56.66 -23.87 -22.87
C CYS A 174 57.03 -25.34 -22.78
N PRO A 175 56.88 -26.12 -23.87
CA PRO A 175 57.17 -27.55 -23.79
C PRO A 175 58.65 -27.85 -23.66
N GLU A 176 58.99 -29.14 -23.60
CA GLU A 176 60.38 -29.54 -23.42
C GLU A 176 61.22 -29.13 -24.62
N LEU A 177 62.42 -28.62 -24.33
CA LEU A 177 63.35 -28.28 -25.39
C LEU A 177 63.95 -29.55 -26.00
N LEU A 178 64.34 -29.45 -27.27
CA LEU A 178 64.89 -30.58 -28.00
C LEU A 178 66.40 -30.41 -28.15
N GLN A 179 67.14 -31.50 -27.91
CA GLN A 179 68.58 -31.51 -28.09
C GLN A 179 68.90 -31.88 -29.54
N HIS A 180 69.92 -31.22 -30.08
CA HIS A 180 70.21 -31.31 -31.51
C HIS A 180 70.85 -32.63 -31.92
N HIS A 181 71.28 -33.46 -30.96
CA HIS A 181 71.88 -34.75 -31.26
C HIS A 181 70.85 -35.87 -31.30
N HIS A 182 69.58 -35.54 -31.56
CA HIS A 182 68.49 -36.52 -31.66
C HIS A 182 68.37 -37.36 -30.39
N HIS A 183 68.78 -36.81 -29.26
CA HIS A 183 68.72 -37.49 -27.96
C HIS A 183 69.40 -38.86 -28.00
N SER B 15 -2.28 -27.41 -18.07
CA SER B 15 -1.33 -27.08 -17.01
C SER B 15 -1.63 -25.71 -16.41
N ALA B 16 -0.86 -24.71 -16.84
CA ALA B 16 -0.98 -23.35 -16.34
C ALA B 16 -1.62 -22.45 -17.40
N THR B 17 -2.55 -21.61 -16.96
CA THR B 17 -3.20 -20.66 -17.84
C THR B 17 -2.84 -19.21 -17.51
N GLN B 18 -3.00 -18.79 -16.26
CA GLN B 18 -2.52 -17.50 -15.80
C GLN B 18 -1.27 -17.60 -14.94
N LEU B 19 -0.88 -18.81 -14.53
CA LEU B 19 0.32 -18.98 -13.71
C LEU B 19 1.60 -18.63 -14.45
N ILE B 20 1.54 -18.52 -15.78
CA ILE B 20 2.75 -18.24 -16.56
C ILE B 20 3.09 -16.75 -16.55
N ASN B 21 2.14 -15.89 -16.22
CA ASN B 21 2.37 -14.44 -16.20
C ASN B 21 1.91 -13.89 -14.86
N GLY B 22 2.85 -13.35 -14.09
CA GLY B 22 2.53 -12.64 -12.87
C GLY B 22 2.58 -11.14 -13.07
N ARG B 23 3.10 -10.73 -14.22
CA ARG B 23 3.24 -9.32 -14.56
C ARG B 23 1.88 -8.76 -14.98
N THR B 24 1.87 -7.50 -15.43
CA THR B 24 0.65 -6.84 -15.88
C THR B 24 0.70 -6.36 -17.31
N ASN B 25 1.87 -5.95 -17.81
CA ASN B 25 1.99 -5.40 -19.15
C ASN B 25 2.60 -6.44 -20.10
N LEU B 26 2.53 -6.11 -21.40
CA LEU B 26 3.22 -6.84 -22.45
C LEU B 26 3.98 -5.80 -23.27
N SER B 27 5.21 -5.51 -22.86
CA SER B 27 5.97 -4.41 -23.45
C SER B 27 6.35 -4.73 -24.90
N ILE B 28 6.19 -3.73 -25.77
CA ILE B 28 6.60 -3.83 -27.17
C ILE B 28 7.65 -2.74 -27.38
N GLU B 29 8.92 -3.13 -27.44
CA GLU B 29 10.02 -2.18 -27.54
C GLU B 29 10.40 -1.94 -28.99
N LEU B 30 10.42 -0.67 -29.39
CA LEU B 30 10.95 -0.27 -30.69
C LEU B 30 12.36 0.27 -30.47
N GLU B 31 13.35 -0.57 -30.75
CA GLU B 31 14.73 -0.28 -30.33
C GLU B 31 15.27 0.97 -31.00
N PHE B 32 15.10 1.08 -32.32
CA PHE B 32 15.75 2.15 -33.08
C PHE B 32 14.88 3.40 -33.21
N ASN B 33 13.79 3.50 -32.47
CA ASN B 33 13.03 4.74 -32.37
C ASN B 33 12.85 5.20 -30.93
N GLY B 34 13.11 4.36 -29.94
CA GLY B 34 12.99 4.74 -28.55
C GLY B 34 11.58 4.84 -28.02
N THR B 35 10.63 4.17 -28.65
CA THR B 35 9.24 4.19 -28.22
C THR B 35 8.81 2.78 -27.85
N SER B 36 7.87 2.69 -26.91
CA SER B 36 7.39 1.39 -26.44
C SER B 36 5.89 1.45 -26.22
N PHE B 37 5.22 0.36 -26.59
CA PHE B 37 3.79 0.19 -26.36
C PHE B 37 3.57 -0.93 -25.36
N PHE B 38 2.38 -0.94 -24.77
CA PHE B 38 2.04 -1.93 -23.75
C PHE B 38 0.63 -2.45 -23.98
N LEU B 39 0.40 -3.67 -23.52
CA LEU B 39 -0.91 -4.31 -23.57
C LEU B 39 -1.20 -4.93 -22.21
N ASN B 40 -2.32 -4.55 -21.61
CA ASN B 40 -2.70 -5.10 -20.32
C ASN B 40 -3.11 -6.56 -20.48
N TRP B 41 -2.49 -7.44 -19.68
CA TRP B 41 -2.77 -8.87 -19.80
C TRP B 41 -4.21 -9.19 -19.40
N GLN B 42 -4.69 -8.58 -18.31
CA GLN B 42 -6.08 -8.78 -17.91
C GLN B 42 -7.03 -8.27 -18.98
N ASN B 43 -6.74 -7.09 -19.54
CA ASN B 43 -7.58 -6.55 -20.61
C ASN B 43 -7.63 -7.45 -21.83
N LEU B 44 -6.62 -8.31 -22.02
CA LEU B 44 -6.64 -9.26 -23.12
C LEU B 44 -7.32 -10.58 -22.76
N LEU B 45 -7.42 -10.90 -21.47
CA LEU B 45 -7.98 -12.18 -21.06
C LEU B 45 -9.50 -12.16 -20.93
N ASN B 46 -10.06 -11.15 -20.28
CA ASN B 46 -11.50 -11.07 -20.09
C ASN B 46 -12.21 -10.30 -21.20
N VAL B 47 -11.51 -9.95 -22.27
CA VAL B 47 -12.12 -9.37 -23.46
C VAL B 47 -12.02 -10.31 -24.66
N ILE B 48 -10.80 -10.67 -25.04
CA ILE B 48 -10.56 -11.74 -25.99
C ILE B 48 -10.55 -13.06 -25.23
N THR B 49 -11.27 -14.06 -25.74
CA THR B 49 -11.35 -15.34 -25.07
C THR B 49 -9.95 -15.93 -24.88
N GLU B 50 -9.68 -16.41 -23.66
CA GLU B 50 -8.35 -16.94 -23.36
C GLU B 50 -7.94 -18.10 -24.26
N PRO B 51 -8.79 -19.10 -24.52
CA PRO B 51 -8.40 -20.12 -25.52
C PRO B 51 -8.34 -19.59 -26.94
N ALA B 52 -8.95 -18.43 -27.22
CA ALA B 52 -8.86 -17.85 -28.56
C ALA B 52 -7.54 -17.13 -28.79
N LEU B 53 -6.86 -16.70 -27.72
CA LEU B 53 -5.55 -16.07 -27.88
C LEU B 53 -4.49 -17.11 -28.25
N THR B 54 -4.56 -18.30 -27.64
CA THR B 54 -3.60 -19.35 -27.97
C THR B 54 -3.76 -19.81 -29.42
N GLU B 55 -4.99 -19.82 -29.94
CA GLU B 55 -5.18 -20.16 -31.34
C GLU B 55 -4.64 -19.06 -32.24
N LEU B 56 -4.81 -17.79 -31.85
CA LEU B 56 -4.23 -16.69 -32.59
C LEU B 56 -2.71 -16.76 -32.58
N TRP B 57 -2.12 -17.23 -31.48
CA TRP B 57 -0.67 -17.34 -31.42
C TRP B 57 -0.16 -18.50 -32.27
N THR B 58 -0.82 -19.66 -32.19
CA THR B 58 -0.40 -20.81 -32.98
C THR B 58 -0.64 -20.59 -34.47
N SER B 59 -1.71 -19.90 -34.83
CA SER B 59 -2.00 -19.66 -36.24
C SER B 59 -1.02 -18.68 -36.86
N ALA B 60 -0.44 -17.79 -36.05
CA ALA B 60 0.47 -16.79 -36.59
C ALA B 60 1.73 -17.42 -37.16
N GLU B 61 2.21 -18.48 -36.52
CA GLU B 61 3.47 -19.13 -36.90
C GLU B 61 4.60 -18.10 -36.94
N VAL B 62 4.85 -17.48 -35.78
CA VAL B 62 5.81 -16.40 -35.68
C VAL B 62 7.25 -16.90 -35.83
N ALA B 63 7.47 -18.20 -35.70
CA ALA B 63 8.80 -18.78 -35.88
C ALA B 63 9.04 -19.27 -37.30
N GLU B 64 8.13 -18.95 -38.23
CA GLU B 64 8.28 -19.37 -39.61
C GLU B 64 9.45 -18.63 -40.27
N ASP B 65 10.30 -19.38 -40.97
CA ASP B 65 11.45 -18.78 -41.64
C ASP B 65 10.98 -17.84 -42.74
N LEU B 66 11.73 -16.74 -42.93
CA LEU B 66 11.36 -15.76 -43.95
C LEU B 66 11.50 -16.32 -45.37
N ARG B 67 12.20 -17.44 -45.54
CA ARG B 67 12.27 -18.06 -46.86
C ARG B 67 10.90 -18.56 -47.32
N VAL B 68 10.05 -18.98 -46.38
CA VAL B 68 8.73 -19.50 -46.72
C VAL B 68 7.75 -18.37 -46.97
N THR B 69 7.80 -17.31 -46.15
CA THR B 69 6.89 -16.19 -46.33
C THR B 69 7.13 -15.47 -47.65
N LEU B 70 8.38 -15.44 -48.12
CA LEU B 70 8.66 -14.87 -49.42
C LEU B 70 8.08 -15.74 -50.54
N LYS B 71 8.16 -17.06 -50.38
CA LYS B 71 7.60 -17.96 -51.38
C LYS B 71 6.08 -17.86 -51.42
N LYS B 72 5.45 -17.49 -50.30
CA LYS B 72 4.01 -17.30 -50.29
C LYS B 72 3.62 -16.05 -51.09
N ARG B 73 4.38 -14.97 -50.95
CA ARG B 73 4.10 -13.78 -51.74
C ARG B 73 4.41 -14.00 -53.22
N GLN B 74 5.36 -14.89 -53.53
CA GLN B 74 5.66 -15.23 -54.91
C GLN B 74 4.60 -16.13 -55.52
N SER B 75 3.64 -16.62 -54.75
CA SER B 75 2.57 -17.46 -55.25
C SER B 75 1.26 -16.69 -55.46
N LEU B 76 1.03 -15.63 -54.70
CA LEU B 76 -0.18 -14.84 -54.85
C LEU B 76 -0.10 -13.95 -56.07
N PHE B 77 -1.24 -13.39 -56.46
CA PHE B 77 -1.36 -12.48 -57.59
C PHE B 77 -1.81 -11.12 -57.08
N PHE B 78 -0.94 -10.13 -57.22
CA PHE B 78 -1.25 -8.78 -56.77
C PHE B 78 -1.66 -7.89 -57.93
N PRO B 79 -2.68 -7.05 -57.75
CA PRO B 79 -3.06 -6.12 -58.82
C PRO B 79 -2.03 -5.03 -59.01
N ASN B 80 -2.15 -4.30 -60.12
CA ASN B 80 -1.23 -3.21 -60.40
C ASN B 80 -1.35 -2.10 -59.35
N LYS B 81 -2.56 -1.61 -59.13
CA LYS B 81 -2.82 -0.57 -58.15
C LYS B 81 -4.32 -0.47 -57.93
N THR B 82 -4.70 0.07 -56.77
CA THR B 82 -6.10 0.28 -56.44
C THR B 82 -6.74 1.26 -57.42
N VAL B 83 -8.04 1.09 -57.63
CA VAL B 83 -8.82 1.74 -58.69
C VAL B 83 -9.93 2.57 -58.04
N VAL B 84 -9.67 3.06 -56.83
CA VAL B 84 -10.64 3.75 -56.00
C VAL B 84 -11.41 4.79 -56.81
N ILE B 85 -12.72 4.82 -56.61
CA ILE B 85 -13.67 5.52 -57.47
C ILE B 85 -14.43 6.54 -56.64
N SER B 86 -15.34 7.29 -57.28
CA SER B 86 -15.93 8.48 -56.65
C SER B 86 -16.46 8.19 -55.25
N GLY B 87 -17.38 7.24 -55.13
CA GLY B 87 -17.78 6.78 -53.81
C GLY B 87 -19.27 6.73 -53.56
N ASP B 88 -19.67 5.91 -52.58
CA ASP B 88 -21.01 5.82 -51.99
C ASP B 88 -21.99 5.10 -52.89
N GLY B 89 -21.58 4.71 -54.10
CA GLY B 89 -22.37 3.91 -55.03
C GLY B 89 -23.83 4.26 -55.15
N HIS B 90 -24.67 3.23 -55.22
CA HIS B 90 -26.11 3.35 -55.13
C HIS B 90 -26.55 2.91 -53.75
N ARG B 91 -27.38 3.72 -53.09
CA ARG B 91 -27.79 3.41 -51.72
C ARG B 91 -28.81 2.29 -51.74
N TYR B 92 -28.43 1.14 -51.18
CA TYR B 92 -29.34 0.00 -51.04
C TYR B 92 -30.22 0.20 -49.81
N THR B 93 -30.92 1.32 -49.79
CA THR B 93 -31.71 1.75 -48.65
C THR B 93 -33.17 1.91 -49.02
N CYS B 94 -34.03 1.70 -48.03
CA CYS B 94 -35.44 2.07 -48.15
C CYS B 94 -35.91 2.50 -46.76
N GLU B 95 -35.91 3.80 -46.53
CA GLU B 95 -36.38 4.34 -45.26
C GLU B 95 -37.90 4.40 -45.25
N VAL B 96 -38.47 4.32 -44.04
CA VAL B 96 -39.91 4.54 -43.90
C VAL B 96 -40.25 5.94 -44.43
N PRO B 97 -41.29 6.09 -45.25
CA PRO B 97 -41.54 7.39 -45.89
C PRO B 97 -41.80 8.49 -44.88
N THR B 98 -41.78 9.74 -45.37
CA THR B 98 -41.94 10.91 -44.50
C THR B 98 -43.25 10.84 -43.72
N SER B 99 -44.33 10.41 -44.37
CA SER B 99 -45.60 10.17 -43.68
C SER B 99 -45.52 8.80 -43.01
N SER B 100 -44.73 8.74 -41.94
CA SER B 100 -44.33 7.50 -41.32
C SER B 100 -45.25 7.12 -40.17
N GLN B 101 -45.09 5.86 -39.73
CA GLN B 101 -45.64 5.41 -38.46
C GLN B 101 -44.66 4.36 -37.93
N THR B 102 -43.76 4.79 -37.07
CA THR B 102 -42.70 3.93 -36.55
C THR B 102 -43.15 3.25 -35.27
N TYR B 103 -42.60 2.06 -35.04
CA TYR B 103 -42.95 1.23 -33.88
C TYR B 103 -41.67 0.70 -33.26
N ASN B 104 -41.29 1.27 -32.11
CA ASN B 104 -40.14 0.77 -31.36
C ASN B 104 -40.55 -0.52 -30.67
N ILE B 105 -40.26 -1.65 -31.31
CA ILE B 105 -40.69 -2.95 -30.82
C ILE B 105 -39.67 -3.48 -29.83
N THR B 106 -40.17 -4.08 -28.75
CA THR B 106 -39.37 -4.63 -27.67
C THR B 106 -40.06 -5.92 -27.24
N LYS B 107 -39.64 -6.48 -26.09
CA LYS B 107 -40.20 -7.70 -25.55
C LYS B 107 -41.65 -7.55 -25.12
N GLY B 108 -42.23 -6.35 -25.28
CA GLY B 108 -43.61 -6.10 -24.90
C GLY B 108 -44.64 -6.86 -25.71
N PHE B 109 -44.29 -7.29 -26.91
CA PHE B 109 -45.17 -8.13 -27.74
C PHE B 109 -46.51 -7.46 -28.01
N ASN B 110 -46.43 -6.32 -28.70
CA ASN B 110 -47.58 -5.48 -29.02
C ASN B 110 -48.09 -5.74 -30.45
N TYR B 111 -47.95 -6.98 -30.92
CA TYR B 111 -48.25 -7.32 -32.32
C TYR B 111 -49.71 -7.09 -32.69
N SER B 112 -50.61 -7.04 -31.70
CA SER B 112 -52.01 -6.76 -31.98
C SER B 112 -52.30 -5.28 -32.17
N ALA B 113 -51.30 -4.42 -31.98
CA ALA B 113 -51.44 -2.97 -32.12
C ALA B 113 -50.74 -2.44 -33.37
N LEU B 114 -50.65 -3.25 -34.42
CA LEU B 114 -50.00 -2.82 -35.65
C LEU B 114 -51.04 -2.49 -36.71
N PRO B 115 -50.90 -1.37 -37.42
CA PRO B 115 -51.96 -0.92 -38.32
C PRO B 115 -51.91 -1.56 -39.70
N GLY B 116 -53.09 -1.63 -40.31
CA GLY B 116 -53.27 -2.08 -41.68
C GLY B 116 -52.85 -3.53 -41.91
N HIS B 117 -52.75 -3.86 -43.20
CA HIS B 117 -52.32 -5.19 -43.61
C HIS B 117 -51.34 -5.14 -44.78
N LEU B 118 -50.70 -4.00 -45.01
CA LEU B 118 -49.75 -3.83 -46.11
C LEU B 118 -48.35 -3.49 -45.64
N GLY B 119 -48.09 -3.46 -44.34
CA GLY B 119 -46.77 -3.18 -43.83
C GLY B 119 -46.24 -1.80 -44.17
N GLY B 120 -47.12 -0.80 -44.26
CA GLY B 120 -46.69 0.56 -44.52
C GLY B 120 -46.09 1.28 -43.33
N PHE B 121 -45.79 0.56 -42.26
CA PHE B 121 -45.21 1.13 -41.05
C PHE B 121 -43.73 0.75 -40.97
N GLY B 122 -43.10 1.15 -39.86
CA GLY B 122 -41.69 0.92 -39.65
C GLY B 122 -41.41 -0.09 -38.54
N ILE B 123 -40.15 -0.50 -38.47
CA ILE B 123 -39.69 -1.46 -37.48
C ILE B 123 -38.19 -1.30 -37.35
N ASN B 124 -37.68 -1.49 -36.13
CA ASN B 124 -36.27 -1.22 -35.87
C ASN B 124 -35.38 -2.18 -36.65
N ALA B 125 -34.21 -1.69 -37.06
CA ALA B 125 -33.31 -2.49 -37.87
C ALA B 125 -32.43 -3.42 -37.05
N ARG B 126 -32.17 -3.08 -35.78
CA ARG B 126 -31.33 -3.92 -34.94
C ARG B 126 -31.95 -5.29 -34.71
N LEU B 127 -33.28 -5.39 -34.77
CA LEU B 127 -33.93 -6.68 -34.64
C LEU B 127 -33.97 -7.43 -35.96
N VAL B 128 -34.00 -6.71 -37.09
CA VAL B 128 -33.95 -7.36 -38.38
C VAL B 128 -32.56 -7.93 -38.64
N LEU B 129 -31.53 -7.14 -38.39
CA LEU B 129 -30.15 -7.62 -38.55
C LEU B 129 -29.86 -8.77 -37.60
N GLY B 130 -30.36 -8.69 -36.37
CA GLY B 130 -30.20 -9.77 -35.42
C GLY B 130 -30.85 -11.08 -35.87
N ASP B 131 -31.81 -11.00 -36.79
CA ASP B 131 -32.44 -12.18 -37.34
C ASP B 131 -31.76 -12.65 -38.62
N ILE B 132 -31.15 -11.73 -39.38
CA ILE B 132 -30.37 -12.12 -40.55
C ILE B 132 -29.14 -12.92 -40.13
N PHE B 133 -28.29 -12.31 -39.32
CA PHE B 133 -27.08 -12.95 -38.81
C PHE B 133 -27.37 -13.41 -37.39
N ALA B 134 -27.81 -14.65 -37.25
CA ALA B 134 -28.18 -15.22 -35.96
C ALA B 134 -27.54 -16.59 -35.72
N SER B 135 -26.33 -16.79 -36.25
CA SER B 135 -25.65 -18.07 -36.09
C SER B 135 -24.15 -17.84 -36.10
N LYS B 136 -23.47 -18.23 -35.02
CA LYS B 136 -22.02 -18.15 -34.98
C LYS B 136 -21.40 -19.24 -35.86
N TRP B 137 -20.40 -18.85 -36.65
CA TRP B 137 -19.70 -19.77 -37.53
C TRP B 137 -18.20 -19.62 -37.29
N SER B 138 -17.55 -20.71 -36.87
CA SER B 138 -16.11 -20.69 -36.68
C SER B 138 -15.43 -20.73 -38.05
N LEU B 139 -15.08 -19.56 -38.58
CA LEU B 139 -14.49 -19.44 -39.89
C LEU B 139 -12.96 -19.48 -39.82
N PHE B 140 -12.35 -19.79 -40.95
CA PHE B 140 -10.89 -19.74 -41.12
C PHE B 140 -10.17 -20.65 -40.13
N ALA B 141 -10.80 -21.76 -39.74
CA ALA B 141 -10.17 -22.70 -38.84
C ALA B 141 -9.07 -23.48 -39.55
N ARG B 142 -8.33 -24.26 -38.78
CA ARG B 142 -7.23 -25.04 -39.33
C ARG B 142 -7.76 -26.15 -40.23
N ASP B 143 -6.85 -26.78 -40.97
CA ASP B 143 -7.14 -27.84 -41.92
C ASP B 143 -8.07 -27.38 -43.04
N THR B 144 -8.19 -26.07 -43.23
CA THR B 144 -8.97 -25.45 -44.28
C THR B 144 -8.09 -24.52 -45.11
N PRO B 145 -8.38 -24.37 -46.41
CA PRO B 145 -7.54 -23.51 -47.25
C PRO B 145 -7.58 -22.04 -46.85
N GLU B 146 -8.53 -21.62 -46.01
CA GLU B 146 -8.55 -20.26 -45.52
C GLU B 146 -7.63 -20.06 -44.32
N TYR B 147 -7.04 -21.13 -43.79
CA TYR B 147 -6.14 -21.02 -42.65
C TYR B 147 -4.80 -20.41 -43.04
N ARG B 148 -4.47 -20.38 -44.33
CA ARG B 148 -3.18 -19.85 -44.76
C ARG B 148 -3.17 -18.34 -44.89
N VAL B 149 -4.33 -17.71 -45.09
CA VAL B 149 -4.38 -16.28 -45.36
C VAL B 149 -5.07 -15.52 -44.24
N PHE B 150 -5.98 -16.19 -43.52
CA PHE B 150 -6.80 -15.53 -42.51
C PHE B 150 -6.55 -16.17 -41.15
N TYR B 151 -6.44 -15.32 -40.12
CA TYR B 151 -6.48 -15.81 -38.75
C TYR B 151 -7.87 -16.35 -38.44
N PRO B 152 -7.98 -17.41 -37.63
CA PRO B 152 -9.30 -17.97 -37.33
C PRO B 152 -10.20 -16.95 -36.64
N MET B 153 -11.45 -16.91 -37.09
CA MET B 153 -12.41 -15.91 -36.62
C MET B 153 -13.77 -16.55 -36.45
N ASN B 154 -14.55 -16.04 -35.49
CA ASN B 154 -15.91 -16.50 -35.24
C ASN B 154 -16.86 -15.34 -35.50
N VAL B 155 -17.63 -15.44 -36.58
CA VAL B 155 -18.54 -14.39 -37.01
C VAL B 155 -19.97 -14.94 -37.00
N MET B 156 -20.91 -14.08 -36.65
CA MET B 156 -22.33 -14.38 -36.81
C MET B 156 -22.77 -13.89 -38.18
N ALA B 157 -23.19 -14.80 -39.04
CA ALA B 157 -23.47 -14.48 -40.43
C ALA B 157 -24.23 -15.62 -41.08
N VAL B 158 -24.57 -15.44 -42.36
CA VAL B 158 -25.24 -16.45 -43.17
C VAL B 158 -24.20 -17.13 -44.05
N LYS B 159 -24.25 -18.45 -44.13
CA LYS B 159 -23.27 -19.23 -44.88
C LYS B 159 -23.89 -19.80 -46.14
N PHE B 160 -23.17 -19.69 -47.26
CA PHE B 160 -23.55 -20.28 -48.53
C PHE B 160 -22.54 -21.35 -48.91
N SER B 161 -22.98 -22.33 -49.69
CA SER B 161 -22.09 -23.44 -50.06
C SER B 161 -22.64 -24.15 -51.29
N ILE B 162 -21.74 -24.48 -52.21
CA ILE B 162 -22.06 -25.27 -53.40
C ILE B 162 -20.96 -26.29 -53.60
N SER B 163 -21.34 -27.46 -54.11
CA SER B 163 -20.38 -28.50 -54.47
C SER B 163 -20.80 -29.13 -55.80
N ILE B 164 -19.90 -29.14 -56.77
CA ILE B 164 -20.14 -29.71 -58.08
C ILE B 164 -18.96 -30.59 -58.47
N GLY B 165 -19.24 -31.72 -59.09
CA GLY B 165 -18.22 -32.65 -59.53
C GLY B 165 -18.58 -34.07 -59.19
N ASN B 166 -17.71 -34.98 -59.63
CA ASN B 166 -17.88 -36.40 -59.40
C ASN B 166 -17.31 -36.76 -58.02
N ASN B 167 -17.25 -38.07 -57.72
CA ASN B 167 -16.61 -38.54 -56.51
C ASN B 167 -15.09 -38.63 -56.65
N GLU B 168 -14.55 -38.41 -57.85
CA GLU B 168 -13.11 -38.36 -58.05
C GLU B 168 -12.58 -36.94 -57.99
N SER B 169 -13.15 -36.05 -58.81
CA SER B 169 -12.78 -34.64 -58.83
C SER B 169 -14.00 -33.78 -58.53
N GLY B 170 -13.76 -32.66 -57.85
CA GLY B 170 -14.85 -31.77 -57.49
C GLY B 170 -14.37 -30.34 -57.32
N VAL B 171 -15.33 -29.45 -57.14
CA VAL B 171 -15.07 -28.04 -56.82
C VAL B 171 -15.96 -27.64 -55.66
N ALA B 172 -15.39 -26.94 -54.68
CA ALA B 172 -16.11 -26.53 -53.49
C ALA B 172 -16.25 -25.01 -53.50
N LEU B 173 -17.47 -24.53 -53.76
CA LEU B 173 -17.81 -23.12 -53.64
C LEU B 173 -18.56 -22.91 -52.34
N TYR B 174 -17.98 -22.13 -51.43
CA TYR B 174 -18.63 -21.87 -50.14
C TYR B 174 -18.23 -20.48 -49.68
N GLY B 175 -19.19 -19.78 -49.05
CA GLY B 175 -18.97 -18.42 -48.62
C GLY B 175 -19.80 -18.07 -47.40
N VAL B 176 -19.63 -16.84 -46.95
CA VAL B 176 -20.27 -16.34 -45.72
C VAL B 176 -20.56 -14.86 -45.91
N VAL B 177 -21.78 -14.44 -45.57
CA VAL B 177 -22.21 -13.05 -45.72
C VAL B 177 -22.40 -12.48 -44.31
N SER B 178 -21.47 -11.66 -43.87
CA SER B 178 -21.56 -10.94 -42.61
C SER B 178 -22.07 -9.52 -42.85
N GLU B 179 -22.38 -8.83 -41.76
CA GLU B 179 -22.83 -7.45 -41.85
C GLU B 179 -21.68 -6.47 -42.06
N ASP B 180 -20.44 -6.95 -42.08
CA ASP B 180 -19.29 -6.12 -42.37
C ASP B 180 -18.50 -6.56 -43.61
N PHE B 181 -18.54 -7.84 -43.96
CA PHE B 181 -17.78 -8.35 -45.10
C PHE B 181 -18.43 -9.63 -45.59
N VAL B 182 -18.04 -10.04 -46.80
CA VAL B 182 -18.47 -11.31 -47.38
C VAL B 182 -17.26 -11.99 -47.99
N VAL B 183 -17.07 -13.26 -47.67
CA VAL B 183 -15.96 -14.07 -48.18
C VAL B 183 -16.54 -15.16 -49.08
N VAL B 184 -15.81 -15.47 -50.16
CA VAL B 184 -16.13 -16.59 -51.04
C VAL B 184 -14.85 -17.36 -51.30
N THR B 185 -14.99 -18.67 -51.51
CA THR B 185 -13.84 -19.55 -51.68
C THR B 185 -14.06 -20.50 -52.84
N LEU B 186 -12.96 -20.86 -53.51
CA LEU B 186 -12.97 -21.69 -54.71
C LEU B 186 -12.01 -22.88 -54.53
N HIS B 187 -12.10 -23.54 -53.38
CA HIS B 187 -11.20 -24.66 -53.09
C HIS B 187 -11.33 -25.75 -54.14
N ASN B 188 -10.20 -26.37 -54.47
CA ASN B 188 -10.10 -27.38 -55.52
C ASN B 188 -10.08 -28.76 -54.87
N ARG B 189 -11.18 -29.49 -54.97
CA ARG B 189 -11.28 -30.84 -54.41
C ARG B 189 -10.96 -31.85 -55.52
N SER B 190 -9.74 -32.39 -55.50
CA SER B 190 -9.29 -33.34 -56.50
C SER B 190 -8.95 -34.67 -55.82
N LYS B 191 -8.79 -35.72 -56.63
CA LYS B 191 -8.26 -36.96 -56.06
C LYS B 191 -6.73 -36.93 -56.04
N GLU B 192 -6.20 -35.88 -55.45
CA GLU B 192 -4.81 -35.71 -55.06
C GLU B 192 -4.76 -34.46 -54.19
N ALA B 193 -3.56 -34.06 -53.77
CA ALA B 193 -3.39 -32.87 -52.96
C ALA B 193 -3.01 -31.69 -53.85
N ASN B 194 -3.94 -30.76 -54.03
CA ASN B 194 -3.61 -29.39 -54.47
C ASN B 194 -4.46 -28.46 -53.61
N GLU B 195 -3.89 -28.02 -52.49
CA GLU B 195 -4.57 -27.17 -51.53
C GLU B 195 -4.24 -25.70 -51.76
N THR B 196 -4.77 -25.16 -52.86
CA THR B 196 -4.66 -23.72 -53.13
C THR B 196 -6.02 -23.22 -53.57
N ALA B 197 -6.60 -22.31 -52.79
CA ALA B 197 -7.93 -21.79 -53.03
C ALA B 197 -7.89 -20.33 -53.49
N SER B 198 -8.96 -19.91 -54.14
CA SER B 198 -9.16 -18.53 -54.57
C SER B 198 -10.22 -17.88 -53.68
N HIS B 199 -9.90 -16.72 -53.13
CA HIS B 199 -10.77 -16.01 -52.21
C HIS B 199 -11.14 -14.64 -52.75
N LEU B 200 -12.40 -14.27 -52.59
CA LEU B 200 -12.92 -12.97 -52.98
C LEU B 200 -13.53 -12.28 -51.76
N LEU B 201 -13.22 -11.01 -51.58
CA LEU B 201 -13.69 -10.25 -50.44
C LEU B 201 -14.46 -9.01 -50.88
N PHE B 202 -15.37 -8.56 -50.03
CA PHE B 202 -16.16 -7.36 -50.30
C PHE B 202 -16.77 -6.90 -48.99
N GLY B 203 -16.63 -5.62 -48.70
CA GLY B 203 -17.21 -5.05 -47.49
C GLY B 203 -16.39 -3.87 -47.01
N LEU B 204 -16.53 -3.59 -45.73
CA LEU B 204 -15.82 -2.47 -45.12
C LEU B 204 -14.32 -2.76 -45.07
N PRO B 205 -13.47 -1.86 -45.55
CA PRO B 205 -12.03 -2.17 -45.57
C PRO B 205 -11.43 -2.32 -44.17
N ASP B 206 -11.88 -1.51 -43.21
CA ASP B 206 -11.37 -1.61 -41.85
C ASP B 206 -12.02 -2.73 -41.04
N SER B 207 -13.02 -3.41 -41.61
CA SER B 207 -13.69 -4.51 -40.92
C SER B 207 -13.44 -5.86 -41.59
N LEU B 208 -12.62 -5.91 -42.63
CA LEU B 208 -12.29 -7.17 -43.28
C LEU B 208 -11.53 -8.09 -42.33
N PRO B 209 -11.60 -9.40 -42.54
CA PRO B 209 -10.85 -10.33 -41.68
C PRO B 209 -9.35 -10.11 -41.79
N SER B 210 -8.69 -10.05 -40.64
CA SER B 210 -7.26 -9.74 -40.60
C SER B 210 -6.47 -10.82 -41.32
N LEU B 211 -5.55 -10.39 -42.18
CA LEU B 211 -4.76 -11.30 -42.99
C LEU B 211 -3.57 -11.83 -42.21
N LYS B 212 -2.84 -12.75 -42.83
CA LYS B 212 -1.65 -13.35 -42.22
C LYS B 212 -0.47 -12.39 -42.40
N GLY B 213 0.73 -12.87 -42.07
CA GLY B 213 1.92 -12.04 -42.12
C GLY B 213 2.47 -11.79 -43.50
N HIS B 214 2.03 -12.54 -44.51
CA HIS B 214 2.58 -12.44 -45.85
C HIS B 214 1.66 -11.70 -46.83
N ALA B 215 0.70 -10.94 -46.31
CA ALA B 215 -0.19 -10.18 -47.18
C ALA B 215 -0.86 -9.07 -46.39
N THR B 216 -1.19 -7.98 -47.10
CA THR B 216 -1.98 -6.89 -46.55
C THR B 216 -3.07 -6.53 -47.55
N TYR B 217 -4.08 -5.80 -47.06
CA TYR B 217 -5.22 -5.45 -47.89
C TYR B 217 -4.89 -4.34 -48.88
N ASP B 218 -3.95 -3.45 -48.54
CA ASP B 218 -3.57 -2.40 -49.47
C ASP B 218 -2.91 -2.96 -50.73
N GLU B 219 -2.25 -4.12 -50.60
CA GLU B 219 -1.62 -4.76 -51.75
C GLU B 219 -2.62 -5.56 -52.60
N LEU B 220 -3.76 -5.94 -52.02
CA LEU B 220 -4.69 -6.85 -52.68
C LEU B 220 -6.04 -6.25 -53.00
N THR B 221 -6.29 -5.00 -52.61
CA THR B 221 -7.57 -4.37 -52.92
C THR B 221 -7.62 -3.99 -54.39
N PHE B 222 -8.68 -4.41 -55.08
CA PHE B 222 -8.83 -4.16 -56.51
C PHE B 222 -9.64 -2.91 -56.83
N ALA B 223 -10.63 -2.57 -56.00
CA ALA B 223 -11.46 -1.41 -56.23
C ALA B 223 -12.03 -0.95 -54.90
N ARG B 224 -12.36 0.34 -54.82
CA ARG B 224 -12.87 0.91 -53.58
C ARG B 224 -13.76 2.10 -53.87
N ASN B 225 -14.79 2.24 -53.04
CA ASN B 225 -15.63 3.44 -53.04
C ASN B 225 -15.69 3.98 -51.62
N ALA B 226 -16.54 4.98 -51.36
CA ALA B 226 -16.57 5.63 -50.06
C ALA B 226 -16.92 4.67 -48.93
N LYS B 227 -17.56 3.54 -49.22
CA LYS B 227 -17.92 2.60 -48.17
C LYS B 227 -17.20 1.26 -48.29
N TYR B 228 -17.22 0.62 -49.45
CA TYR B 228 -16.80 -0.77 -49.59
C TYR B 228 -15.58 -0.89 -50.50
N ALA B 229 -14.92 -2.04 -50.41
CA ALA B 229 -13.74 -2.35 -51.20
C ALA B 229 -13.93 -3.71 -51.87
N LEU B 230 -12.93 -4.12 -52.65
CA LEU B 230 -12.96 -5.37 -53.40
C LEU B 230 -11.58 -6.00 -53.36
N VAL B 231 -11.46 -7.14 -52.66
CA VAL B 231 -10.19 -7.85 -52.52
C VAL B 231 -10.34 -9.24 -53.14
N ALA B 232 -9.27 -9.71 -53.78
CA ALA B 232 -9.24 -11.04 -54.38
C ALA B 232 -7.88 -11.66 -54.10
N ILE B 233 -7.85 -12.61 -53.16
CA ILE B 233 -6.63 -13.34 -52.82
C ILE B 233 -6.65 -14.63 -53.63
N LEU B 234 -6.07 -14.59 -54.82
CA LEU B 234 -5.99 -15.78 -55.66
C LEU B 234 -4.55 -16.03 -56.08
N PRO B 235 -4.14 -17.29 -56.19
CA PRO B 235 -2.75 -17.59 -56.57
C PRO B 235 -2.51 -17.35 -58.05
N LYS B 236 -1.23 -17.38 -58.42
CA LYS B 236 -0.84 -17.19 -59.81
C LYS B 236 -1.18 -18.40 -60.67
N ASP B 237 -1.40 -19.57 -60.06
CA ASP B 237 -1.77 -20.78 -60.77
C ASP B 237 -3.26 -21.10 -60.63
N SER B 238 -4.08 -20.07 -60.38
CA SER B 238 -5.51 -20.24 -60.24
C SER B 238 -6.15 -20.35 -61.62
N TYR B 239 -7.48 -20.36 -61.66
CA TYR B 239 -8.19 -20.45 -62.93
C TYR B 239 -7.88 -19.24 -63.80
N GLN B 240 -7.57 -19.50 -65.07
CA GLN B 240 -7.12 -18.43 -65.95
C GLN B 240 -8.21 -17.39 -66.20
N THR B 241 -9.47 -17.79 -66.10
CA THR B 241 -10.57 -16.84 -66.24
C THR B 241 -10.72 -15.92 -65.03
N LEU B 242 -10.02 -16.21 -63.93
CA LEU B 242 -10.05 -15.34 -62.76
C LEU B 242 -8.95 -14.29 -62.79
N LEU B 243 -7.73 -14.70 -63.18
CA LEU B 243 -6.64 -13.74 -63.26
C LEU B 243 -6.87 -12.74 -64.38
N THR B 244 -7.37 -13.21 -65.52
CA THR B 244 -7.69 -12.33 -66.65
C THR B 244 -9.16 -11.91 -66.60
N GLU B 245 -9.52 -11.26 -65.49
CA GLU B 245 -10.87 -10.78 -65.27
C GLU B 245 -10.82 -9.34 -64.78
N ASN B 246 -11.66 -8.49 -65.38
CA ASN B 246 -11.72 -7.08 -64.99
C ASN B 246 -12.61 -6.98 -63.75
N TYR B 247 -11.97 -6.92 -62.58
CA TYR B 247 -12.72 -6.82 -61.33
C TYR B 247 -13.23 -5.41 -61.08
N THR B 248 -12.62 -4.39 -61.69
CA THR B 248 -13.10 -3.02 -61.52
C THR B 248 -14.46 -2.85 -62.17
N ARG B 249 -14.70 -3.52 -63.31
CA ARG B 249 -16.01 -3.47 -63.94
C ARG B 249 -17.06 -4.19 -63.10
N ILE B 250 -16.69 -5.31 -62.48
CA ILE B 250 -17.61 -6.02 -61.61
C ILE B 250 -17.95 -5.18 -60.39
N PHE B 251 -16.96 -4.47 -59.85
CA PHE B 251 -17.20 -3.62 -58.68
C PHE B 251 -18.15 -2.48 -59.02
N LEU B 252 -18.16 -2.02 -60.27
CA LEU B 252 -19.04 -0.93 -60.65
C LEU B 252 -20.47 -1.41 -60.91
N ASN B 253 -20.62 -2.54 -61.61
CA ASN B 253 -21.96 -3.05 -61.88
C ASN B 253 -22.66 -3.48 -60.60
N MET B 254 -21.89 -3.84 -59.56
CA MET B 254 -22.52 -4.22 -58.30
C MET B 254 -22.88 -3.02 -57.45
N THR B 255 -22.07 -1.96 -57.48
CA THR B 255 -22.25 -0.85 -56.56
C THR B 255 -23.18 0.24 -57.10
N GLU B 256 -23.11 0.55 -58.39
CA GLU B 256 -23.89 1.66 -58.94
C GLU B 256 -25.24 1.22 -59.50
N SER B 257 -25.51 -0.08 -59.58
CA SER B 257 -26.78 -0.56 -60.10
C SER B 257 -27.87 -0.44 -59.04
N THR B 258 -29.09 -0.22 -59.49
CA THR B 258 -30.24 -0.20 -58.61
C THR B 258 -30.48 -1.61 -58.05
N PRO B 259 -31.14 -1.72 -56.89
CA PRO B 259 -31.39 -3.06 -56.32
C PRO B 259 -32.09 -4.01 -57.26
N LEU B 260 -32.97 -3.52 -58.13
CA LEU B 260 -33.65 -4.40 -59.08
C LEU B 260 -32.77 -4.77 -60.26
N GLU B 261 -31.87 -3.86 -60.69
CA GLU B 261 -30.95 -4.20 -61.77
C GLU B 261 -30.00 -5.32 -61.35
N PHE B 262 -29.59 -5.35 -60.09
CA PHE B 262 -28.68 -6.39 -59.62
C PHE B 262 -29.37 -7.75 -59.59
N THR B 263 -30.60 -7.79 -59.06
CA THR B 263 -31.33 -9.04 -58.98
C THR B 263 -31.71 -9.58 -60.36
N ARG B 264 -31.70 -8.73 -61.39
CA ARG B 264 -32.00 -9.18 -62.74
C ARG B 264 -30.75 -9.51 -63.54
N THR B 265 -29.63 -8.84 -63.26
CA THR B 265 -28.38 -9.20 -63.92
C THR B 265 -27.87 -10.55 -63.43
N ILE B 266 -27.93 -10.79 -62.12
CA ILE B 266 -27.54 -12.10 -61.59
C ILE B 266 -28.46 -13.19 -62.12
N GLN B 267 -29.74 -12.86 -62.31
CA GLN B 267 -30.69 -13.83 -62.85
C GLN B 267 -30.27 -14.27 -64.25
N THR B 268 -29.91 -13.32 -65.12
CA THR B 268 -29.50 -13.67 -66.47
C THR B 268 -28.19 -14.44 -66.48
N ARG B 269 -27.36 -14.25 -65.45
CA ARG B 269 -26.14 -15.05 -65.35
C ARG B 269 -26.47 -16.52 -65.11
N ILE B 270 -27.36 -16.79 -64.16
CA ILE B 270 -27.75 -18.17 -63.86
C ILE B 270 -28.45 -18.80 -65.05
N VAL B 271 -29.27 -18.03 -65.76
CA VAL B 271 -29.93 -18.53 -66.96
C VAL B 271 -28.89 -18.84 -68.04
N SER B 272 -27.84 -18.03 -68.14
CA SER B 272 -26.78 -18.30 -69.11
C SER B 272 -25.99 -19.54 -68.73
N ILE B 273 -25.77 -19.76 -67.43
CA ILE B 273 -25.13 -20.98 -66.98
C ILE B 273 -26.04 -22.18 -67.23
N GLU B 274 -27.36 -21.98 -67.11
CA GLU B 274 -28.30 -23.05 -67.40
C GLU B 274 -28.49 -23.25 -68.90
N ALA B 275 -28.32 -22.20 -69.69
CA ALA B 275 -28.39 -22.32 -71.14
C ALA B 275 -27.45 -23.42 -71.64
N ARG B 276 -26.16 -23.28 -71.36
CA ARG B 276 -25.24 -24.39 -71.55
C ARG B 276 -25.43 -25.42 -70.45
N ARG B 277 -24.85 -26.60 -70.65
CA ARG B 277 -24.91 -27.66 -69.64
C ARG B 277 -23.74 -27.53 -68.67
N ALA B 278 -23.69 -26.39 -67.99
CA ALA B 278 -22.60 -26.07 -67.06
C ALA B 278 -23.07 -25.96 -65.62
N CYS B 279 -24.31 -26.33 -65.32
CA CYS B 279 -24.78 -26.27 -63.93
C CYS B 279 -24.03 -27.25 -63.05
N ALA B 280 -23.77 -28.45 -63.55
CA ALA B 280 -23.04 -29.48 -62.81
C ALA B 280 -21.67 -29.78 -63.43
N ALA B 281 -21.19 -28.93 -64.32
CA ALA B 281 -19.89 -29.11 -64.95
C ALA B 281 -18.84 -28.35 -64.15
N GLN B 282 -17.86 -29.07 -63.61
CA GLN B 282 -16.81 -28.46 -62.82
C GLN B 282 -15.79 -27.69 -63.65
N GLU B 283 -15.85 -27.80 -64.99
CA GLU B 283 -14.94 -27.03 -65.82
C GLU B 283 -15.25 -25.54 -65.74
N ALA B 284 -16.52 -25.17 -65.84
CA ALA B 284 -16.92 -23.78 -65.66
C ALA B 284 -17.25 -23.49 -64.20
N ALA B 285 -16.28 -23.79 -63.32
CA ALA B 285 -16.41 -23.51 -61.90
C ALA B 285 -16.19 -22.03 -61.57
N PRO B 286 -15.16 -21.37 -62.12
CA PRO B 286 -15.00 -19.93 -61.82
C PRO B 286 -16.15 -19.08 -62.32
N ASP B 287 -16.86 -19.50 -63.37
CA ASP B 287 -18.04 -18.78 -63.81
C ASP B 287 -19.12 -18.80 -62.73
N ILE B 288 -19.35 -19.97 -62.13
CA ILE B 288 -20.28 -20.07 -61.00
C ILE B 288 -19.72 -19.32 -59.80
N PHE B 289 -18.41 -19.37 -59.61
CA PHE B 289 -17.78 -18.69 -58.48
C PHE B 289 -18.00 -17.18 -58.55
N LEU B 290 -18.04 -16.62 -59.75
CA LEU B 290 -18.31 -15.18 -59.88
C LEU B 290 -19.78 -14.87 -59.65
N VAL B 291 -20.68 -15.74 -60.13
CA VAL B 291 -22.10 -15.54 -59.92
C VAL B 291 -22.44 -15.68 -58.43
N LEU B 292 -21.87 -16.69 -57.77
CA LEU B 292 -22.05 -16.83 -56.33
C LEU B 292 -21.52 -15.62 -55.58
N PHE B 293 -20.44 -15.01 -56.07
CA PHE B 293 -19.92 -13.81 -55.45
C PHE B 293 -20.89 -12.64 -55.60
N GLN B 294 -21.48 -12.48 -56.79
CA GLN B 294 -22.45 -11.41 -57.01
C GLN B 294 -23.71 -11.64 -56.19
N MET B 295 -24.15 -12.89 -56.09
CA MET B 295 -25.33 -13.20 -55.27
C MET B 295 -25.08 -12.88 -53.81
N LEU B 296 -23.88 -13.20 -53.31
CA LEU B 296 -23.57 -12.92 -51.92
C LEU B 296 -23.41 -11.44 -51.65
N VAL B 297 -22.99 -10.67 -52.65
CA VAL B 297 -22.94 -9.21 -52.51
C VAL B 297 -24.35 -8.64 -52.48
N ALA B 298 -25.26 -9.17 -53.29
CA ALA B 298 -26.64 -8.70 -53.30
C ALA B 298 -27.28 -8.85 -51.93
N HIS B 299 -27.02 -9.97 -51.25
CA HIS B 299 -27.49 -10.14 -49.88
C HIS B 299 -26.80 -9.15 -48.94
N PHE B 300 -25.50 -8.93 -49.15
CA PHE B 300 -24.75 -8.03 -48.28
C PHE B 300 -25.25 -6.60 -48.40
N LEU B 301 -25.44 -6.11 -49.63
CA LEU B 301 -25.87 -4.74 -49.82
C LEU B 301 -27.25 -4.48 -49.23
N VAL B 302 -28.15 -5.44 -49.36
CA VAL B 302 -29.48 -5.31 -48.76
C VAL B 302 -29.37 -5.28 -47.25
N ALA B 303 -28.64 -6.23 -46.66
CA ALA B 303 -28.47 -6.26 -45.21
C ALA B 303 -27.69 -5.05 -44.72
N ARG B 304 -26.69 -4.60 -45.49
CA ARG B 304 -25.94 -3.41 -45.09
C ARG B 304 -26.82 -2.17 -45.10
N GLY B 305 -27.65 -2.01 -46.14
CA GLY B 305 -28.55 -0.87 -46.21
C GLY B 305 -29.58 -0.83 -45.10
N ILE B 306 -29.90 -1.98 -44.50
CA ILE B 306 -30.82 -1.99 -43.37
C ILE B 306 -30.16 -1.38 -42.14
N ALA B 307 -28.86 -1.63 -41.96
CA ALA B 307 -28.15 -1.09 -40.81
C ALA B 307 -27.96 0.42 -40.90
N GLU B 308 -28.04 1.00 -42.10
CA GLU B 308 -27.86 2.43 -42.28
C GLU B 308 -29.06 3.25 -41.87
N HIS B 309 -30.07 2.64 -41.24
CA HIS B 309 -31.25 3.34 -40.79
C HIS B 309 -31.65 2.84 -39.41
N ARG B 310 -32.30 3.71 -38.64
CA ARG B 310 -32.82 3.32 -37.34
C ARG B 310 -34.01 2.38 -37.50
N PHE B 311 -34.95 2.72 -38.37
CA PHE B 311 -36.11 1.89 -38.64
C PHE B 311 -36.22 1.65 -40.14
N VAL B 312 -36.84 0.52 -40.51
CA VAL B 312 -37.04 0.15 -41.90
C VAL B 312 -38.51 -0.20 -42.11
N GLU B 313 -38.94 -0.10 -43.37
CA GLU B 313 -40.31 -0.41 -43.73
C GLU B 313 -40.46 -1.91 -43.94
N VAL B 314 -41.53 -2.48 -43.36
CA VAL B 314 -41.76 -3.92 -43.46
C VAL B 314 -42.03 -4.33 -44.90
N ASP B 315 -42.70 -3.47 -45.68
CA ASP B 315 -43.03 -3.81 -47.05
C ASP B 315 -41.77 -3.97 -47.90
N CYS B 316 -40.84 -3.02 -47.79
CA CYS B 316 -39.63 -3.08 -48.61
C CYS B 316 -38.80 -4.31 -48.28
N VAL B 317 -38.56 -4.55 -46.98
CA VAL B 317 -37.71 -5.68 -46.58
C VAL B 317 -38.33 -7.00 -47.01
N CYS B 318 -39.66 -7.14 -46.87
CA CYS B 318 -40.31 -8.36 -47.29
C CYS B 318 -40.26 -8.53 -48.81
N ARG B 319 -40.27 -7.44 -49.57
CA ARG B 319 -40.14 -7.53 -51.02
C ARG B 319 -38.69 -7.60 -51.47
N GLN B 320 -37.76 -7.07 -50.67
CA GLN B 320 -36.34 -7.27 -50.97
C GLN B 320 -35.89 -8.69 -50.64
N TYR B 321 -36.46 -9.28 -49.60
CA TYR B 321 -36.20 -10.69 -49.31
C TYR B 321 -36.69 -11.58 -50.44
N ALA B 322 -37.87 -11.30 -50.97
CA ALA B 322 -38.43 -12.10 -52.06
C ALA B 322 -37.54 -12.06 -53.29
N GLU B 323 -36.87 -10.93 -53.54
CA GLU B 323 -35.92 -10.86 -54.64
C GLU B 323 -34.72 -11.76 -54.39
N LEU B 324 -34.17 -11.70 -53.17
CA LEU B 324 -33.05 -12.57 -52.84
C LEU B 324 -33.48 -14.02 -52.72
N TYR B 325 -34.66 -14.27 -52.14
CA TYR B 325 -35.14 -15.65 -52.02
C TYR B 325 -35.41 -16.26 -53.38
N PHE B 326 -35.76 -15.45 -54.38
CA PHE B 326 -35.94 -15.98 -55.73
C PHE B 326 -34.59 -16.35 -56.34
N LEU B 327 -33.55 -15.57 -56.06
CA LEU B 327 -32.22 -15.89 -56.58
C LEU B 327 -31.66 -17.15 -55.92
N ARG B 328 -31.96 -17.35 -54.64
CA ARG B 328 -31.46 -18.55 -53.96
C ARG B 328 -32.19 -19.80 -54.40
N ARG B 329 -33.49 -19.68 -54.70
CA ARG B 329 -34.24 -20.86 -55.12
C ARG B 329 -34.08 -21.14 -56.62
N ILE B 330 -33.77 -20.11 -57.41
CA ILE B 330 -33.47 -20.36 -58.82
C ILE B 330 -32.09 -20.97 -59.01
N SER B 331 -31.18 -20.78 -58.04
CA SER B 331 -29.88 -21.42 -58.10
C SER B 331 -29.95 -22.86 -57.61
N ARG B 332 -30.79 -23.12 -56.61
CA ARG B 332 -30.95 -24.47 -56.08
C ARG B 332 -31.52 -25.43 -57.10
N LEU B 333 -32.25 -24.92 -58.10
CA LEU B 333 -32.75 -25.78 -59.17
C LEU B 333 -31.67 -26.11 -60.19
N CYS B 334 -30.77 -25.16 -60.46
CA CYS B 334 -29.64 -25.42 -61.34
C CYS B 334 -28.55 -26.22 -60.64
N MET B 335 -28.25 -25.88 -59.39
CA MET B 335 -27.25 -26.57 -58.59
C MET B 335 -27.92 -27.11 -57.33
N PRO B 336 -28.32 -28.39 -57.31
CA PRO B 336 -29.06 -28.91 -56.15
C PRO B 336 -28.29 -28.86 -54.84
N THR B 337 -26.97 -28.74 -54.88
CA THR B 337 -26.17 -28.67 -53.67
C THR B 337 -26.10 -27.27 -53.07
N PHE B 338 -26.88 -26.32 -53.60
CA PHE B 338 -26.90 -24.97 -53.07
C PHE B 338 -27.54 -24.96 -51.69
N THR B 339 -26.84 -24.44 -50.69
CA THR B 339 -27.30 -24.46 -49.31
C THR B 339 -27.05 -23.12 -48.65
N THR B 340 -28.09 -22.56 -48.03
CA THR B 340 -28.00 -21.32 -47.27
C THR B 340 -28.47 -21.59 -45.85
N VAL B 341 -27.61 -21.31 -44.87
CA VAL B 341 -27.92 -21.51 -43.46
C VAL B 341 -27.52 -20.26 -42.68
N GLY B 342 -28.25 -19.97 -41.61
CA GLY B 342 -27.85 -18.93 -40.68
C GLY B 342 -28.92 -17.93 -40.30
N TYR B 343 -29.84 -17.62 -41.22
CA TYR B 343 -30.87 -16.62 -40.94
C TYR B 343 -32.07 -17.26 -40.27
N ASN B 344 -32.60 -16.58 -39.25
CA ASN B 344 -33.81 -16.98 -38.55
C ASN B 344 -34.68 -15.73 -38.42
N HIS B 345 -35.54 -15.51 -39.41
CA HIS B 345 -36.43 -14.35 -39.45
C HIS B 345 -37.63 -14.59 -38.54
N THR B 346 -37.41 -14.38 -37.24
CA THR B 346 -38.48 -14.56 -36.28
C THR B 346 -39.29 -13.29 -36.02
N THR B 347 -38.68 -12.12 -36.20
CA THR B 347 -39.40 -10.87 -35.97
C THR B 347 -40.37 -10.57 -37.11
N LEU B 348 -39.84 -10.51 -38.34
CA LEU B 348 -40.70 -10.27 -39.51
C LEU B 348 -41.69 -11.42 -39.71
N GLY B 349 -41.31 -12.64 -39.33
CA GLY B 349 -42.24 -13.74 -39.40
C GLY B 349 -43.42 -13.59 -38.45
N ALA B 350 -43.22 -12.89 -37.34
CA ALA B 350 -44.28 -12.61 -36.39
C ALA B 350 -45.06 -11.35 -36.75
N VAL B 351 -44.40 -10.35 -37.33
CA VAL B 351 -45.09 -9.14 -37.74
C VAL B 351 -46.06 -9.45 -38.88
N ALA B 352 -45.61 -10.22 -39.88
CA ALA B 352 -46.48 -10.58 -40.99
C ALA B 352 -47.57 -11.57 -40.57
N ALA B 353 -47.40 -12.26 -39.44
CA ALA B 353 -48.44 -13.15 -38.95
C ALA B 353 -49.71 -12.38 -38.60
N THR B 354 -49.56 -11.14 -38.11
CA THR B 354 -50.71 -10.30 -37.83
C THR B 354 -51.18 -9.50 -39.04
N GLN B 355 -50.26 -9.14 -39.94
CA GLN B 355 -50.61 -8.42 -41.15
C GLN B 355 -51.36 -9.27 -42.16
N ILE B 356 -51.39 -10.59 -41.98
CA ILE B 356 -52.04 -11.49 -42.92
C ILE B 356 -53.37 -11.94 -42.36
N ALA B 357 -53.47 -12.03 -41.03
CA ALA B 357 -54.72 -12.44 -40.40
C ALA B 357 -55.86 -11.46 -40.69
N ARG B 358 -55.54 -10.21 -41.03
CA ARG B 358 -56.57 -9.24 -41.40
C ARG B 358 -57.03 -9.38 -42.85
N VAL B 359 -56.30 -10.14 -43.67
CA VAL B 359 -56.59 -10.29 -45.08
C VAL B 359 -57.44 -11.54 -45.25
N SER B 360 -58.75 -11.37 -45.36
CA SER B 360 -59.65 -12.48 -45.61
C SER B 360 -59.59 -12.90 -47.08
N ALA B 361 -60.16 -14.06 -47.37
CA ALA B 361 -60.19 -14.57 -48.74
C ALA B 361 -60.96 -13.64 -49.65
N THR B 362 -62.14 -13.18 -49.20
CA THR B 362 -62.95 -12.28 -50.01
C THR B 362 -62.34 -10.89 -50.11
N LYS B 363 -61.51 -10.50 -49.15
CA LYS B 363 -60.90 -9.18 -49.12
C LYS B 363 -59.49 -9.16 -49.70
N LEU B 364 -58.98 -10.31 -50.15
CA LEU B 364 -57.67 -10.36 -50.79
C LEU B 364 -57.74 -10.09 -52.29
N ALA B 365 -58.76 -10.63 -52.96
CA ALA B 365 -58.90 -10.42 -54.40
C ALA B 365 -59.33 -8.99 -54.71
N SER B 366 -59.83 -8.24 -53.73
CA SER B 366 -60.20 -6.84 -53.96
C SER B 366 -58.99 -5.94 -54.09
N LEU B 367 -57.84 -6.36 -53.56
CA LEU B 367 -56.64 -5.53 -53.62
C LEU B 367 -56.10 -5.48 -55.05
N PRO B 368 -55.44 -4.39 -55.41
CA PRO B 368 -54.86 -4.27 -56.77
C PRO B 368 -53.59 -5.08 -56.89
N ARG B 369 -52.96 -4.97 -58.07
CA ARG B 369 -51.77 -5.78 -58.37
C ARG B 369 -50.64 -5.50 -57.39
N SER B 370 -50.39 -4.22 -57.10
CA SER B 370 -49.29 -3.88 -56.20
C SER B 370 -49.58 -4.31 -54.78
N SER B 371 -50.81 -4.13 -54.31
CA SER B 371 -51.16 -4.53 -52.95
C SER B 371 -51.16 -6.05 -52.80
N GLN B 372 -51.57 -6.77 -53.84
CA GLN B 372 -51.48 -8.24 -53.80
C GLN B 372 -50.04 -8.70 -53.77
N GLU B 373 -49.14 -7.97 -54.44
CA GLU B 373 -47.71 -8.30 -54.38
C GLU B 373 -47.18 -8.13 -52.97
N THR B 374 -47.56 -7.04 -52.29
CA THR B 374 -47.11 -6.83 -50.92
C THR B 374 -47.61 -7.92 -49.99
N VAL B 375 -48.87 -8.34 -50.16
CA VAL B 375 -49.43 -9.39 -49.31
C VAL B 375 -48.69 -10.71 -49.54
N LEU B 376 -48.56 -11.11 -50.80
CA LEU B 376 -47.90 -12.38 -51.11
C LEU B 376 -46.41 -12.34 -50.77
N ALA B 377 -45.79 -11.16 -50.79
CA ALA B 377 -44.40 -11.06 -50.39
C ALA B 377 -44.22 -11.34 -48.90
N MET B 378 -45.27 -11.13 -48.11
CA MET B 378 -45.22 -11.42 -46.69
C MET B 378 -45.59 -12.86 -46.37
N VAL B 379 -46.40 -13.50 -47.23
CA VAL B 379 -46.72 -14.91 -47.03
C VAL B 379 -45.48 -15.77 -47.24
N GLN B 380 -44.56 -15.31 -48.09
CA GLN B 380 -43.37 -16.11 -48.41
C GLN B 380 -42.48 -16.30 -47.19
N LEU B 381 -42.48 -15.36 -46.25
CA LEU B 381 -41.66 -15.50 -45.06
C LEU B 381 -42.11 -16.68 -44.21
N GLY B 382 -43.41 -16.95 -44.17
CA GLY B 382 -43.93 -18.09 -43.44
C GLY B 382 -44.08 -19.32 -44.32
N ALA B 383 -44.10 -19.12 -45.64
CA ALA B 383 -44.29 -20.22 -46.56
C ALA B 383 -43.00 -20.95 -46.90
N ARG B 384 -41.83 -20.32 -46.67
CA ARG B 384 -40.57 -21.01 -46.96
C ARG B 384 -40.38 -22.25 -46.09
N ASP B 385 -41.08 -22.34 -44.95
CA ASP B 385 -41.25 -23.60 -44.24
C ASP B 385 -42.64 -24.18 -44.46
N GLY B 386 -43.59 -23.32 -44.80
CA GLY B 386 -44.97 -23.64 -45.12
C GLY B 386 -45.86 -23.31 -43.95
N ALA B 387 -46.56 -22.17 -44.03
CA ALA B 387 -47.53 -21.80 -43.01
C ALA B 387 -48.82 -21.22 -43.59
N VAL B 388 -49.10 -21.45 -44.87
CA VAL B 388 -50.15 -20.74 -45.57
C VAL B 388 -51.50 -20.98 -44.89
N PRO B 389 -52.11 -19.95 -44.32
CA PRO B 389 -53.42 -20.13 -43.69
C PRO B 389 -54.51 -20.31 -44.74
N SER B 390 -55.64 -20.87 -44.28
CA SER B 390 -56.75 -21.11 -45.21
C SER B 390 -57.34 -19.82 -45.75
N SER B 391 -57.23 -18.72 -44.98
CA SER B 391 -57.73 -17.44 -45.46
C SER B 391 -56.95 -16.93 -46.67
N ILE B 392 -55.72 -17.39 -46.86
CA ILE B 392 -54.92 -16.97 -48.01
C ILE B 392 -55.07 -17.95 -49.17
N LEU B 393 -55.08 -19.25 -48.88
CA LEU B 393 -55.27 -20.24 -49.93
C LEU B 393 -56.59 -20.03 -50.65
N GLU B 394 -57.68 -19.80 -49.89
CA GLU B 394 -58.95 -19.45 -50.51
C GLU B 394 -58.89 -18.08 -51.17
N GLY B 395 -58.04 -17.19 -50.66
CA GLY B 395 -57.87 -15.90 -51.31
C GLY B 395 -57.16 -16.01 -52.64
N ILE B 396 -56.12 -16.85 -52.71
CA ILE B 396 -55.44 -17.11 -53.97
C ILE B 396 -56.38 -17.72 -54.98
N ALA B 397 -57.35 -18.51 -54.51
CA ALA B 397 -58.33 -19.10 -55.42
C ALA B 397 -59.17 -18.04 -56.10
N MET B 398 -59.51 -16.96 -55.38
CA MET B 398 -60.30 -15.90 -55.97
C MET B 398 -59.46 -15.01 -56.89
N VAL B 399 -58.19 -14.76 -56.52
CA VAL B 399 -57.33 -13.94 -57.37
C VAL B 399 -57.10 -14.61 -58.71
N VAL B 400 -56.96 -15.94 -58.72
CA VAL B 400 -56.79 -16.66 -59.97
C VAL B 400 -58.13 -16.75 -60.71
N GLU B 401 -59.23 -16.92 -59.97
CA GLU B 401 -60.54 -16.98 -60.59
C GLU B 401 -60.87 -15.67 -61.29
N HIS B 402 -60.62 -14.54 -60.63
CA HIS B 402 -60.81 -13.25 -61.29
C HIS B 402 -59.83 -13.07 -62.45
N MET B 403 -58.60 -13.57 -62.29
CA MET B 403 -57.62 -13.47 -63.36
C MET B 403 -57.98 -14.36 -64.55
N TYR B 404 -58.68 -15.46 -64.29
CA TYR B 404 -59.05 -16.37 -65.38
C TYR B 404 -60.31 -15.90 -66.10
N THR B 405 -61.29 -15.37 -65.36
CA THR B 405 -62.49 -14.86 -66.00
C THR B 405 -62.18 -13.66 -66.89
N ALA B 406 -61.29 -12.79 -66.44
CA ALA B 406 -60.84 -11.67 -67.28
C ALA B 406 -59.93 -12.14 -68.41
N TYR B 407 -59.28 -13.29 -68.25
CA TYR B 407 -58.42 -13.81 -69.32
C TYR B 407 -59.21 -14.20 -70.55
N THR B 408 -60.45 -14.68 -70.37
CA THR B 408 -61.24 -15.16 -71.50
C THR B 408 -61.72 -14.04 -72.41
N TYR B 409 -61.54 -12.78 -72.03
CA TYR B 409 -61.90 -11.67 -72.91
C TYR B 409 -60.85 -11.47 -74.00
N VAL B 410 -59.57 -11.53 -73.66
CA VAL B 410 -58.50 -11.28 -74.61
C VAL B 410 -57.67 -12.51 -74.91
N TYR B 411 -57.67 -13.52 -74.03
CA TYR B 411 -56.84 -14.72 -74.17
C TYR B 411 -55.36 -14.38 -74.20
N THR B 412 -54.97 -13.35 -73.44
CA THR B 412 -53.56 -12.96 -73.31
C THR B 412 -53.29 -12.60 -71.85
N LEU B 413 -52.04 -12.81 -71.43
CA LEU B 413 -51.60 -12.47 -70.10
C LEU B 413 -50.48 -11.43 -70.18
N GLY B 414 -50.58 -10.38 -69.37
CA GLY B 414 -49.60 -9.33 -69.35
C GLY B 414 -48.46 -9.61 -68.39
N ASP B 415 -47.51 -8.67 -68.35
CA ASP B 415 -46.35 -8.81 -67.48
C ASP B 415 -46.76 -8.79 -66.02
N THR B 416 -47.72 -7.94 -65.65
CA THR B 416 -48.16 -7.86 -64.27
C THR B 416 -48.94 -9.09 -63.83
N GLU B 417 -49.54 -9.82 -64.78
CA GLU B 417 -50.25 -11.05 -64.42
C GLU B 417 -49.29 -12.23 -64.28
N ARG B 418 -48.26 -12.29 -65.13
CA ARG B 418 -47.31 -13.38 -65.05
C ARG B 418 -46.45 -13.30 -63.79
N LYS B 419 -46.15 -12.08 -63.34
CA LYS B 419 -45.45 -11.92 -62.06
C LYS B 419 -46.30 -12.42 -60.90
N LEU B 420 -47.61 -12.15 -60.96
CA LEU B 420 -48.52 -12.65 -59.93
C LEU B 420 -48.48 -14.18 -59.86
N MET B 421 -48.51 -14.84 -61.02
CA MET B 421 -48.46 -16.30 -61.04
C MET B 421 -47.11 -16.81 -60.55
N LEU B 422 -46.05 -16.02 -60.72
CA LEU B 422 -44.76 -16.42 -60.18
C LEU B 422 -44.75 -16.32 -58.65
N ASP B 423 -45.31 -15.25 -58.10
CA ASP B 423 -45.40 -15.12 -56.65
C ASP B 423 -46.33 -16.19 -56.08
N ILE B 424 -47.43 -16.49 -56.77
CA ILE B 424 -48.29 -17.59 -56.34
C ILE B 424 -47.56 -18.91 -56.45
N HIS B 425 -46.70 -19.06 -57.47
CA HIS B 425 -45.91 -20.27 -57.61
C HIS B 425 -44.96 -20.45 -56.43
N THR B 426 -44.25 -19.39 -56.05
CA THR B 426 -43.32 -19.46 -54.92
C THR B 426 -44.03 -19.56 -53.58
N VAL B 427 -45.35 -19.63 -53.55
CA VAL B 427 -46.13 -19.78 -52.33
C VAL B 427 -46.75 -21.18 -52.24
N LEU B 428 -47.37 -21.65 -53.33
CA LEU B 428 -48.01 -22.95 -53.30
C LEU B 428 -46.99 -24.08 -53.37
N THR B 429 -45.90 -23.89 -54.12
CA THR B 429 -44.87 -24.92 -54.19
C THR B 429 -44.19 -25.12 -52.84
N ASP B 430 -43.98 -24.04 -52.09
CA ASP B 430 -43.47 -24.13 -50.72
C ASP B 430 -44.65 -24.05 -49.77
N SER B 431 -45.32 -25.19 -49.60
CA SER B 431 -46.50 -25.25 -48.73
C SER B 431 -46.85 -26.69 -48.42
N CYS B 432 -47.11 -26.99 -47.15
CA CYS B 432 -47.63 -28.29 -46.77
C CYS B 432 -49.07 -28.43 -47.28
N PRO B 433 -49.51 -29.66 -47.57
CA PRO B 433 -50.87 -29.85 -48.07
C PRO B 433 -51.89 -29.38 -47.05
N PRO B 434 -53.00 -28.78 -47.52
CA PRO B 434 -53.99 -28.26 -46.57
C PRO B 434 -54.68 -29.36 -45.80
N LYS B 435 -54.95 -29.08 -44.51
CA LYS B 435 -55.61 -30.06 -43.66
C LYS B 435 -57.08 -30.21 -44.03
N ASP B 436 -57.80 -29.09 -44.11
CA ASP B 436 -59.23 -29.12 -44.42
C ASP B 436 -59.44 -29.60 -45.85
N SER B 437 -60.31 -30.60 -46.01
CA SER B 437 -60.62 -31.13 -47.34
C SER B 437 -61.33 -30.11 -48.21
N GLY B 438 -62.07 -29.18 -47.60
CA GLY B 438 -62.75 -28.16 -48.37
C GLY B 438 -61.81 -27.14 -48.98
N VAL B 439 -60.66 -26.90 -48.32
CA VAL B 439 -59.66 -26.00 -48.88
C VAL B 439 -58.91 -26.66 -50.02
N SER B 440 -58.64 -27.96 -49.89
CA SER B 440 -57.92 -28.68 -50.95
C SER B 440 -58.71 -28.72 -52.24
N GLU B 441 -60.04 -28.85 -52.15
CA GLU B 441 -60.87 -28.87 -53.35
C GLU B 441 -60.86 -27.53 -54.06
N LYS B 442 -60.75 -26.43 -53.30
CA LYS B 442 -60.67 -25.11 -53.92
C LYS B 442 -59.30 -24.86 -54.53
N LEU B 443 -58.25 -25.53 -54.05
CA LEU B 443 -56.93 -25.38 -54.64
C LEU B 443 -56.82 -26.17 -55.95
N LEU B 444 -57.45 -27.34 -56.02
CA LEU B 444 -57.46 -28.09 -57.26
C LEU B 444 -58.23 -27.35 -58.36
N ARG B 445 -59.16 -26.48 -57.97
CA ARG B 445 -59.85 -25.66 -58.95
C ARG B 445 -58.91 -24.62 -59.57
N THR B 446 -57.97 -24.10 -58.77
CA THR B 446 -56.99 -23.15 -59.31
C THR B 446 -56.00 -23.85 -60.23
N TYR B 447 -55.55 -25.05 -59.85
CA TYR B 447 -54.69 -25.84 -60.73
C TYR B 447 -55.39 -26.17 -62.04
N LEU B 448 -56.69 -26.47 -61.97
CA LEU B 448 -57.47 -26.69 -63.19
C LEU B 448 -57.71 -25.39 -63.95
N MET B 449 -57.55 -24.24 -63.29
CA MET B 449 -57.71 -22.96 -63.98
C MET B 449 -56.42 -22.56 -64.70
N PHE B 450 -55.27 -22.74 -64.05
CA PHE B 450 -54.01 -22.51 -64.75
C PHE B 450 -53.85 -23.43 -65.95
N THR B 451 -54.39 -24.66 -65.87
CA THR B 451 -54.44 -25.53 -67.03
C THR B 451 -55.31 -24.94 -68.13
N SER B 452 -56.39 -24.24 -67.75
CA SER B 452 -57.26 -23.62 -68.74
C SER B 452 -56.54 -22.53 -69.51
N MET B 453 -55.73 -21.72 -68.82
CA MET B 453 -54.93 -20.69 -69.47
C MET B 453 -53.71 -21.26 -70.18
N CYS B 454 -53.45 -22.56 -70.04
CA CYS B 454 -52.34 -23.21 -70.71
C CYS B 454 -52.82 -23.82 -72.02
N THR B 455 -53.05 -22.94 -72.99
CA THR B 455 -53.55 -23.32 -74.30
C THR B 455 -52.40 -23.65 -75.25
N ASN B 456 -52.74 -24.08 -76.46
CA ASN B 456 -51.72 -24.36 -77.47
C ASN B 456 -50.97 -23.09 -77.86
N ILE B 457 -51.66 -21.95 -77.89
CA ILE B 457 -50.99 -20.68 -78.16
C ILE B 457 -49.97 -20.38 -77.06
N GLU B 458 -50.30 -20.73 -75.82
CA GLU B 458 -49.40 -20.43 -74.71
C GLU B 458 -48.21 -21.37 -74.69
N LEU B 459 -48.37 -22.62 -75.14
CA LEU B 459 -47.24 -23.54 -75.19
C LEU B 459 -46.13 -23.03 -76.09
N GLY B 460 -46.43 -22.85 -77.38
CA GLY B 460 -45.44 -22.32 -78.30
C GLY B 460 -44.94 -20.94 -77.92
N GLU B 461 -45.75 -20.17 -77.20
CA GLU B 461 -45.33 -18.85 -76.76
C GLU B 461 -44.21 -18.93 -75.72
N MET B 462 -44.39 -19.80 -74.71
CA MET B 462 -43.39 -19.93 -73.67
C MET B 462 -42.23 -20.83 -74.09
N ILE B 463 -42.47 -21.78 -75.01
CA ILE B 463 -41.40 -22.63 -75.50
C ILE B 463 -40.39 -21.81 -76.30
N ALA B 464 -40.89 -20.93 -77.18
CA ALA B 464 -40.00 -20.04 -77.92
C ALA B 464 -39.39 -19.00 -77.01
N ARG B 465 -40.12 -18.53 -76.00
CA ARG B 465 -39.59 -17.53 -75.09
C ARG B 465 -38.52 -18.11 -74.18
N PHE B 466 -38.67 -19.37 -73.78
CA PHE B 466 -37.64 -20.04 -72.99
C PHE B 466 -36.52 -20.63 -73.85
N SER B 467 -36.57 -20.41 -75.16
CA SER B 467 -35.50 -20.83 -76.06
C SER B 467 -34.48 -19.74 -76.30
N LYS B 468 -34.62 -18.59 -75.65
CA LYS B 468 -33.72 -17.45 -75.80
C LYS B 468 -33.21 -17.06 -74.42
N PRO B 469 -32.25 -17.82 -73.88
CA PRO B 469 -31.76 -17.54 -72.51
C PRO B 469 -31.02 -16.22 -72.38
N ASP B 470 -30.70 -15.54 -73.48
CA ASP B 470 -29.99 -14.27 -73.38
C ASP B 470 -30.91 -13.17 -72.88
N SER B 471 -32.14 -13.12 -73.38
CA SER B 471 -33.12 -12.12 -72.97
C SER B 471 -34.23 -12.70 -72.09
N LEU B 472 -33.97 -13.84 -71.46
CA LEU B 472 -34.98 -14.49 -70.63
C LEU B 472 -35.17 -13.72 -69.33
N ASN B 473 -36.42 -13.42 -68.99
CA ASN B 473 -36.78 -12.76 -67.74
C ASN B 473 -37.96 -13.51 -67.16
N ILE B 474 -37.69 -14.41 -66.20
CA ILE B 474 -38.75 -15.24 -65.62
C ILE B 474 -39.81 -14.38 -64.94
N TYR B 475 -39.42 -13.20 -64.44
CA TYR B 475 -40.39 -12.27 -63.88
C TYR B 475 -41.43 -11.84 -64.92
N ARG B 476 -41.05 -11.85 -66.19
CA ARG B 476 -41.95 -11.48 -67.28
C ARG B 476 -42.23 -12.62 -68.24
N ALA B 477 -41.62 -13.78 -68.05
CA ALA B 477 -41.79 -14.91 -68.96
C ALA B 477 -42.48 -16.10 -68.28
N PHE B 478 -42.99 -15.92 -67.06
CA PHE B 478 -43.63 -17.02 -66.35
C PHE B 478 -44.95 -17.36 -67.00
N SER B 479 -45.06 -18.58 -67.52
CA SER B 479 -46.28 -19.07 -68.17
C SER B 479 -47.22 -19.67 -67.14
N PRO B 480 -48.53 -19.59 -67.38
CA PRO B 480 -49.49 -20.26 -66.47
C PRO B 480 -49.41 -21.77 -66.51
N CYS B 481 -48.69 -22.35 -67.48
CA CYS B 481 -48.53 -23.80 -67.54
C CYS B 481 -47.73 -24.35 -66.38
N PHE B 482 -46.89 -23.52 -65.74
CA PHE B 482 -46.04 -24.00 -64.65
C PHE B 482 -46.85 -24.36 -63.41
N LEU B 483 -48.09 -23.89 -63.31
CA LEU B 483 -48.99 -24.27 -62.24
C LEU B 483 -50.15 -25.13 -62.71
N GLY B 484 -50.20 -25.46 -64.01
CA GLY B 484 -51.27 -26.27 -64.54
C GLY B 484 -50.97 -27.76 -64.48
N LEU B 485 -52.03 -28.55 -64.67
CA LEU B 485 -51.95 -30.00 -64.60
C LEU B 485 -51.80 -30.63 -65.98
N ARG B 486 -51.20 -29.92 -66.92
CA ARG B 486 -50.91 -30.43 -68.25
C ARG B 486 -49.46 -30.88 -68.31
N TYR B 487 -49.21 -31.98 -69.03
CA TYR B 487 -47.90 -32.62 -69.02
C TYR B 487 -47.18 -32.64 -70.36
N ASP B 488 -47.86 -32.42 -71.47
CA ASP B 488 -47.20 -32.46 -72.78
C ASP B 488 -46.55 -31.12 -73.13
N LEU B 489 -45.70 -30.63 -72.23
CA LEU B 489 -44.98 -29.39 -72.46
C LEU B 489 -43.63 -29.60 -73.14
N HIS B 490 -43.00 -30.75 -72.91
CA HIS B 490 -41.70 -31.03 -73.52
C HIS B 490 -41.85 -31.21 -75.02
N PRO B 491 -40.99 -30.61 -75.83
CA PRO B 491 -41.08 -30.83 -77.29
C PRO B 491 -40.84 -32.27 -77.69
N ALA B 492 -39.75 -32.86 -77.24
CA ALA B 492 -39.38 -34.25 -77.56
C ALA B 492 -39.33 -34.48 -79.07
N GLY B 512 -28.43 -24.78 -77.39
CA GLY B 512 -28.44 -24.36 -76.00
C GLY B 512 -29.70 -23.62 -75.61
N THR B 513 -30.67 -24.34 -75.06
CA THR B 513 -31.93 -23.76 -74.63
C THR B 513 -32.07 -23.88 -73.11
N SER B 514 -32.86 -22.99 -72.54
CA SER B 514 -33.07 -22.98 -71.10
C SER B 514 -33.91 -24.18 -70.67
N GLY B 515 -33.74 -24.57 -69.41
CA GLY B 515 -34.47 -25.69 -68.86
C GLY B 515 -35.27 -25.33 -67.63
N PHE B 516 -35.39 -24.04 -67.33
CA PHE B 516 -36.17 -23.61 -66.19
C PHE B 516 -37.66 -23.80 -66.39
N ALA B 517 -38.11 -23.94 -67.63
CA ALA B 517 -39.52 -24.26 -67.88
C ALA B 517 -39.89 -25.60 -67.29
N GLU B 518 -39.01 -26.60 -67.46
CA GLU B 518 -39.25 -27.92 -66.86
C GLU B 518 -38.90 -27.93 -65.38
N LEU B 519 -37.94 -27.10 -64.96
CA LEU B 519 -37.54 -27.09 -63.55
C LEU B 519 -38.59 -26.39 -62.68
N LEU B 520 -39.15 -25.28 -63.17
CA LEU B 520 -40.18 -24.59 -62.42
C LEU B 520 -41.47 -25.42 -62.38
N HIS B 521 -41.77 -26.13 -63.47
CA HIS B 521 -42.97 -26.96 -63.49
C HIS B 521 -42.80 -28.18 -62.58
N ALA B 522 -41.59 -28.74 -62.53
CA ALA B 522 -41.35 -29.89 -61.65
C ALA B 522 -41.49 -29.50 -60.18
N LEU B 523 -41.18 -28.26 -59.83
CA LEU B 523 -41.36 -27.80 -58.46
C LEU B 523 -42.84 -27.84 -58.05
N HIS B 524 -43.73 -27.59 -59.01
CA HIS B 524 -45.16 -27.63 -58.71
C HIS B 524 -45.71 -29.05 -58.77
N LEU B 525 -45.16 -29.90 -59.66
CA LEU B 525 -45.63 -31.29 -59.74
C LEU B 525 -45.16 -32.11 -58.55
N ASP B 526 -44.01 -31.77 -57.96
CA ASP B 526 -43.53 -32.51 -56.81
C ASP B 526 -44.35 -32.18 -55.56
N SER B 527 -44.37 -30.90 -55.18
CA SER B 527 -45.18 -30.45 -54.04
C SER B 527 -46.61 -30.15 -54.51
N LEU B 528 -47.28 -31.21 -54.95
CA LEU B 528 -48.63 -31.14 -55.49
C LEU B 528 -49.59 -31.89 -54.57
N ASN B 529 -50.72 -31.27 -54.24
CA ASN B 529 -51.76 -31.96 -53.51
C ASN B 529 -52.25 -33.16 -54.31
N LEU B 530 -52.28 -34.33 -53.67
CA LEU B 530 -52.56 -35.57 -54.38
C LEU B 530 -53.96 -35.53 -55.01
N ILE B 531 -54.03 -35.97 -56.27
CA ILE B 531 -55.33 -36.07 -56.95
C ILE B 531 -56.19 -37.10 -56.20
N PRO B 532 -57.47 -36.82 -55.94
CA PRO B 532 -58.26 -37.76 -55.13
C PRO B 532 -58.43 -39.13 -55.76
N ALA B 533 -58.64 -39.20 -57.08
CA ALA B 533 -58.87 -40.47 -57.76
C ALA B 533 -57.62 -41.05 -58.39
N ILE B 534 -56.44 -40.51 -58.09
CA ILE B 534 -55.20 -41.02 -58.68
C ILE B 534 -54.76 -42.33 -58.07
N ASN B 535 -55.32 -42.72 -56.92
CA ASN B 535 -54.94 -43.94 -56.23
C ASN B 535 -55.96 -45.06 -56.42
N CYS B 536 -56.68 -45.05 -57.54
CA CYS B 536 -57.71 -46.06 -57.82
C CYS B 536 -57.41 -46.85 -59.08
N SER B 537 -56.26 -46.63 -59.72
CA SER B 537 -55.97 -47.26 -61.00
C SER B 537 -54.50 -47.67 -61.04
N LYS B 538 -54.03 -48.03 -62.22
CA LYS B 538 -52.68 -48.52 -62.47
C LYS B 538 -51.88 -47.50 -63.27
N ILE B 539 -52.11 -46.21 -62.98
CA ILE B 539 -51.55 -45.15 -63.81
C ILE B 539 -50.04 -45.26 -63.89
N THR B 540 -49.51 -45.02 -65.08
CA THR B 540 -48.07 -44.95 -65.32
C THR B 540 -47.77 -43.50 -65.70
N ALA B 541 -47.03 -42.80 -64.85
CA ALA B 541 -46.79 -41.39 -65.14
C ALA B 541 -45.66 -41.17 -66.12
N ASP B 542 -45.71 -41.81 -67.30
CA ASP B 542 -45.00 -41.28 -68.45
C ASP B 542 -45.92 -41.14 -69.65
N LYS B 543 -46.92 -42.00 -69.75
CA LYS B 543 -47.97 -41.89 -70.76
C LYS B 543 -49.17 -41.10 -70.26
N ILE B 544 -48.96 -39.88 -69.77
CA ILE B 544 -50.04 -39.05 -69.28
C ILE B 544 -49.93 -37.67 -69.93
N ILE B 545 -51.03 -37.22 -70.53
CA ILE B 545 -51.03 -35.93 -71.21
C ILE B 545 -51.55 -34.82 -70.31
N ALA B 546 -52.65 -35.07 -69.60
CA ALA B 546 -53.22 -34.06 -68.72
C ALA B 546 -54.14 -34.73 -67.71
N THR B 547 -54.29 -34.09 -66.55
CA THR B 547 -55.17 -34.55 -65.48
C THR B 547 -56.22 -33.48 -65.23
N VAL B 548 -57.49 -33.86 -65.33
CA VAL B 548 -58.58 -32.90 -65.13
C VAL B 548 -59.39 -33.30 -63.90
N PRO B 549 -59.06 -32.75 -62.72
CA PRO B 549 -59.80 -33.05 -61.47
C PRO B 549 -61.07 -32.22 -61.27
N LEU B 550 -62.14 -32.62 -61.95
CA LEU B 550 -63.43 -31.99 -61.76
C LEU B 550 -63.97 -32.33 -60.37
N PRO B 551 -65.04 -31.66 -59.92
CA PRO B 551 -65.63 -32.05 -58.63
C PRO B 551 -66.14 -33.49 -58.67
N HIS B 552 -65.65 -34.29 -57.71
CA HIS B 552 -66.02 -35.69 -57.52
C HIS B 552 -65.99 -36.50 -58.82
N VAL B 553 -65.10 -36.12 -59.73
CA VAL B 553 -64.72 -36.94 -60.87
C VAL B 553 -63.41 -36.40 -61.42
N THR B 554 -62.52 -37.30 -61.81
CA THR B 554 -61.23 -36.91 -62.37
C THR B 554 -61.01 -37.64 -63.70
N TYR B 555 -60.96 -36.88 -64.79
CA TYR B 555 -60.58 -37.45 -66.07
C TYR B 555 -59.07 -37.47 -66.21
N ILE B 556 -58.57 -38.50 -66.90
CA ILE B 556 -57.13 -38.68 -67.10
C ILE B 556 -56.90 -38.89 -68.59
N ILE B 557 -56.41 -37.85 -69.26
CA ILE B 557 -56.03 -37.97 -70.67
C ILE B 557 -54.66 -38.63 -70.72
N SER B 558 -54.61 -39.85 -71.25
CA SER B 558 -53.39 -40.65 -71.23
C SER B 558 -53.22 -41.30 -72.60
N SER B 559 -52.23 -42.19 -72.70
CA SER B 559 -52.00 -42.96 -73.91
C SER B 559 -52.48 -44.40 -73.81
N GLU B 560 -52.73 -44.90 -72.60
CA GLU B 560 -53.25 -46.23 -72.39
C GLU B 560 -54.46 -46.17 -71.47
N ALA B 561 -55.45 -47.01 -71.75
CA ALA B 561 -56.66 -47.04 -70.94
C ALA B 561 -56.35 -47.48 -69.51
N LEU B 562 -57.25 -47.15 -68.60
CA LEU B 562 -57.10 -47.46 -67.18
C LEU B 562 -58.04 -48.60 -66.81
N SER B 563 -57.97 -49.00 -65.53
CA SER B 563 -58.65 -50.20 -65.06
C SER B 563 -59.82 -49.95 -64.13
N ASN B 564 -59.94 -48.76 -63.54
CA ASN B 564 -60.95 -48.52 -62.52
C ASN B 564 -62.34 -48.41 -63.12
N ALA B 565 -62.53 -47.44 -64.01
CA ALA B 565 -63.86 -47.03 -64.46
C ALA B 565 -63.80 -46.75 -65.95
N VAL B 566 -64.87 -46.13 -66.47
CA VAL B 566 -65.10 -46.07 -67.90
C VAL B 566 -63.94 -45.39 -68.62
N VAL B 567 -63.78 -45.72 -69.91
CA VAL B 567 -62.72 -45.22 -70.75
C VAL B 567 -63.31 -44.77 -72.08
N TYR B 568 -62.90 -43.59 -72.55
CA TYR B 568 -63.37 -43.04 -73.82
C TYR B 568 -62.19 -42.96 -74.78
N GLU B 569 -62.32 -43.61 -75.93
CA GLU B 569 -61.26 -43.67 -76.93
C GLU B 569 -61.56 -42.71 -78.07
N VAL B 570 -60.52 -42.06 -78.57
CA VAL B 570 -60.65 -41.12 -79.68
C VAL B 570 -60.65 -41.90 -80.98
N SER B 571 -61.63 -41.62 -81.85
CA SER B 571 -61.84 -42.37 -83.07
C SER B 571 -61.05 -41.83 -84.27
N GLU B 572 -60.01 -41.03 -84.03
CA GLU B 572 -59.21 -40.52 -85.13
C GLU B 572 -58.28 -41.60 -85.68
N ILE B 573 -58.19 -41.68 -87.00
CA ILE B 573 -57.39 -42.72 -87.63
C ILE B 573 -55.90 -42.47 -87.43
N PHE B 574 -55.42 -41.32 -87.91
CA PHE B 574 -54.01 -40.94 -87.77
C PHE B 574 -53.90 -39.90 -86.67
N LEU B 575 -53.47 -40.33 -85.48
CA LEU B 575 -53.30 -39.44 -84.36
C LEU B 575 -51.85 -39.30 -83.89
N LYS B 576 -50.94 -40.10 -84.43
CA LYS B 576 -49.50 -40.03 -84.14
C LYS B 576 -49.23 -40.36 -82.67
N SER B 577 -50.28 -40.75 -81.95
CA SER B 577 -50.24 -41.05 -80.52
C SER B 577 -51.54 -41.79 -80.20
N ALA B 578 -51.77 -42.03 -78.90
CA ALA B 578 -53.01 -42.62 -78.44
C ALA B 578 -53.60 -41.73 -77.35
N MET B 579 -54.92 -41.56 -77.39
CA MET B 579 -55.65 -40.71 -76.45
C MET B 579 -56.77 -41.53 -75.83
N PHE B 580 -56.69 -41.76 -74.52
CA PHE B 580 -57.72 -42.47 -73.77
C PHE B 580 -58.16 -41.59 -72.61
N ILE B 581 -59.43 -41.24 -72.57
CA ILE B 581 -59.99 -40.37 -71.53
C ILE B 581 -60.64 -41.28 -70.50
N SER B 582 -59.88 -41.64 -69.48
CA SER B 582 -60.37 -42.49 -68.41
C SER B 582 -60.94 -41.63 -67.29
N ALA B 583 -62.19 -41.88 -66.93
CA ALA B 583 -62.91 -41.12 -65.91
C ALA B 583 -62.99 -41.95 -64.64
N ILE B 584 -62.34 -41.48 -63.58
CA ILE B 584 -62.30 -42.18 -62.30
C ILE B 584 -63.10 -41.40 -61.28
N LYS B 585 -63.68 -42.12 -60.33
CA LYS B 585 -64.36 -41.53 -59.19
C LYS B 585 -63.41 -41.46 -57.99
N PRO B 586 -63.39 -40.36 -57.26
CA PRO B 586 -62.43 -40.21 -56.15
C PRO B 586 -62.58 -41.25 -55.05
N ASP B 587 -63.69 -41.99 -55.00
CA ASP B 587 -63.92 -42.99 -53.97
C ASP B 587 -63.65 -44.42 -54.47
N CYS B 588 -62.86 -44.55 -55.54
CA CYS B 588 -62.54 -45.84 -56.16
C CYS B 588 -63.79 -46.63 -56.54
N SER B 589 -64.92 -45.95 -56.72
CA SER B 589 -66.19 -46.58 -56.98
C SER B 589 -66.46 -46.66 -58.48
N GLY B 590 -67.66 -47.08 -58.85
CA GLY B 590 -68.07 -47.15 -60.24
C GLY B 590 -69.29 -46.32 -60.54
N PHE B 591 -69.52 -46.05 -61.82
CA PHE B 591 -70.65 -45.23 -62.25
C PHE B 591 -71.90 -46.09 -62.44
N ASN B 592 -73.04 -45.41 -62.56
CA ASN B 592 -74.32 -46.10 -62.71
C ASN B 592 -74.75 -46.27 -64.16
N PHE B 593 -74.25 -45.44 -65.08
CA PHE B 593 -74.61 -45.59 -66.48
C PHE B 593 -73.89 -46.78 -67.10
N SER B 594 -74.57 -47.42 -68.04
CA SER B 594 -74.08 -48.65 -68.65
C SER B 594 -73.04 -48.33 -69.72
N GLN B 595 -71.79 -48.70 -69.46
CA GLN B 595 -70.71 -48.52 -70.44
C GLN B 595 -70.62 -49.77 -71.30
N ILE B 596 -71.02 -49.65 -72.56
CA ILE B 596 -70.99 -50.79 -73.48
C ILE B 596 -69.68 -50.84 -74.25
N ASP B 597 -69.18 -49.70 -74.69
CA ASP B 597 -67.95 -49.64 -75.46
C ASP B 597 -67.25 -48.31 -75.14
N ARG B 598 -66.25 -47.97 -75.95
CA ARG B 598 -65.44 -46.78 -75.72
C ARG B 598 -65.64 -45.72 -76.80
N HIS B 599 -66.75 -45.76 -77.51
CA HIS B 599 -67.03 -44.74 -78.53
C HIS B 599 -67.60 -43.50 -77.86
N ILE B 600 -67.22 -42.33 -78.38
CA ILE B 600 -67.64 -41.05 -77.84
C ILE B 600 -68.85 -40.58 -78.64
N PRO B 601 -70.03 -40.46 -78.02
CA PRO B 601 -71.20 -39.97 -78.76
C PRO B 601 -71.00 -38.54 -79.25
N ILE B 602 -71.94 -38.10 -80.08
CA ILE B 602 -71.90 -36.78 -80.68
C ILE B 602 -73.23 -36.07 -80.42
N VAL B 603 -73.15 -34.85 -79.89
CA VAL B 603 -74.30 -33.95 -79.82
C VAL B 603 -73.98 -32.78 -80.75
N TYR B 604 -74.91 -32.47 -81.65
CA TYR B 604 -74.50 -31.50 -82.67
C TYR B 604 -74.81 -30.06 -82.28
N ASN B 605 -76.07 -29.73 -82.03
CA ASN B 605 -76.45 -28.32 -82.10
C ASN B 605 -75.95 -27.58 -80.87
N ILE B 606 -74.83 -26.85 -81.02
CA ILE B 606 -74.40 -25.90 -80.01
C ILE B 606 -75.38 -24.74 -79.98
N SER B 607 -75.78 -24.34 -78.79
CA SER B 607 -76.74 -23.24 -78.64
C SER B 607 -76.25 -22.14 -77.70
N THR B 608 -74.95 -22.12 -77.38
CA THR B 608 -74.40 -21.14 -76.45
C THR B 608 -75.22 -21.14 -75.16
N PRO B 609 -75.16 -22.23 -74.36
CA PRO B 609 -76.16 -22.45 -73.31
C PRO B 609 -76.37 -21.25 -72.39
N ARG B 610 -77.59 -20.72 -72.41
CA ARG B 610 -78.01 -19.63 -71.54
C ARG B 610 -78.99 -20.09 -70.48
N ARG B 611 -79.34 -21.38 -70.45
CA ARG B 611 -80.37 -21.90 -69.55
C ARG B 611 -79.78 -22.33 -68.21
N GLY B 612 -79.08 -21.41 -67.55
CA GLY B 612 -78.57 -21.68 -66.21
C GLY B 612 -77.22 -22.35 -66.15
N CYS B 613 -76.34 -22.06 -67.11
CA CYS B 613 -74.97 -22.57 -67.14
C CYS B 613 -74.88 -24.08 -66.97
N PRO B 614 -75.32 -24.88 -67.95
CA PRO B 614 -75.07 -26.32 -67.87
C PRO B 614 -73.63 -26.68 -68.19
N LEU B 615 -72.86 -25.77 -68.79
CA LEU B 615 -71.43 -25.99 -68.97
C LEU B 615 -70.63 -25.71 -67.69
N CYS B 616 -71.28 -25.22 -66.63
CA CYS B 616 -70.60 -25.01 -65.36
C CYS B 616 -70.07 -26.33 -64.82
N ASP B 617 -68.93 -26.25 -64.12
CA ASP B 617 -68.27 -27.40 -63.52
C ASP B 617 -67.90 -28.45 -64.56
N SER B 618 -67.65 -28.01 -65.80
CA SER B 618 -67.28 -28.90 -66.89
C SER B 618 -66.08 -28.31 -67.61
N VAL B 619 -65.34 -29.19 -68.29
CA VAL B 619 -64.15 -28.81 -69.05
C VAL B 619 -64.39 -29.17 -70.51
N ILE B 620 -64.29 -28.17 -71.38
CA ILE B 620 -64.35 -28.37 -72.82
C ILE B 620 -62.95 -28.61 -73.34
N MET B 621 -62.80 -29.61 -74.20
CA MET B 621 -61.49 -30.09 -74.64
C MET B 621 -61.39 -29.96 -76.16
N SER B 622 -60.27 -29.42 -76.63
CA SER B 622 -59.96 -29.34 -78.05
C SER B 622 -58.70 -30.14 -78.32
N TYR B 623 -58.73 -30.94 -79.39
CA TYR B 623 -57.56 -31.71 -79.80
C TYR B 623 -57.47 -31.72 -81.32
N ASP B 624 -56.27 -31.54 -81.83
CA ASP B 624 -56.03 -31.71 -83.26
C ASP B 624 -56.17 -33.18 -83.62
N GLU B 625 -56.85 -33.46 -84.74
CA GLU B 625 -57.01 -34.85 -85.14
C GLU B 625 -55.70 -35.53 -85.50
N SER B 626 -54.62 -34.77 -85.70
CA SER B 626 -53.31 -35.37 -85.92
C SER B 626 -52.32 -35.10 -84.80
N ASP B 627 -52.11 -33.84 -84.42
CA ASP B 627 -51.10 -33.50 -83.43
C ASP B 627 -51.69 -33.41 -82.02
N GLY B 628 -52.27 -34.52 -81.57
CA GLY B 628 -52.66 -34.66 -80.17
C GLY B 628 -53.65 -33.60 -79.71
N LEU B 629 -53.38 -33.07 -78.52
CA LEU B 629 -54.22 -32.05 -77.90
C LEU B 629 -53.90 -30.67 -78.45
N GLN B 630 -54.87 -29.75 -78.29
CA GLN B 630 -54.61 -28.32 -78.44
C GLN B 630 -54.77 -27.55 -77.14
N SER B 631 -55.90 -27.66 -76.47
CA SER B 631 -56.17 -26.82 -75.31
C SER B 631 -57.27 -27.43 -74.45
N LEU B 632 -57.21 -27.13 -73.15
CA LEU B 632 -58.29 -27.42 -72.22
C LEU B 632 -58.74 -26.12 -71.57
N MET B 633 -60.03 -26.03 -71.25
CA MET B 633 -60.57 -24.86 -70.58
C MET B 633 -61.65 -25.28 -69.60
N TYR B 634 -61.51 -24.86 -68.34
CA TYR B 634 -62.50 -25.12 -67.30
C TYR B 634 -63.53 -24.01 -67.29
N VAL B 635 -64.81 -24.39 -67.33
CA VAL B 635 -65.91 -23.43 -67.33
C VAL B 635 -66.46 -23.37 -65.91
N THR B 636 -66.11 -22.31 -65.18
CA THR B 636 -66.59 -22.09 -63.83
C THR B 636 -67.65 -21.01 -63.73
N ASN B 637 -67.36 -19.82 -64.27
CA ASN B 637 -68.30 -18.71 -64.24
C ASN B 637 -69.14 -18.69 -65.51
N GLU B 638 -70.31 -18.05 -65.40
CA GLU B 638 -71.14 -17.86 -66.58
C GLU B 638 -70.51 -16.93 -67.59
N ARG B 639 -69.60 -16.05 -67.15
CA ARG B 639 -68.88 -15.21 -68.10
C ARG B 639 -67.88 -16.02 -68.91
N VAL B 640 -67.18 -16.95 -68.27
CA VAL B 640 -66.27 -17.83 -69.00
C VAL B 640 -67.03 -18.60 -70.08
N GLN B 641 -68.22 -19.11 -69.74
CA GLN B 641 -69.05 -19.80 -70.71
C GLN B 641 -69.29 -18.96 -71.96
N THR B 642 -69.90 -17.79 -71.77
CA THR B 642 -70.23 -16.91 -72.89
C THR B 642 -69.01 -16.37 -73.63
N ASN B 643 -67.80 -16.57 -73.09
CA ASN B 643 -66.60 -16.12 -73.75
C ASN B 643 -65.93 -17.20 -74.60
N LEU B 644 -66.28 -18.46 -74.39
CA LEU B 644 -65.72 -19.53 -75.21
C LEU B 644 -66.17 -19.41 -76.67
N PHE B 645 -67.32 -18.80 -76.91
CA PHE B 645 -67.86 -18.66 -78.27
C PHE B 645 -67.41 -17.31 -78.84
N LEU B 646 -66.11 -17.24 -79.17
CA LEU B 646 -65.52 -16.02 -79.69
C LEU B 646 -64.38 -16.38 -80.64
N ASP B 647 -64.04 -15.43 -81.50
CA ASP B 647 -62.83 -15.56 -82.29
C ASP B 647 -61.61 -15.33 -81.38
N LYS B 648 -60.43 -15.69 -81.90
CA LYS B 648 -59.18 -15.66 -81.14
C LYS B 648 -59.25 -16.57 -79.92
N SER B 649 -60.14 -17.57 -79.94
CA SER B 649 -60.32 -18.52 -78.87
C SER B 649 -59.94 -19.93 -79.33
N PRO B 650 -59.48 -20.79 -78.42
CA PRO B 650 -59.06 -22.13 -78.83
C PRO B 650 -60.19 -23.03 -79.29
N PHE B 651 -61.45 -22.66 -79.08
CA PHE B 651 -62.57 -23.53 -79.34
C PHE B 651 -63.47 -22.96 -80.44
N PHE B 652 -64.22 -23.87 -81.06
CA PHE B 652 -65.36 -23.53 -81.92
C PHE B 652 -64.96 -22.72 -83.15
N ASP B 653 -63.77 -22.97 -83.68
CA ASP B 653 -63.39 -22.40 -84.97
C ASP B 653 -64.20 -23.08 -86.07
N ASN B 654 -64.70 -22.27 -87.01
CA ASN B 654 -65.69 -22.78 -87.97
C ASN B 654 -65.03 -23.55 -89.10
N ASN B 655 -64.16 -22.89 -89.86
CA ASN B 655 -63.53 -23.55 -91.01
C ASN B 655 -62.53 -24.61 -90.57
N ASN B 656 -61.85 -24.41 -89.45
CA ASN B 656 -60.80 -25.32 -89.04
C ASN B 656 -61.41 -26.61 -88.51
N LEU B 657 -61.54 -27.60 -89.40
CA LEU B 657 -62.20 -28.86 -89.10
C LEU B 657 -61.25 -29.92 -88.56
N HIS B 658 -59.95 -29.74 -88.75
CA HIS B 658 -58.98 -30.71 -88.25
C HIS B 658 -58.99 -30.83 -86.74
N ILE B 659 -59.50 -29.82 -86.02
CA ILE B 659 -59.58 -29.86 -84.57
C ILE B 659 -61.01 -30.17 -84.15
N HIS B 660 -61.16 -31.10 -83.22
CA HIS B 660 -62.45 -31.47 -82.67
C HIS B 660 -62.59 -30.94 -81.25
N TYR B 661 -63.83 -30.90 -80.77
CA TYR B 661 -64.15 -30.30 -79.47
C TYR B 661 -64.92 -31.31 -78.63
N LEU B 662 -64.28 -31.80 -77.57
CA LEU B 662 -64.90 -32.74 -76.65
C LEU B 662 -65.39 -32.01 -75.40
N TRP B 663 -66.44 -32.56 -74.80
CA TRP B 663 -67.09 -31.96 -73.63
C TRP B 663 -66.98 -32.92 -72.46
N LEU B 664 -65.92 -32.76 -71.65
CA LEU B 664 -65.75 -33.53 -70.44
C LEU B 664 -66.54 -32.87 -69.32
N ARG B 665 -67.64 -33.49 -68.90
CA ARG B 665 -68.56 -32.90 -67.96
C ARG B 665 -68.59 -33.69 -66.66
N ASP B 666 -69.27 -33.12 -65.66
CA ASP B 666 -69.38 -33.74 -64.34
C ASP B 666 -70.27 -34.98 -64.35
N ASN B 667 -70.95 -35.26 -65.46
CA ASN B 667 -71.73 -36.49 -65.58
C ASN B 667 -70.88 -37.73 -65.35
N GLY B 668 -69.58 -37.64 -65.63
CA GLY B 668 -68.77 -38.81 -65.89
C GLY B 668 -68.80 -39.26 -67.33
N THR B 669 -69.51 -38.54 -68.18
CA THR B 669 -69.67 -38.88 -69.59
C THR B 669 -68.86 -37.90 -70.45
N VAL B 670 -68.46 -38.39 -71.63
CA VAL B 670 -67.71 -37.58 -72.61
C VAL B 670 -68.50 -37.60 -73.92
N VAL B 671 -68.66 -36.42 -74.52
CA VAL B 671 -69.39 -36.28 -75.77
C VAL B 671 -68.65 -35.29 -76.66
N GLU B 672 -68.83 -35.44 -77.97
CA GLU B 672 -68.21 -34.57 -78.95
C GLU B 672 -69.19 -33.49 -79.42
N ILE B 673 -68.70 -32.26 -79.49
CA ILE B 673 -69.52 -31.09 -79.82
C ILE B 673 -69.26 -30.72 -81.27
N ARG B 674 -70.29 -30.80 -82.11
CA ARG B 674 -70.11 -30.70 -83.57
C ARG B 674 -71.17 -29.79 -84.22
N GLY B 675 -71.49 -28.65 -83.60
CA GLY B 675 -72.65 -27.89 -84.05
C GLY B 675 -72.66 -27.11 -85.34
N MET B 676 -71.83 -26.07 -85.43
CA MET B 676 -71.76 -25.31 -86.67
C MET B 676 -71.21 -26.16 -87.80
N TYR B 677 -70.35 -27.11 -87.48
CA TYR B 677 -69.76 -28.02 -88.45
C TYR B 677 -70.25 -29.44 -88.22
N ASP C 1 14.59 4.11 -17.21
CA ASP C 1 13.25 4.58 -16.88
C ASP C 1 12.28 4.30 -18.00
N GLY C 2 12.61 4.77 -19.20
CA GLY C 2 11.78 4.55 -20.36
C GLY C 2 12.03 3.20 -21.01
N ILE C 3 12.10 3.19 -22.34
CA ILE C 3 12.36 1.95 -23.06
C ILE C 3 13.76 1.46 -22.76
N GLN C 4 13.87 0.26 -22.21
CA GLN C 4 15.17 -0.35 -21.92
C GLN C 4 15.60 -1.20 -23.10
N TYR C 5 16.80 -0.92 -23.61
CA TYR C 5 17.24 -1.50 -24.87
C TYR C 5 17.86 -2.88 -24.64
N VAL C 6 18.09 -3.59 -25.75
CA VAL C 6 18.64 -4.93 -25.75
C VAL C 6 20.01 -4.90 -26.41
N ALA C 7 20.93 -5.71 -25.89
CA ALA C 7 22.29 -5.72 -26.42
C ALA C 7 22.32 -6.14 -27.89
N LEU C 8 21.54 -7.16 -28.25
CA LEU C 8 21.53 -7.70 -29.61
C LEU C 8 20.18 -7.46 -30.25
N PRO C 9 19.98 -6.34 -30.95
CA PRO C 9 18.72 -6.17 -31.69
C PRO C 9 18.59 -7.14 -32.85
N CYS C 10 19.71 -7.57 -33.43
CA CYS C 10 19.67 -8.55 -34.51
C CYS C 10 19.58 -9.96 -33.94
N CYS C 11 19.07 -10.87 -34.77
CA CYS C 11 19.08 -12.30 -34.46
C CYS C 11 18.87 -13.05 -35.76
N ALA C 12 18.96 -14.37 -35.67
CA ALA C 12 18.80 -15.24 -36.83
C ALA C 12 17.74 -16.29 -36.53
N ILE C 13 16.79 -16.46 -37.43
CA ILE C 13 15.72 -17.45 -37.26
C ILE C 13 16.31 -18.82 -37.51
N GLN C 14 16.39 -19.65 -36.48
CA GLN C 14 16.84 -21.02 -36.63
C GLN C 14 15.66 -21.89 -36.99
N ALA C 15 15.92 -22.98 -37.72
CA ALA C 15 14.85 -23.97 -37.88
C ALA C 15 14.86 -24.96 -36.71
N SER C 16 14.81 -24.42 -35.49
CA SER C 16 14.41 -25.19 -34.32
C SER C 16 13.41 -24.46 -33.44
N ALA C 17 13.21 -23.15 -33.65
CA ALA C 17 12.34 -22.38 -32.78
C ALA C 17 10.87 -22.74 -32.99
N ALA C 18 10.52 -23.23 -34.18
CA ALA C 18 9.14 -23.67 -34.41
C ALA C 18 8.77 -24.84 -33.51
N SER C 19 9.74 -25.68 -33.16
CA SER C 19 9.49 -26.80 -32.28
C SER C 19 9.53 -26.39 -30.81
N THR C 20 10.30 -25.37 -30.47
CA THR C 20 10.47 -24.91 -29.09
C THR C 20 10.04 -23.47 -28.94
N LEU C 21 8.92 -23.11 -29.55
CA LEU C 21 8.41 -21.74 -29.45
C LEU C 21 7.68 -21.55 -28.14
N PRO C 22 7.97 -20.49 -27.39
CA PRO C 22 7.20 -20.23 -26.17
C PRO C 22 5.79 -19.75 -26.51
N LEU C 23 4.84 -20.16 -25.67
CA LEU C 23 3.46 -19.74 -25.88
C LEU C 23 3.29 -18.26 -25.56
N PHE C 24 2.12 -17.72 -25.91
CA PHE C 24 1.91 -16.28 -25.86
C PHE C 24 2.02 -15.74 -24.43
N PHE C 25 1.52 -16.50 -23.46
CA PHE C 25 1.46 -16.03 -22.07
C PHE C 25 2.79 -16.17 -21.34
N ALA C 26 3.88 -16.43 -22.06
CA ALA C 26 5.21 -16.51 -21.48
C ALA C 26 6.18 -15.47 -22.04
N VAL C 27 5.76 -14.69 -23.02
CA VAL C 27 6.63 -13.69 -23.64
C VAL C 27 6.70 -12.45 -22.75
N HIS C 28 7.91 -12.05 -22.39
CA HIS C 28 8.08 -10.85 -21.57
C HIS C 28 8.07 -9.59 -22.44
N SER C 29 8.88 -9.56 -23.49
CA SER C 29 9.02 -8.38 -24.33
C SER C 29 9.07 -8.78 -25.81
N ILE C 30 8.72 -7.83 -26.67
CA ILE C 30 8.45 -8.10 -28.08
C ILE C 30 9.40 -7.25 -28.95
N HIS C 31 10.61 -6.96 -28.45
CA HIS C 31 11.52 -6.01 -29.09
C HIS C 31 11.58 -6.20 -30.59
N PHE C 32 11.26 -5.15 -31.33
CA PHE C 32 11.25 -5.12 -32.78
C PHE C 32 12.57 -4.57 -33.32
N ALA C 33 12.63 -4.37 -34.63
CA ALA C 33 13.80 -3.82 -35.29
C ALA C 33 13.39 -2.71 -36.25
N ASP C 34 14.33 -2.20 -37.04
CA ASP C 34 14.05 -1.09 -37.94
C ASP C 34 14.30 -1.51 -39.39
N PRO C 35 13.55 -0.94 -40.34
CA PRO C 35 13.78 -1.29 -41.76
C PRO C 35 15.12 -0.81 -42.30
N ASN C 36 15.82 0.06 -41.58
CA ASN C 36 17.14 0.54 -41.99
C ASN C 36 18.28 -0.18 -41.29
N HIS C 37 18.18 -0.38 -39.98
CA HIS C 37 19.23 -1.04 -39.22
C HIS C 37 19.00 -2.56 -39.20
N CYS C 38 19.96 -3.27 -38.61
CA CYS C 38 19.93 -4.73 -38.50
C CYS C 38 19.77 -5.36 -39.89
N ASN C 39 20.55 -4.84 -40.85
CA ASN C 39 20.56 -5.27 -42.25
C ASN C 39 19.22 -5.08 -42.95
N GLY C 40 18.29 -4.33 -42.35
CA GLY C 40 17.03 -4.05 -42.99
C GLY C 40 16.13 -5.25 -43.22
N VAL C 41 16.26 -6.29 -42.40
CA VAL C 41 15.42 -7.48 -42.51
C VAL C 41 14.33 -7.41 -41.47
N CYS C 42 13.16 -7.91 -41.83
CA CYS C 42 12.00 -7.91 -40.94
C CYS C 42 12.19 -9.01 -39.90
N ILE C 43 12.62 -8.63 -38.70
CA ILE C 43 12.96 -9.59 -37.66
C ILE C 43 12.58 -8.99 -36.32
N ALA C 44 11.95 -9.80 -35.47
CA ALA C 44 11.57 -9.44 -34.12
C ALA C 44 12.31 -10.33 -33.12
N LYS C 45 12.07 -10.08 -31.84
CA LYS C 45 12.77 -10.82 -30.79
C LYS C 45 11.90 -10.90 -29.55
N LEU C 46 11.76 -12.10 -29.00
CA LEU C 46 10.97 -12.34 -27.81
C LEU C 46 11.87 -12.70 -26.64
N ARG C 47 11.43 -12.34 -25.44
CA ARG C 47 12.13 -12.65 -24.20
C ARG C 47 11.22 -13.46 -23.29
N SER C 48 11.83 -14.36 -22.52
CA SER C 48 11.10 -15.29 -21.67
C SER C 48 11.84 -15.44 -20.35
N LYS C 49 11.41 -16.42 -19.56
CA LYS C 49 12.00 -16.65 -18.24
C LYS C 49 11.97 -18.15 -17.98
N THR C 50 13.12 -18.81 -18.16
CA THR C 50 13.27 -20.25 -17.95
C THR C 50 14.27 -20.45 -16.81
N GLY C 51 13.78 -20.49 -15.59
CA GLY C 51 14.63 -20.68 -14.43
C GLY C 51 15.66 -19.60 -14.24
N ASP C 52 15.21 -18.35 -14.05
CA ASP C 52 16.08 -17.20 -13.82
C ASP C 52 17.02 -16.95 -15.01
N ILE C 53 16.61 -17.39 -16.20
CA ILE C 53 17.40 -17.19 -17.42
C ILE C 53 16.52 -16.49 -18.44
N THR C 54 16.98 -15.35 -18.92
CA THR C 54 16.27 -14.56 -19.93
C THR C 54 16.47 -15.23 -21.29
N VAL C 55 15.48 -16.01 -21.72
CA VAL C 55 15.59 -16.76 -22.97
C VAL C 55 15.17 -15.85 -24.12
N GLU C 56 16.08 -15.65 -25.07
CA GLU C 56 15.82 -14.86 -26.27
C GLU C 56 15.56 -15.79 -27.44
N THR C 57 14.47 -15.53 -28.16
CA THR C 57 14.09 -16.32 -29.32
C THR C 57 13.88 -15.40 -30.52
N CYS C 58 14.49 -15.76 -31.65
CA CYS C 58 14.30 -15.00 -32.88
C CYS C 58 12.97 -15.37 -33.51
N VAL C 59 12.28 -14.36 -34.06
CA VAL C 59 10.90 -14.51 -34.49
C VAL C 59 10.69 -13.71 -35.77
N ASN C 60 9.93 -14.29 -36.71
CA ASN C 60 9.59 -13.62 -37.95
C ASN C 60 8.79 -12.36 -37.66
N GLY C 61 9.30 -11.22 -38.14
CA GLY C 61 8.62 -9.95 -37.88
C GLY C 61 7.33 -9.79 -38.64
N PHE C 62 7.21 -10.42 -39.81
CA PHE C 62 5.98 -10.32 -40.59
C PHE C 62 4.82 -11.01 -39.88
N ASN C 63 5.01 -12.27 -39.49
CA ASN C 63 3.93 -13.02 -38.85
C ASN C 63 3.60 -12.45 -37.47
N LEU C 64 4.62 -11.99 -36.74
CA LEU C 64 4.38 -11.46 -35.40
C LEU C 64 3.65 -10.13 -35.44
N ARG C 65 3.97 -9.28 -36.42
CA ARG C 65 3.27 -8.01 -36.55
C ARG C 65 1.82 -8.22 -36.94
N SER C 66 1.55 -9.13 -37.88
CA SER C 66 0.18 -9.43 -38.26
C SER C 66 -0.59 -10.07 -37.11
N PHE C 67 0.10 -10.79 -36.22
CA PHE C 67 -0.55 -11.35 -35.05
C PHE C 67 -1.10 -10.25 -34.15
N LEU C 68 -0.25 -9.26 -33.85
CA LEU C 68 -0.67 -8.15 -32.98
C LEU C 68 -1.74 -7.30 -33.65
N VAL C 69 -1.73 -7.20 -34.98
CA VAL C 69 -2.78 -6.50 -35.70
C VAL C 69 -4.13 -7.16 -35.45
N ALA C 70 -4.15 -8.49 -35.48
CA ALA C 70 -5.39 -9.22 -35.21
C ALA C 70 -5.82 -9.09 -33.75
N VAL C 71 -4.85 -8.96 -32.83
CA VAL C 71 -5.18 -8.82 -31.42
C VAL C 71 -5.84 -7.48 -31.16
N VAL C 72 -5.35 -6.41 -31.79
CA VAL C 72 -5.94 -5.09 -31.60
C VAL C 72 -7.26 -4.99 -32.35
N ARG C 73 -7.32 -5.56 -33.56
CA ARG C 73 -8.58 -5.56 -34.31
C ARG C 73 -9.65 -6.37 -33.60
N ARG C 74 -9.26 -7.38 -32.81
CA ARG C 74 -10.22 -8.13 -32.03
C ARG C 74 -10.84 -7.30 -30.90
N LEU C 75 -10.16 -6.24 -30.46
CA LEU C 75 -10.67 -5.44 -29.35
C LEU C 75 -11.79 -4.51 -29.81
N GLY C 76 -11.67 -3.94 -31.00
CA GLY C 76 -12.69 -3.05 -31.53
C GLY C 76 -12.88 -1.78 -30.73
N SER C 77 -14.05 -1.65 -30.10
CA SER C 77 -14.33 -0.46 -29.29
C SER C 77 -13.58 -0.48 -27.96
N TRP C 78 -13.31 -1.67 -27.43
CA TRP C 78 -12.57 -1.80 -26.17
C TRP C 78 -11.09 -1.48 -26.31
N ALA C 79 -10.63 -1.11 -27.50
CA ALA C 79 -9.22 -0.80 -27.70
C ALA C 79 -8.92 0.62 -27.25
N SER C 80 -7.78 0.79 -26.59
CA SER C 80 -7.36 2.09 -26.10
C SER C 80 -6.81 2.94 -27.24
N GLN C 81 -6.60 4.23 -26.96
CA GLN C 81 -6.07 5.13 -27.97
C GLN C 81 -4.61 4.82 -28.26
N GLU C 82 -3.85 4.45 -27.23
CA GLU C 82 -2.47 4.03 -27.45
C GLU C 82 -2.41 2.70 -28.20
N ASN C 83 -3.43 1.84 -28.04
CA ASN C 83 -3.52 0.62 -28.81
C ASN C 83 -3.76 0.92 -30.29
N LEU C 84 -4.49 1.99 -30.59
CA LEU C 84 -4.70 2.38 -31.98
C LEU C 84 -3.41 2.93 -32.60
N ARG C 85 -2.54 3.52 -31.79
CA ARG C 85 -1.24 3.93 -32.29
C ARG C 85 -0.32 2.72 -32.48
N LEU C 86 -0.51 1.67 -31.67
CA LEU C 86 0.19 0.41 -31.90
C LEU C 86 -0.22 -0.18 -33.25
N LEU C 87 -1.53 -0.21 -33.51
CA LEU C 87 -2.01 -0.64 -34.83
C LEU C 87 -1.53 0.29 -35.93
N TRP C 88 -1.43 1.59 -35.62
CA TRP C 88 -0.92 2.55 -36.61
C TRP C 88 0.53 2.23 -36.98
N TYR C 89 1.36 1.95 -35.98
CA TYR C 89 2.75 1.60 -36.28
C TYR C 89 2.85 0.32 -37.09
N LEU C 90 2.16 -0.74 -36.66
CA LEU C 90 2.24 -2.01 -37.38
C LEU C 90 1.70 -1.89 -38.80
N GLN C 91 0.81 -0.93 -39.05
CA GLN C 91 0.25 -0.80 -40.39
C GLN C 91 1.30 -0.32 -41.37
N ARG C 92 2.04 0.74 -41.02
CA ARG C 92 3.06 1.26 -41.91
C ARG C 92 4.40 0.54 -41.77
N SER C 93 4.70 -0.04 -40.60
CA SER C 93 5.93 -0.81 -40.47
C SER C 93 5.88 -2.09 -41.29
N LEU C 94 4.68 -2.64 -41.49
CA LEU C 94 4.54 -3.82 -42.35
C LEU C 94 4.66 -3.43 -43.82
N THR C 95 3.93 -2.40 -44.23
CA THR C 95 4.00 -1.95 -45.62
C THR C 95 5.36 -1.37 -45.98
N ALA C 96 6.16 -0.98 -44.98
CA ALA C 96 7.54 -0.57 -45.22
C ALA C 96 8.49 -1.75 -45.20
N TYR C 97 8.18 -2.80 -44.46
CA TYR C 97 8.99 -4.01 -44.50
C TYR C 97 8.70 -4.84 -45.74
N THR C 98 7.48 -4.76 -46.27
CA THR C 98 7.13 -5.52 -47.48
C THR C 98 7.74 -4.92 -48.74
N VAL C 99 7.88 -3.59 -48.79
CA VAL C 99 8.49 -2.97 -49.96
C VAL C 99 9.93 -3.46 -50.08
N GLY C 100 10.39 -3.62 -51.32
CA GLY C 100 11.62 -4.35 -51.56
C GLY C 100 11.41 -5.81 -51.19
N PHE C 101 12.15 -6.28 -50.19
CA PHE C 101 11.95 -7.61 -49.60
C PHE C 101 12.04 -8.71 -50.66
N ASN C 102 13.21 -8.79 -51.28
CA ASN C 102 13.57 -9.93 -52.11
C ASN C 102 14.36 -10.93 -51.29
N ALA C 103 14.89 -11.97 -51.95
CA ALA C 103 15.62 -13.02 -51.26
C ALA C 103 16.82 -12.49 -50.48
N THR C 104 17.27 -11.28 -50.76
CA THR C 104 18.38 -10.69 -50.01
C THR C 104 17.97 -10.40 -48.57
N THR C 105 16.87 -9.66 -48.39
CA THR C 105 16.41 -9.31 -47.05
C THR C 105 15.63 -10.44 -46.38
N ALA C 106 15.58 -11.62 -46.99
CA ALA C 106 14.96 -12.79 -46.38
C ALA C 106 15.97 -13.72 -45.72
N ASP C 107 17.26 -13.54 -45.99
CA ASP C 107 18.32 -14.34 -45.38
C ASP C 107 18.56 -13.80 -43.97
N SER C 108 18.02 -14.50 -42.97
CA SER C 108 18.17 -14.09 -41.58
C SER C 108 19.46 -14.59 -40.95
N SER C 109 20.16 -15.53 -41.60
CA SER C 109 21.37 -16.11 -41.05
C SER C 109 22.58 -15.18 -41.11
N ILE C 110 22.40 -13.95 -41.59
CA ILE C 110 23.51 -12.99 -41.61
C ILE C 110 23.95 -12.65 -40.19
N HIS C 111 22.98 -12.48 -39.29
CA HIS C 111 23.26 -12.11 -37.91
C HIS C 111 23.49 -13.33 -37.01
N ASN C 112 23.84 -14.47 -37.59
CA ASN C 112 24.04 -15.71 -36.84
C ASN C 112 25.51 -15.84 -36.44
N VAL C 113 25.92 -14.96 -35.53
CA VAL C 113 27.29 -14.93 -35.03
C VAL C 113 27.41 -16.01 -33.95
N ASN C 114 27.96 -17.16 -34.34
CA ASN C 114 28.11 -18.28 -33.42
C ASN C 114 29.58 -18.62 -33.20
N GLU D 1 43.11 -38.83 8.79
CA GLU D 1 41.95 -38.07 8.32
C GLU D 1 42.38 -36.77 7.65
N VAL D 2 41.91 -36.56 6.42
CA VAL D 2 42.19 -35.35 5.66
C VAL D 2 40.88 -34.59 5.51
N VAL D 3 40.78 -33.45 6.18
CA VAL D 3 39.54 -32.66 6.18
C VAL D 3 39.43 -31.92 4.85
N LEU D 4 38.28 -32.08 4.19
CA LEU D 4 38.02 -31.41 2.93
C LEU D 4 37.34 -30.06 3.11
N LEU D 5 36.45 -29.94 4.10
CA LEU D 5 35.74 -28.70 4.36
C LEU D 5 35.58 -28.50 5.85
N ASP D 6 35.93 -27.31 6.34
CA ASP D 6 35.77 -26.95 7.74
C ASP D 6 35.16 -25.56 7.81
N PHE D 7 33.95 -25.46 8.38
CA PHE D 7 33.27 -24.19 8.50
C PHE D 7 33.62 -23.45 9.77
N ALA D 8 33.87 -24.17 10.87
CA ALA D 8 34.21 -23.51 12.13
C ALA D 8 35.54 -22.77 12.02
N ALA D 9 36.54 -23.39 11.39
CA ALA D 9 37.84 -22.76 11.21
C ALA D 9 37.89 -21.83 10.02
N ALA D 10 36.78 -21.64 9.30
CA ALA D 10 36.77 -20.74 8.17
C ALA D 10 36.92 -19.29 8.61
N GLY D 11 36.22 -18.89 9.66
CA GLY D 11 36.30 -17.56 10.20
C GLY D 11 35.21 -16.60 9.74
N GLY D 12 34.04 -17.11 9.37
CA GLY D 12 32.94 -16.26 8.94
C GLY D 12 33.03 -15.78 7.51
N GLU D 13 34.23 -15.72 6.92
CA GLU D 13 34.38 -15.29 5.54
C GLU D 13 33.77 -16.27 4.56
N LEU D 14 33.53 -17.52 4.98
CA LEU D 14 32.94 -18.53 4.12
C LEU D 14 31.43 -18.31 4.07
N GLY D 15 30.97 -17.64 3.02
CA GLY D 15 29.56 -17.35 2.83
C GLY D 15 28.93 -18.34 1.87
N TRP D 16 27.87 -19.00 2.33
CA TRP D 16 27.19 -20.01 1.55
C TRP D 16 25.97 -19.42 0.85
N LEU D 17 25.41 -20.20 -0.07
CA LEU D 17 24.25 -19.78 -0.85
C LEU D 17 22.96 -20.20 -0.15
N THR D 18 22.04 -19.25 -0.01
CA THR D 18 20.77 -19.47 0.65
C THR D 18 19.64 -19.49 -0.36
N HIS D 19 18.65 -20.36 -0.14
CA HIS D 19 17.49 -20.44 -1.01
C HIS D 19 16.23 -20.62 -0.16
N PRO D 20 15.22 -19.74 -0.31
CA PRO D 20 15.20 -18.62 -1.25
C PRO D 20 16.04 -17.42 -0.79
N TYR D 21 15.88 -16.30 -1.48
CA TYR D 21 16.73 -15.14 -1.20
C TYR D 21 16.24 -14.35 0.01
N GLY D 22 14.93 -14.16 0.14
CA GLY D 22 14.38 -13.41 1.25
C GLY D 22 14.52 -14.11 2.58
N LYS D 23 13.84 -15.25 2.73
CA LYS D 23 13.88 -16.04 3.96
C LYS D 23 15.00 -17.07 3.87
N GLY D 24 15.03 -17.97 4.85
CA GLY D 24 15.99 -19.05 4.87
C GLY D 24 17.07 -18.86 5.92
N TRP D 25 18.19 -19.54 5.71
CA TRP D 25 19.29 -19.52 6.66
C TRP D 25 19.99 -18.16 6.64
N ASP D 26 20.52 -17.77 7.80
CA ASP D 26 21.21 -16.49 7.96
C ASP D 26 22.50 -16.71 8.73
N LEU D 27 23.56 -16.00 8.32
CA LEU D 27 24.84 -16.10 8.99
C LEU D 27 24.86 -15.18 10.20
N MET D 28 25.18 -15.76 11.36
CA MET D 28 25.18 -15.04 12.62
C MET D 28 26.54 -15.18 13.30
N GLN D 29 26.99 -14.10 13.94
CA GLN D 29 28.29 -14.06 14.61
C GLN D 29 28.06 -13.91 16.11
N ASN D 30 28.04 -15.04 16.83
CA ASN D 30 28.00 -15.01 18.28
C ASN D 30 29.42 -14.92 18.83
N ILE D 31 29.53 -14.67 20.12
CA ILE D 31 30.82 -14.56 20.81
C ILE D 31 30.76 -15.50 22.00
N MET D 32 31.34 -16.68 21.85
CA MET D 32 31.39 -17.69 22.91
C MET D 32 32.83 -17.81 23.41
N ASN D 33 32.99 -17.75 24.73
CA ASN D 33 34.31 -17.85 25.38
C ASN D 33 35.25 -16.75 24.87
N ASP D 34 34.73 -15.53 24.77
CA ASP D 34 35.48 -14.34 24.36
C ASP D 34 36.09 -14.49 22.97
N MET D 35 35.53 -15.37 22.13
CA MET D 35 36.00 -15.57 20.77
C MET D 35 34.81 -15.61 19.82
N PRO D 36 34.90 -14.96 18.67
CA PRO D 36 33.76 -14.95 17.73
C PRO D 36 33.52 -16.34 17.15
N ILE D 37 32.26 -16.78 17.23
CA ILE D 37 31.84 -18.09 16.74
C ILE D 37 30.70 -17.86 15.76
N TYR D 38 30.98 -18.05 14.47
CA TYR D 38 29.97 -17.87 13.44
C TYR D 38 29.09 -19.10 13.33
N MET D 39 27.92 -18.92 12.71
CA MET D 39 26.95 -20.00 12.59
C MET D 39 25.88 -19.61 11.59
N TYR D 40 25.29 -20.62 10.96
CA TYR D 40 24.13 -20.46 10.09
C TYR D 40 22.90 -21.01 10.80
N SER D 41 21.80 -20.26 10.74
CA SER D 41 20.61 -20.66 11.47
C SER D 41 19.37 -20.06 10.81
N VAL D 42 18.22 -20.69 11.10
CA VAL D 42 16.91 -20.20 10.69
C VAL D 42 15.87 -20.78 11.63
N CYS D 43 14.95 -19.94 12.10
CA CYS D 43 13.97 -20.32 13.11
C CYS D 43 12.57 -19.87 12.69
N ASN D 44 12.22 -20.10 11.42
CA ASN D 44 10.92 -19.70 10.88
C ASN D 44 9.91 -20.79 11.22
N VAL D 45 9.44 -20.77 12.47
CA VAL D 45 8.53 -21.79 12.98
C VAL D 45 7.09 -21.30 13.06
N MET D 46 6.81 -20.07 12.62
CA MET D 46 5.47 -19.51 12.70
C MET D 46 4.63 -19.90 11.48
N SER D 47 5.17 -19.71 10.28
CA SER D 47 4.45 -20.04 9.05
C SER D 47 4.56 -21.54 8.78
N GLY D 48 4.04 -21.96 7.63
CA GLY D 48 3.97 -23.37 7.30
C GLY D 48 5.03 -23.82 6.31
N ASP D 49 4.63 -23.99 5.05
CA ASP D 49 5.53 -24.50 4.02
C ASP D 49 6.72 -23.57 3.84
N GLN D 50 7.92 -24.09 4.11
CA GLN D 50 9.16 -23.32 4.00
C GLN D 50 10.24 -24.25 3.48
N ASP D 51 10.66 -24.03 2.23
CA ASP D 51 11.76 -24.78 1.63
C ASP D 51 13.05 -23.99 1.78
N ASN D 52 13.48 -23.81 3.04
CA ASN D 52 14.68 -23.07 3.36
C ASN D 52 15.90 -23.95 3.06
N TRP D 53 16.69 -23.56 2.05
CA TRP D 53 17.86 -24.30 1.63
C TRP D 53 19.13 -23.51 1.92
N LEU D 54 20.23 -24.24 2.02
CA LEU D 54 21.54 -23.64 2.32
C LEU D 54 22.60 -24.52 1.66
N ARG D 55 23.10 -24.08 0.51
CA ARG D 55 24.11 -24.82 -0.24
C ARG D 55 25.49 -24.24 0.04
N THR D 56 26.45 -25.11 0.32
CA THR D 56 27.81 -24.69 0.60
C THR D 56 28.54 -24.37 -0.71
N ASN D 57 29.83 -24.07 -0.59
CA ASN D 57 30.64 -23.82 -1.77
C ASN D 57 31.13 -25.13 -2.36
N TRP D 58 31.97 -25.05 -3.39
CA TRP D 58 32.48 -26.25 -4.04
C TRP D 58 33.61 -26.86 -3.22
N VAL D 59 33.61 -28.18 -3.13
CA VAL D 59 34.60 -28.93 -2.37
C VAL D 59 35.30 -29.88 -3.34
N TYR D 60 36.60 -29.69 -3.53
CA TYR D 60 37.37 -30.55 -4.41
C TYR D 60 37.52 -31.93 -3.78
N ARG D 61 37.22 -32.98 -4.54
CA ARG D 61 37.25 -34.33 -3.97
C ARG D 61 38.68 -34.84 -3.81
N GLY D 62 39.41 -34.92 -4.91
CA GLY D 62 40.83 -35.26 -4.90
C GLY D 62 41.10 -36.75 -4.83
N GLU D 63 40.88 -37.34 -3.64
CA GLU D 63 41.00 -38.78 -3.46
C GLU D 63 39.88 -39.36 -2.60
N ALA D 64 38.74 -38.69 -2.50
CA ALA D 64 37.68 -39.10 -1.57
C ALA D 64 36.78 -40.14 -2.22
N GLU D 65 36.76 -41.35 -1.66
CA GLU D 65 35.85 -42.39 -2.12
C GLU D 65 34.54 -42.39 -1.32
N ARG D 66 34.65 -42.46 0.00
CA ARG D 66 33.50 -42.37 0.90
C ARG D 66 33.77 -41.29 1.92
N ILE D 67 32.93 -40.26 1.94
CA ILE D 67 33.16 -39.09 2.80
C ILE D 67 32.34 -39.25 4.07
N PHE D 68 32.83 -38.61 5.13
CA PHE D 68 32.14 -38.57 6.42
C PHE D 68 31.81 -37.11 6.74
N ILE D 69 30.56 -36.87 7.11
CA ILE D 69 30.07 -35.52 7.38
C ILE D 69 29.72 -35.42 8.86
N GLU D 70 30.37 -34.49 9.56
CA GLU D 70 30.13 -34.24 10.97
C GLU D 70 29.46 -32.88 11.13
N LEU D 71 28.35 -32.84 11.87
CA LEU D 71 27.56 -31.63 12.03
C LEU D 71 27.35 -31.37 13.52
N LYS D 72 27.94 -30.28 14.02
CA LYS D 72 27.72 -29.81 15.38
C LYS D 72 26.65 -28.72 15.33
N PHE D 73 25.47 -29.03 15.86
CA PHE D 73 24.32 -28.13 15.76
C PHE D 73 23.53 -28.19 17.07
N THR D 74 22.51 -27.35 17.16
CA THR D 74 21.60 -27.32 18.29
C THR D 74 20.20 -27.02 17.79
N VAL D 75 19.21 -27.68 18.38
CA VAL D 75 17.81 -27.57 17.97
C VAL D 75 17.01 -27.07 19.16
N ARG D 76 16.29 -25.98 18.98
CA ARG D 76 15.42 -25.45 20.03
C ARG D 76 14.22 -26.37 20.21
N ASP D 77 13.83 -26.56 21.46
CA ASP D 77 12.68 -27.41 21.77
C ASP D 77 11.39 -26.79 21.25
N CYS D 78 10.45 -27.65 20.89
CA CYS D 78 9.18 -27.17 20.33
C CYS D 78 8.21 -26.74 21.42
N ASN D 79 8.32 -27.28 22.63
CA ASN D 79 7.43 -26.89 23.72
C ASN D 79 7.85 -25.59 24.39
N SER D 80 8.95 -24.97 23.96
CA SER D 80 9.34 -23.68 24.52
C SER D 80 8.31 -22.61 24.19
N PHE D 81 8.05 -22.40 22.90
CA PHE D 81 6.97 -21.50 22.48
C PHE D 81 5.68 -22.31 22.37
N PRO D 82 4.63 -21.95 23.11
CA PRO D 82 3.39 -22.73 23.02
C PRO D 82 2.66 -22.48 21.71
N GLY D 83 2.67 -23.46 20.80
CA GLY D 83 1.92 -23.39 19.57
C GLY D 83 1.29 -24.72 19.18
N GLY D 84 1.36 -25.70 20.07
CA GLY D 84 0.83 -27.01 19.77
C GLY D 84 1.59 -27.75 18.68
N ALA D 85 2.81 -27.32 18.37
CA ALA D 85 3.63 -27.93 17.31
C ALA D 85 2.88 -27.95 15.98
N SER D 86 2.32 -26.81 15.61
CA SER D 86 1.61 -26.71 14.34
C SER D 86 2.56 -26.89 13.17
N SER D 87 3.74 -26.26 13.23
CA SER D 87 4.74 -26.43 12.19
C SER D 87 6.13 -26.65 12.76
N CYS D 88 6.26 -26.82 14.08
CA CYS D 88 7.56 -26.99 14.70
C CYS D 88 8.03 -28.44 14.57
N LYS D 89 9.29 -28.61 14.19
CA LYS D 89 9.93 -29.93 14.14
C LYS D 89 11.26 -29.85 14.86
N GLU D 90 11.80 -31.03 15.19
CA GLU D 90 13.09 -31.12 15.86
C GLU D 90 14.16 -31.73 14.96
N THR D 91 13.87 -31.92 13.69
CA THR D 91 14.80 -32.52 12.74
C THR D 91 14.85 -31.68 11.47
N PHE D 92 15.87 -31.94 10.66
CA PHE D 92 16.01 -31.28 9.37
C PHE D 92 16.76 -32.22 8.43
N ASN D 93 16.47 -32.09 7.14
CA ASN D 93 17.01 -33.01 6.14
C ASN D 93 18.40 -32.58 5.69
N LEU D 94 19.13 -33.53 5.11
CA LEU D 94 20.46 -33.30 4.58
C LEU D 94 20.53 -33.82 3.15
N TYR D 95 21.09 -33.01 2.25
CA TYR D 95 21.18 -33.37 0.85
C TYR D 95 22.63 -33.28 0.39
N TYR D 96 22.88 -33.80 -0.81
CA TYR D 96 24.23 -33.87 -1.38
C TYR D 96 24.13 -34.21 -2.86
N ALA D 97 24.98 -33.58 -3.65
CA ALA D 97 25.02 -33.78 -5.09
C ALA D 97 26.45 -33.75 -5.58
N GLU D 98 26.65 -34.11 -6.84
CA GLU D 98 27.96 -34.11 -7.47
C GLU D 98 27.97 -33.18 -8.67
N SER D 99 29.16 -32.70 -9.01
CA SER D 99 29.32 -31.80 -10.16
C SER D 99 30.80 -31.76 -10.54
N ASP D 100 31.06 -31.65 -11.84
CA ASP D 100 32.43 -31.53 -12.33
C ASP D 100 32.91 -30.10 -12.41
N LEU D 101 32.01 -29.13 -12.45
CA LEU D 101 32.35 -27.73 -12.53
C LEU D 101 31.57 -26.96 -11.47
N ASP D 102 32.18 -25.91 -10.95
CA ASP D 102 31.55 -25.08 -9.92
C ASP D 102 30.35 -24.35 -10.52
N TYR D 103 29.14 -24.76 -10.12
CA TYR D 103 27.94 -24.12 -10.65
C TYR D 103 27.87 -22.65 -10.26
N GLY D 104 28.27 -22.33 -9.05
CA GLY D 104 28.25 -20.94 -8.59
C GLY D 104 26.89 -20.56 -7.99
N THR D 105 26.15 -19.73 -8.71
CA THR D 105 24.84 -19.27 -8.26
C THR D 105 23.70 -20.13 -8.78
N ASN D 106 23.98 -21.11 -9.62
CA ASN D 106 22.94 -22.01 -10.15
C ASN D 106 22.68 -23.10 -9.12
N PHE D 107 21.60 -22.94 -8.36
CA PHE D 107 21.19 -23.90 -7.35
C PHE D 107 19.87 -24.50 -7.77
N GLN D 108 19.92 -25.73 -8.29
CA GLN D 108 18.72 -26.47 -8.68
C GLN D 108 18.41 -27.47 -7.58
N LYS D 109 17.29 -27.29 -6.89
CA LYS D 109 16.92 -28.26 -5.87
C LYS D 109 16.25 -29.48 -6.48
N ARG D 110 16.89 -30.09 -7.46
CA ARG D 110 16.54 -31.44 -7.89
C ARG D 110 17.73 -32.38 -8.05
N LEU D 111 18.94 -31.85 -8.23
CA LEU D 111 20.12 -32.69 -8.42
C LEU D 111 20.66 -33.26 -7.11
N PHE D 112 20.24 -32.72 -5.98
CA PHE D 112 20.72 -33.18 -4.69
C PHE D 112 19.97 -34.43 -4.25
N THR D 113 20.69 -35.37 -3.66
CA THR D 113 20.10 -36.62 -3.17
C THR D 113 20.02 -36.55 -1.65
N LYS D 114 18.84 -36.88 -1.12
CA LYS D 114 18.64 -36.84 0.32
C LYS D 114 19.45 -37.95 0.99
N ILE D 115 20.23 -37.57 2.01
CA ILE D 115 21.09 -38.53 2.69
C ILE D 115 20.33 -39.23 3.81
N ASP D 116 19.84 -38.43 4.77
CA ASP D 116 19.13 -38.96 5.92
C ASP D 116 18.57 -37.79 6.72
N THR D 117 17.56 -38.08 7.54
CA THR D 117 16.99 -37.08 8.44
C THR D 117 17.89 -36.94 9.66
N ILE D 118 18.38 -35.73 9.90
CA ILE D 118 19.30 -35.46 11.00
C ILE D 118 18.48 -35.26 12.28
N ALA D 119 18.61 -36.19 13.22
CA ALA D 119 17.86 -36.15 14.46
C ALA D 119 18.78 -35.90 15.65
N PRO D 120 18.32 -35.17 16.66
CA PRO D 120 19.16 -34.90 17.83
C PRO D 120 19.24 -36.09 18.77
N ASP D 121 20.28 -36.10 19.58
CA ASP D 121 20.51 -37.16 20.54
C ASP D 121 19.46 -37.12 21.65
N LYS D 135 22.96 -28.30 25.09
CA LYS D 135 22.60 -29.50 24.35
C LYS D 135 23.16 -29.44 22.93
N LEU D 136 24.49 -29.45 22.82
CA LEU D 136 25.18 -29.39 21.53
C LEU D 136 25.11 -30.78 20.90
N ASN D 137 23.98 -31.06 20.25
CA ASN D 137 23.75 -32.36 19.63
C ASN D 137 24.60 -32.51 18.38
N VAL D 138 25.48 -33.50 18.37
CA VAL D 138 26.40 -33.75 17.27
C VAL D 138 26.05 -35.10 16.65
N GLU D 139 25.96 -35.13 15.32
CA GLU D 139 25.66 -36.34 14.58
C GLU D 139 26.60 -36.44 13.38
N GLU D 140 26.95 -37.68 13.03
CA GLU D 140 27.88 -37.95 11.93
C GLU D 140 27.23 -38.88 10.94
N ARG D 141 27.37 -38.56 9.65
CA ARG D 141 26.81 -39.35 8.56
C ARG D 141 27.91 -39.67 7.55
N SER D 142 27.59 -40.54 6.61
CA SER D 142 28.54 -40.97 5.59
C SER D 142 27.78 -41.38 4.34
N VAL D 143 28.37 -41.06 3.18
CA VAL D 143 27.76 -41.38 1.89
C VAL D 143 28.86 -41.77 0.91
N GLY D 144 28.51 -42.62 -0.04
CA GLY D 144 29.45 -43.09 -1.04
C GLY D 144 28.80 -44.00 -2.06
N PRO D 145 29.52 -44.31 -3.15
CA PRO D 145 30.87 -43.80 -3.44
C PRO D 145 30.85 -42.51 -4.26
N LEU D 146 31.99 -41.82 -4.31
CA LEU D 146 32.12 -40.59 -5.09
C LEU D 146 32.61 -40.92 -6.50
N THR D 147 32.00 -40.28 -7.49
CA THR D 147 32.34 -40.52 -8.90
C THR D 147 32.94 -39.30 -9.57
N ARG D 148 32.28 -38.14 -9.47
CA ARG D 148 32.69 -36.96 -10.21
C ARG D 148 33.88 -36.28 -9.55
N LYS D 149 34.32 -35.17 -10.15
CA LYS D 149 35.50 -34.46 -9.65
C LYS D 149 35.20 -33.65 -8.40
N GLY D 150 33.95 -33.20 -8.22
CA GLY D 150 33.58 -32.40 -7.08
C GLY D 150 32.21 -32.79 -6.57
N PHE D 151 31.76 -32.04 -5.55
CA PHE D 151 30.48 -32.32 -4.92
C PHE D 151 30.05 -31.11 -4.11
N TYR D 152 28.75 -31.03 -3.85
CA TYR D 152 28.14 -29.95 -3.08
C TYR D 152 27.51 -30.51 -1.82
N LEU D 153 27.20 -29.61 -0.90
CA LEU D 153 26.48 -29.94 0.33
C LEU D 153 25.36 -28.93 0.54
N ALA D 154 24.19 -29.44 0.92
CA ALA D 154 23.02 -28.60 1.12
C ALA D 154 22.26 -29.04 2.37
N PHE D 155 21.67 -28.07 3.05
CA PHE D 155 20.84 -28.30 4.22
C PHE D 155 19.46 -27.73 3.98
N GLN D 156 18.42 -28.50 4.33
CA GLN D 156 17.05 -28.07 4.15
C GLN D 156 16.33 -28.06 5.50
N ASP D 157 15.55 -27.00 5.71
CA ASP D 157 14.75 -26.84 6.92
C ASP D 157 13.27 -26.92 6.57
N ILE D 158 12.55 -27.82 7.24
CA ILE D 158 11.13 -28.01 7.00
C ILE D 158 10.26 -27.12 7.90
N GLY D 159 10.87 -26.27 8.71
CA GLY D 159 10.13 -25.46 9.65
C GLY D 159 10.60 -25.61 11.07
N ALA D 160 11.80 -26.14 11.25
CA ALA D 160 12.38 -26.33 12.58
C ALA D 160 13.15 -25.08 12.99
N CYS D 161 13.68 -25.11 14.22
CA CYS D 161 14.47 -24.01 14.78
C CYS D 161 15.86 -24.58 15.09
N VAL D 162 16.74 -24.52 14.10
CA VAL D 162 18.05 -25.15 14.18
C VAL D 162 19.12 -24.08 14.00
N ALA D 163 20.24 -24.26 14.72
CA ALA D 163 21.41 -23.39 14.60
C ALA D 163 22.62 -24.27 14.28
N LEU D 164 23.11 -24.18 13.06
CA LEU D 164 24.24 -24.98 12.59
C LEU D 164 25.53 -24.24 12.91
N LEU D 165 26.40 -24.85 13.70
CA LEU D 165 27.64 -24.23 14.13
C LEU D 165 28.87 -24.71 13.38
N SER D 166 29.09 -26.03 13.33
CA SER D 166 30.29 -26.59 12.74
C SER D 166 29.93 -27.64 11.70
N VAL D 167 30.62 -27.58 10.55
CA VAL D 167 30.47 -28.57 9.48
C VAL D 167 31.86 -29.04 9.10
N ARG D 168 32.10 -30.35 9.19
CA ARG D 168 33.39 -30.95 8.88
C ARG D 168 33.20 -32.07 7.87
N VAL D 169 33.98 -32.03 6.79
CA VAL D 169 33.95 -33.04 5.74
C VAL D 169 35.34 -33.63 5.60
N TYR D 170 35.45 -34.95 5.71
CA TYR D 170 36.73 -35.62 5.65
C TYR D 170 36.50 -37.05 5.13
N TYR D 171 37.59 -37.80 5.04
CA TYR D 171 37.52 -39.20 4.62
C TYR D 171 38.52 -40.05 5.39
N SER E 15 31.22 8.93 13.56
CA SER E 15 31.18 8.56 12.15
C SER E 15 29.76 8.70 11.59
N ALA E 16 28.76 8.48 12.44
CA ALA E 16 27.37 8.59 12.05
C ALA E 16 26.52 8.70 13.31
N THR E 17 25.42 9.45 13.20
CA THR E 17 24.48 9.60 14.30
C THR E 17 23.13 8.97 14.00
N GLN E 18 22.50 9.33 12.87
CA GLN E 18 21.25 8.72 12.45
C GLN E 18 21.42 7.74 11.30
N LEU E 19 22.55 7.81 10.58
CA LEU E 19 22.81 6.85 9.50
C LEU E 19 22.91 5.42 10.00
N ILE E 20 23.14 5.23 11.30
CA ILE E 20 23.30 3.88 11.84
C ILE E 20 21.99 3.12 11.85
N ASN E 21 20.85 3.82 11.89
CA ASN E 21 19.54 3.19 11.91
C ASN E 21 18.75 3.66 10.69
N GLY E 22 18.89 2.94 9.58
CA GLY E 22 18.11 3.22 8.39
C GLY E 22 16.67 2.79 8.47
N ARG E 23 16.34 1.87 9.38
CA ARG E 23 15.00 1.37 9.55
C ARG E 23 14.19 2.36 10.38
N THR E 24 12.98 1.97 10.78
CA THR E 24 12.07 2.86 11.48
C THR E 24 11.68 2.42 12.88
N ASN E 25 11.67 1.12 13.16
CA ASN E 25 11.22 0.63 14.46
C ASN E 25 12.25 -0.29 15.10
N LEU E 26 12.38 -0.18 16.42
CA LEU E 26 13.15 -1.11 17.24
C LEU E 26 12.16 -1.96 18.03
N SER E 27 12.23 -3.27 17.85
CA SER E 27 11.25 -4.19 18.41
C SER E 27 11.78 -4.81 19.70
N ILE E 28 10.91 -4.89 20.71
CA ILE E 28 11.23 -5.54 21.97
C ILE E 28 10.61 -6.94 21.89
N GLU E 29 11.42 -7.90 21.43
CA GLU E 29 10.94 -9.26 21.26
C GLU E 29 10.84 -9.97 22.60
N LEU E 30 9.65 -10.46 22.94
CA LEU E 30 9.45 -11.32 24.10
C LEU E 30 9.43 -12.76 23.61
N GLU E 31 10.43 -13.55 24.02
CA GLU E 31 10.66 -14.84 23.39
C GLU E 31 9.67 -15.91 23.83
N PHE E 32 9.62 -16.19 25.13
CA PHE E 32 8.89 -17.35 25.61
C PHE E 32 7.38 -17.15 25.65
N ASN E 33 6.90 -15.90 25.69
CA ASN E 33 5.47 -15.67 25.75
C ASN E 33 4.83 -15.48 24.38
N GLY E 34 5.59 -15.05 23.38
CA GLY E 34 5.06 -14.87 22.06
C GLY E 34 4.52 -13.49 21.75
N THR E 35 4.59 -12.55 22.69
CA THR E 35 4.17 -11.19 22.41
C THR E 35 5.37 -10.35 21.97
N SER E 36 5.09 -9.10 21.58
CA SER E 36 6.12 -8.22 21.06
C SER E 36 5.71 -6.78 21.29
N PHE E 37 6.63 -5.98 21.84
CA PHE E 37 6.45 -4.55 21.99
C PHE E 37 7.39 -3.83 21.01
N PHE E 38 6.93 -2.69 20.52
CA PHE E 38 7.70 -1.94 19.54
C PHE E 38 8.13 -0.59 20.12
N LEU E 39 8.94 0.13 19.34
CA LEU E 39 9.54 1.38 19.81
C LEU E 39 9.96 2.18 18.58
N ASN E 40 9.35 3.36 18.41
CA ASN E 40 9.65 4.19 17.25
C ASN E 40 10.99 4.89 17.43
N TRP E 41 11.80 4.87 16.37
CA TRP E 41 13.10 5.52 16.43
C TRP E 41 12.97 7.04 16.38
N GLN E 42 12.13 7.55 15.48
CA GLN E 42 11.96 9.01 15.37
C GLN E 42 11.25 9.57 16.60
N ASN E 43 10.40 8.77 17.25
CA ASN E 43 9.77 9.20 18.49
C ASN E 43 10.82 9.44 19.57
N LEU E 44 11.82 8.56 19.66
CA LEU E 44 12.89 8.69 20.64
C LEU E 44 13.94 9.72 20.25
N LEU E 45 13.81 10.33 19.07
CA LEU E 45 14.73 11.41 18.67
C LEU E 45 14.10 12.78 18.81
N ASN E 46 12.78 12.87 18.92
CA ASN E 46 12.11 14.15 19.10
C ASN E 46 11.92 14.50 20.58
N VAL E 47 11.48 13.55 21.39
CA VAL E 47 11.17 13.85 22.79
C VAL E 47 12.44 13.86 23.64
N ILE E 48 13.15 12.74 23.67
CA ILE E 48 14.42 12.63 24.37
C ILE E 48 15.53 12.86 23.37
N THR E 49 16.37 13.87 23.62
CA THR E 49 17.37 14.26 22.65
C THR E 49 18.34 13.12 22.36
N GLU E 50 18.94 13.16 21.17
CA GLU E 50 19.92 12.14 20.78
C GLU E 50 21.10 12.05 21.75
N PRO E 51 21.72 13.15 22.19
CA PRO E 51 22.80 13.01 23.18
C PRO E 51 22.35 12.42 24.51
N ALA E 52 21.05 12.48 24.82
CA ALA E 52 20.57 11.91 26.07
C ALA E 52 20.42 10.39 25.96
N LEU E 53 19.98 9.90 24.80
CA LEU E 53 19.90 8.46 24.60
C LEU E 53 21.29 7.82 24.64
N THR E 54 22.28 8.47 24.01
CA THR E 54 23.65 7.98 24.10
C THR E 54 24.15 8.01 25.53
N GLU E 55 23.73 9.01 26.31
CA GLU E 55 24.13 9.09 27.71
C GLU E 55 23.48 7.97 28.53
N LEU E 56 22.19 7.71 28.30
CA LEU E 56 21.51 6.64 29.03
C LEU E 56 22.04 5.27 28.66
N TRP E 57 22.51 5.08 27.41
CA TRP E 57 23.03 3.79 27.01
C TRP E 57 24.39 3.51 27.64
N THR E 58 25.28 4.50 27.61
CA THR E 58 26.59 4.32 28.23
C THR E 58 26.48 4.23 29.74
N SER E 59 25.55 4.98 30.35
CA SER E 59 25.42 4.96 31.80
C SER E 59 24.79 3.66 32.30
N ALA E 60 23.94 3.04 31.49
CA ALA E 60 23.27 1.82 31.93
C ALA E 60 24.25 0.69 32.19
N GLU E 61 25.34 0.64 31.44
CA GLU E 61 26.31 -0.45 31.51
C GLU E 61 25.61 -1.80 31.29
N VAL E 62 24.97 -1.91 30.13
CA VAL E 62 24.20 -3.11 29.82
C VAL E 62 25.09 -4.34 29.65
N ALA E 63 26.37 -4.15 29.33
CA ALA E 63 27.31 -5.25 29.20
C ALA E 63 27.93 -5.67 30.52
N GLU E 64 27.50 -5.09 31.63
CA GLU E 64 28.05 -5.44 32.94
C GLU E 64 27.71 -6.88 33.28
N ASP E 65 28.67 -7.57 33.89
CA ASP E 65 28.46 -8.96 34.27
C ASP E 65 27.44 -9.06 35.41
N LEU E 66 26.71 -10.17 35.43
CA LEU E 66 25.72 -10.41 36.48
C LEU E 66 26.37 -10.56 37.85
N ARG E 67 27.67 -10.86 37.91
CA ARG E 67 28.35 -10.98 39.18
C ARG E 67 28.52 -9.62 39.86
N VAL E 68 28.69 -8.55 39.09
CA VAL E 68 28.84 -7.23 39.66
C VAL E 68 27.50 -6.73 40.19
N THR E 69 26.41 -6.97 39.45
CA THR E 69 25.09 -6.54 39.89
C THR E 69 24.67 -7.26 41.16
N LEU E 70 25.08 -8.52 41.33
CA LEU E 70 24.79 -9.23 42.58
C LEU E 70 25.48 -8.58 43.76
N LYS E 71 26.76 -8.23 43.60
CA LYS E 71 27.49 -7.58 44.68
C LYS E 71 26.96 -6.18 44.97
N LYS E 72 26.32 -5.54 43.99
CA LYS E 72 25.70 -4.25 44.24
C LYS E 72 24.44 -4.39 45.07
N ARG E 73 23.62 -5.40 44.79
CA ARG E 73 22.43 -5.64 45.60
C ARG E 73 22.79 -6.11 46.99
N GLN E 74 23.83 -6.93 47.12
CA GLN E 74 24.25 -7.43 48.41
C GLN E 74 24.88 -6.36 49.29
N SER E 75 25.08 -5.15 48.78
CA SER E 75 25.62 -4.05 49.56
C SER E 75 24.55 -3.10 50.07
N LEU E 76 23.41 -3.02 49.39
CA LEU E 76 22.32 -2.15 49.80
C LEU E 76 21.41 -2.84 50.80
N PHE E 77 20.86 -2.05 51.71
CA PHE E 77 19.90 -2.52 52.70
C PHE E 77 18.49 -2.27 52.19
N PHE E 78 17.64 -3.30 52.26
CA PHE E 78 16.27 -3.15 51.80
C PHE E 78 15.30 -3.15 52.97
N PRO E 79 14.24 -2.34 52.90
CA PRO E 79 13.25 -2.32 53.99
C PRO E 79 12.42 -3.61 54.00
N ASN E 80 11.63 -3.75 55.06
CA ASN E 80 10.74 -4.89 55.18
C ASN E 80 9.67 -4.87 54.09
N LYS E 81 8.94 -3.77 54.00
CA LYS E 81 7.91 -3.60 52.96
C LYS E 81 7.46 -2.14 52.98
N THR E 82 6.95 -1.68 51.83
CA THR E 82 6.41 -0.34 51.74
C THR E 82 5.12 -0.23 52.55
N VAL E 83 4.89 0.95 53.12
CA VAL E 83 3.75 1.20 53.99
C VAL E 83 2.88 2.26 53.33
N VAL E 84 1.78 1.83 52.73
CA VAL E 84 0.83 2.77 52.13
C VAL E 84 -0.08 3.31 53.21
N ILE E 85 -0.27 4.62 53.22
CA ILE E 85 -1.00 5.32 54.29
C ILE E 85 -2.28 5.93 53.68
N SER E 86 -3.11 6.53 54.53
CA SER E 86 -4.45 6.96 54.13
C SER E 86 -4.42 7.79 52.86
N GLY E 87 -3.71 8.91 52.89
CA GLY E 87 -3.46 9.69 51.69
C GLY E 87 -3.59 11.19 51.81
N ASP E 88 -2.83 11.90 50.97
CA ASP E 88 -2.87 13.34 50.74
C ASP E 88 -2.26 14.14 51.88
N GLY E 89 -1.83 13.48 52.96
CA GLY E 89 -1.19 14.14 54.10
C GLY E 89 -1.97 15.34 54.58
N HIS E 90 -1.23 16.40 54.91
CA HIS E 90 -1.78 17.71 55.22
C HIS E 90 -1.39 18.66 54.10
N ARG E 91 -2.37 19.37 53.55
CA ARG E 91 -2.12 20.19 52.37
C ARG E 91 -1.49 21.52 52.78
N TYR E 92 -0.31 21.81 52.24
CA TYR E 92 0.34 23.11 52.43
C TYR E 92 -0.15 24.12 51.40
N THR E 93 -1.46 24.29 51.32
CA THR E 93 -2.06 25.15 50.30
C THR E 93 -2.66 26.39 50.92
N CYS E 94 -2.75 27.45 50.11
CA CYS E 94 -3.45 28.67 50.51
C CYS E 94 -3.95 29.33 49.23
N GLU E 95 -5.25 29.20 48.98
CA GLU E 95 -5.86 29.75 47.78
C GLU E 95 -6.38 31.17 48.04
N VAL E 96 -6.79 31.82 46.96
CA VAL E 96 -7.31 33.18 47.03
C VAL E 96 -8.69 33.16 47.65
N PRO E 97 -8.90 33.90 48.74
CA PRO E 97 -10.20 33.90 49.44
C PRO E 97 -11.26 34.69 48.67
N THR E 98 -12.44 34.80 49.28
CA THR E 98 -13.62 35.43 48.68
C THR E 98 -13.27 36.73 47.96
N SER E 99 -12.31 37.47 48.51
CA SER E 99 -11.79 38.67 47.84
C SER E 99 -10.86 38.22 46.71
N SER E 100 -11.49 37.71 45.65
CA SER E 100 -10.80 37.04 44.55
C SER E 100 -10.15 38.07 43.63
N GLN E 101 -9.10 38.70 44.16
CA GLN E 101 -8.31 39.68 43.42
C GLN E 101 -7.10 38.97 42.79
N THR E 102 -7.41 38.06 41.87
CA THR E 102 -6.39 37.30 41.16
C THR E 102 -5.87 38.14 40.00
N TYR E 103 -4.71 38.75 40.20
CA TYR E 103 -4.09 39.62 39.18
C TYR E 103 -3.15 38.79 38.32
N ASN E 104 -3.53 38.55 37.08
CA ASN E 104 -2.71 37.79 36.14
C ASN E 104 -1.60 38.71 35.64
N ILE E 105 -0.51 38.76 36.43
CA ILE E 105 0.63 39.58 36.09
C ILE E 105 1.30 39.00 34.84
N THR E 106 1.61 39.86 33.89
CA THR E 106 2.15 39.48 32.59
C THR E 106 3.51 40.15 32.39
N LYS E 107 4.07 39.97 31.18
CA LYS E 107 5.37 40.55 30.87
C LYS E 107 5.30 42.07 30.82
N GLY E 108 4.18 42.62 30.36
CA GLY E 108 3.96 44.05 30.43
C GLY E 108 4.00 44.53 31.86
N PHE E 109 4.85 45.51 32.15
CA PHE E 109 5.07 45.92 33.53
C PHE E 109 3.79 46.47 34.14
N ASN E 110 3.25 45.75 35.13
CA ASN E 110 2.03 46.18 35.84
C ASN E 110 2.26 45.95 37.33
N TYR E 111 2.60 47.02 38.05
CA TYR E 111 2.85 46.92 39.48
C TYR E 111 2.10 47.94 40.32
N SER E 112 1.61 49.03 39.73
CA SER E 112 0.85 50.04 40.47
C SER E 112 -0.64 49.74 40.51
N ALA E 113 -1.04 48.51 40.18
CA ALA E 113 -2.44 48.12 40.20
C ALA E 113 -2.81 47.19 41.35
N LEU E 114 -1.84 46.53 41.96
CA LEU E 114 -2.12 45.66 43.09
C LEU E 114 -2.71 46.46 44.24
N PRO E 115 -3.86 46.08 44.78
CA PRO E 115 -4.52 46.89 45.79
C PRO E 115 -3.93 46.69 47.18
N GLY E 116 -4.23 47.64 48.06
CA GLY E 116 -3.87 47.64 49.46
C GLY E 116 -2.37 47.57 49.70
N HIS E 117 -2.03 47.22 50.94
CA HIS E 117 -0.63 47.08 51.33
C HIS E 117 -0.39 45.85 52.19
N LEU E 118 -1.34 44.91 52.26
CA LEU E 118 -1.21 43.72 53.08
C LEU E 118 -1.12 42.44 52.25
N GLY E 119 -1.02 42.56 50.93
CA GLY E 119 -0.91 41.39 50.08
C GLY E 119 -2.11 40.47 50.12
N GLY E 120 -3.31 41.03 50.31
CA GLY E 120 -4.53 40.24 50.33
C GLY E 120 -5.04 39.78 48.98
N PHE E 121 -4.26 39.99 47.92
CA PHE E 121 -4.64 39.60 46.57
C PHE E 121 -3.92 38.32 46.17
N GLY E 122 -4.15 37.90 44.92
CA GLY E 122 -3.57 36.69 44.38
C GLY E 122 -2.56 36.97 43.28
N ILE E 123 -1.90 35.90 42.86
CA ILE E 123 -0.90 35.97 41.80
C ILE E 123 -0.70 34.56 41.26
N ASN E 124 -0.45 34.47 39.95
CA ASN E 124 -0.29 33.17 39.29
C ASN E 124 0.95 32.46 39.83
N ALA E 125 0.80 31.18 40.17
CA ALA E 125 1.86 30.43 40.81
C ALA E 125 2.98 30.04 39.84
N ARG E 126 2.70 30.02 38.54
CA ARG E 126 3.74 29.61 37.58
C ARG E 126 4.92 30.57 37.59
N LEU E 127 4.68 31.84 37.93
CA LEU E 127 5.80 32.77 38.09
C LEU E 127 6.50 32.59 39.42
N VAL E 128 5.77 32.14 40.44
CA VAL E 128 6.40 31.88 41.74
C VAL E 128 7.29 30.64 41.66
N LEU E 129 6.79 29.58 41.04
CA LEU E 129 7.61 28.38 40.85
C LEU E 129 8.81 28.66 39.97
N GLY E 130 8.62 29.48 38.93
CA GLY E 130 9.75 29.84 38.07
C GLY E 130 10.83 30.59 38.81
N ASP E 131 10.50 31.26 39.91
CA ASP E 131 11.49 31.96 40.70
C ASP E 131 12.14 31.07 41.76
N ILE E 132 11.45 30.02 42.20
CA ILE E 132 12.05 29.09 43.15
C ILE E 132 13.09 28.22 42.44
N PHE E 133 12.65 27.47 41.43
CA PHE E 133 13.53 26.58 40.67
C PHE E 133 13.98 27.31 39.40
N ALA E 134 15.01 28.13 39.54
CA ALA E 134 15.54 28.92 38.45
C ALA E 134 17.03 28.68 38.26
N SER E 135 17.44 27.41 38.34
CA SER E 135 18.84 27.05 38.17
C SER E 135 18.92 25.59 37.73
N LYS E 136 19.47 25.35 36.55
CA LYS E 136 19.61 23.99 36.04
C LYS E 136 20.80 23.31 36.70
N TRP E 137 20.57 22.11 37.23
CA TRP E 137 21.61 21.31 37.87
C TRP E 137 21.72 19.96 37.19
N SER E 138 22.94 19.48 37.03
CA SER E 138 23.22 18.16 36.44
C SER E 138 23.46 17.18 37.57
N LEU E 139 22.45 16.39 37.90
CA LEU E 139 22.53 15.42 38.98
C LEU E 139 23.10 14.11 38.47
N PHE E 140 23.82 13.42 39.36
CA PHE E 140 24.28 12.05 39.12
C PHE E 140 25.17 11.96 37.87
N ALA E 141 26.26 12.70 37.90
CA ALA E 141 27.20 12.74 36.78
C ALA E 141 28.08 11.49 36.82
N ARG E 142 29.10 11.45 35.95
CA ARG E 142 29.80 10.18 35.69
C ARG E 142 30.66 9.77 36.88
N ASP E 143 31.37 10.70 37.49
CA ASP E 143 32.31 10.40 38.57
C ASP E 143 31.80 10.88 39.92
N THR E 144 30.49 10.78 40.13
CA THR E 144 29.87 11.12 41.40
C THR E 144 29.47 9.84 42.14
N PRO E 145 29.37 9.89 43.47
CA PRO E 145 28.94 8.68 44.21
C PRO E 145 27.52 8.25 43.92
N GLU E 146 26.70 9.11 43.33
CA GLU E 146 25.33 8.74 42.97
C GLU E 146 25.25 8.01 41.64
N TYR E 147 26.34 7.97 40.88
CA TYR E 147 26.34 7.33 39.56
C TYR E 147 26.08 5.83 39.64
N ARG E 148 26.25 5.22 40.81
CA ARG E 148 26.07 3.78 40.95
C ARG E 148 24.60 3.36 40.94
N VAL E 149 23.68 4.26 41.29
CA VAL E 149 22.27 3.88 41.41
C VAL E 149 21.36 4.72 40.54
N PHE E 150 21.76 5.93 40.14
CA PHE E 150 20.91 6.84 39.40
C PHE E 150 21.44 7.06 37.99
N TYR E 151 20.55 6.97 37.00
CA TYR E 151 20.88 7.45 35.67
C TYR E 151 21.03 8.97 35.72
N PRO E 152 21.97 9.53 34.96
CA PRO E 152 22.18 10.99 35.01
C PRO E 152 20.91 11.75 34.62
N MET E 153 20.68 12.86 35.30
CA MET E 153 19.47 13.63 35.12
C MET E 153 19.77 15.12 35.27
N ASN E 154 19.05 15.94 34.52
CA ASN E 154 19.16 17.39 34.58
C ASN E 154 17.84 17.95 35.11
N VAL E 155 17.90 18.63 36.25
CA VAL E 155 16.72 19.18 36.91
C VAL E 155 16.99 20.64 37.27
N MET E 156 15.97 21.48 37.12
CA MET E 156 16.00 22.84 37.64
C MET E 156 15.49 22.80 39.08
N ALA E 157 16.34 23.20 40.02
CA ALA E 157 16.02 23.02 41.43
C ALA E 157 16.92 23.94 42.26
N VAL E 158 16.69 23.92 43.57
CA VAL E 158 17.51 24.64 44.53
C VAL E 158 18.47 23.66 45.19
N LYS E 159 19.74 24.05 45.31
CA LYS E 159 20.76 23.19 45.88
C LYS E 159 21.05 23.57 47.33
N PHE E 160 21.10 22.57 48.19
CA PHE E 160 21.54 22.72 49.57
C PHE E 160 22.87 22.01 49.74
N SER E 161 23.73 22.54 50.61
CA SER E 161 25.04 21.94 50.80
C SER E 161 25.55 22.25 52.21
N ILE E 162 26.02 21.21 52.90
CA ILE E 162 26.65 21.32 54.20
C ILE E 162 27.95 20.52 54.16
N SER E 163 29.04 21.12 54.64
CA SER E 163 30.34 20.47 54.70
C SER E 163 30.93 20.71 56.08
N ILE E 164 30.64 19.78 57.00
CA ILE E 164 31.13 19.91 58.37
C ILE E 164 32.64 19.74 58.41
N GLY E 165 33.17 18.73 57.72
CA GLY E 165 34.60 18.53 57.66
C GLY E 165 35.22 19.07 56.38
N ASN E 166 35.94 20.18 56.49
CA ASN E 166 36.58 20.77 55.31
C ASN E 166 37.68 19.87 54.77
N ASN E 167 38.60 19.44 55.64
CA ASN E 167 39.63 18.49 55.25
C ASN E 167 38.98 17.18 54.80
N GLU E 168 39.75 16.40 54.03
CA GLU E 168 39.16 15.21 53.41
C GLU E 168 39.14 14.05 54.41
N SER E 169 38.54 14.30 55.57
CA SER E 169 38.16 13.26 56.51
C SER E 169 36.73 13.39 57.01
N GLY E 170 36.12 14.57 56.91
CA GLY E 170 34.76 14.78 57.34
C GLY E 170 33.74 14.32 56.33
N VAL E 171 32.55 14.92 56.38
CA VAL E 171 31.44 14.50 55.53
C VAL E 171 30.98 15.69 54.69
N ALA E 172 30.38 15.39 53.55
CA ALA E 172 29.82 16.39 52.65
C ALA E 172 28.33 16.11 52.47
N LEU E 173 27.49 17.02 52.95
CA LEU E 173 26.04 16.89 52.90
C LEU E 173 25.49 17.87 51.88
N TYR E 174 25.06 17.36 50.73
CA TYR E 174 24.52 18.20 49.67
C TYR E 174 23.17 17.67 49.22
N GLY E 175 22.24 18.60 48.94
CA GLY E 175 20.88 18.23 48.60
C GLY E 175 20.34 19.08 47.46
N VAL E 176 19.17 18.68 46.98
CA VAL E 176 18.51 19.32 45.84
C VAL E 176 17.00 19.23 46.05
N VAL E 177 16.32 20.36 45.88
CA VAL E 177 14.86 20.43 46.05
C VAL E 177 14.25 20.82 44.72
N SER E 178 13.62 19.86 44.06
CA SER E 178 12.85 20.10 42.84
C SER E 178 11.36 20.16 43.17
N GLU E 179 10.57 20.52 42.17
CA GLU E 179 9.12 20.52 42.31
C GLU E 179 8.53 19.13 42.14
N ASP E 180 9.36 18.11 42.00
CA ASP E 180 8.91 16.73 41.87
C ASP E 180 9.50 15.79 42.91
N PHE E 181 10.71 16.07 43.41
CA PHE E 181 11.36 15.19 44.38
C PHE E 181 12.48 15.95 45.07
N VAL E 182 13.06 15.32 46.08
CA VAL E 182 14.26 15.83 46.76
C VAL E 182 15.26 14.69 46.87
N VAL E 183 16.54 15.07 46.88
CA VAL E 183 17.64 14.11 46.97
C VAL E 183 18.66 14.66 47.95
N VAL E 184 18.97 13.89 49.00
CA VAL E 184 19.99 14.24 49.98
C VAL E 184 21.04 13.14 49.99
N THR E 185 22.30 13.53 50.14
CA THR E 185 23.42 12.60 50.04
C THR E 185 24.33 12.73 51.27
N LEU E 186 24.95 11.61 51.61
CA LEU E 186 25.80 11.49 52.80
C LEU E 186 27.17 10.93 52.41
N HIS E 187 27.72 11.49 51.34
CA HIS E 187 29.00 11.01 50.81
C HIS E 187 30.10 11.09 51.86
N ASN E 188 30.80 9.97 52.04
CA ASN E 188 31.82 9.83 53.08
C ASN E 188 33.17 10.25 52.52
N ARG E 189 33.47 11.54 52.59
CA ARG E 189 34.80 12.00 52.21
C ARG E 189 35.83 11.42 53.18
N SER E 190 36.86 10.77 52.63
CA SER E 190 37.76 9.98 53.44
C SER E 190 39.18 10.09 52.92
N LYS E 191 40.14 9.78 53.79
CA LYS E 191 41.52 9.57 53.40
C LYS E 191 41.71 8.11 52.96
N GLU E 192 40.87 7.70 52.01
CA GLU E 192 40.78 6.33 51.55
C GLU E 192 40.18 6.32 50.14
N ALA E 193 39.82 5.13 49.68
CA ALA E 193 39.23 4.89 48.36
C ALA E 193 37.94 4.13 48.54
N ASN E 194 37.32 3.68 47.43
CA ASN E 194 36.06 2.92 47.48
C ASN E 194 34.96 3.72 48.17
N GLU E 195 34.63 4.87 47.56
CA GLU E 195 33.68 5.82 48.12
C GLU E 195 32.34 5.15 48.44
N THR E 196 31.66 5.69 49.43
CA THR E 196 30.37 5.21 49.89
C THR E 196 29.46 6.39 50.19
N ALA E 197 28.16 6.22 49.91
CA ALA E 197 27.22 7.31 50.07
C ALA E 197 25.83 6.77 50.37
N SER E 198 25.11 7.48 51.23
CA SER E 198 23.72 7.18 51.57
C SER E 198 22.81 8.23 50.96
N HIS E 199 21.64 7.81 50.48
CA HIS E 199 20.73 8.69 49.78
C HIS E 199 19.32 8.57 50.34
N LEU E 200 18.66 9.71 50.52
CA LEU E 200 17.28 9.78 50.97
C LEU E 200 16.44 10.48 49.92
N LEU E 201 15.31 9.87 49.56
CA LEU E 201 14.44 10.36 48.50
C LEU E 201 13.07 10.69 49.06
N PHE E 202 12.46 11.76 48.55
CA PHE E 202 11.11 12.14 48.93
C PHE E 202 10.50 12.94 47.80
N GLY E 203 9.34 12.52 47.31
CA GLY E 203 8.67 13.22 46.25
C GLY E 203 7.63 12.33 45.59
N LEU E 204 7.16 12.80 44.44
CA LEU E 204 6.20 12.03 43.66
C LEU E 204 6.82 10.72 43.21
N PRO E 205 6.17 9.57 43.44
CA PRO E 205 6.78 8.29 43.05
C PRO E 205 6.92 8.10 41.56
N ASP E 206 6.12 8.80 40.75
CA ASP E 206 6.22 8.70 39.31
C ASP E 206 7.24 9.67 38.71
N SER E 207 7.83 10.55 39.52
CA SER E 207 8.82 11.51 39.06
C SER E 207 10.18 11.32 39.72
N LEU E 208 10.35 10.27 40.51
CA LEU E 208 11.63 9.99 41.14
C LEU E 208 12.68 9.68 40.07
N PRO E 209 13.96 9.99 40.33
CA PRO E 209 15.00 9.71 39.33
C PRO E 209 15.12 8.22 39.04
N SER E 210 15.42 7.92 37.77
CA SER E 210 15.47 6.54 37.32
C SER E 210 16.58 5.77 38.01
N LEU E 211 16.22 4.66 38.64
CA LEU E 211 17.18 3.82 39.33
C LEU E 211 17.92 2.92 38.35
N LYS E 212 19.07 2.41 38.80
CA LYS E 212 19.92 1.56 37.99
C LYS E 212 19.34 0.14 37.97
N GLY E 213 20.08 -0.80 37.40
CA GLY E 213 19.59 -2.15 37.22
C GLY E 213 19.58 -3.00 38.46
N HIS E 214 20.28 -2.58 39.52
CA HIS E 214 20.40 -3.35 40.75
C HIS E 214 19.46 -2.85 41.84
N ALA E 215 18.43 -2.09 41.49
CA ALA E 215 17.49 -1.59 42.48
C ALA E 215 16.23 -1.09 41.76
N THR E 216 15.10 -1.22 42.45
CA THR E 216 13.83 -0.67 41.98
C THR E 216 13.13 0.03 43.14
N TYR E 217 12.27 0.99 42.81
CA TYR E 217 11.55 1.73 43.84
C TYR E 217 10.52 0.87 44.56
N ASP E 218 10.04 -0.20 43.93
CA ASP E 218 9.16 -1.13 44.60
C ASP E 218 9.85 -1.88 45.73
N GLU E 219 11.19 -1.89 45.73
CA GLU E 219 11.96 -2.56 46.76
C GLU E 219 12.47 -1.62 47.85
N LEU E 220 12.63 -0.34 47.55
CA LEU E 220 13.28 0.61 48.45
C LEU E 220 12.35 1.64 49.05
N THR E 221 11.08 1.70 48.62
CA THR E 221 10.14 2.65 49.19
C THR E 221 9.75 2.20 50.60
N PHE E 222 9.98 3.07 51.59
CA PHE E 222 9.66 2.77 52.97
C PHE E 222 8.21 3.08 53.31
N ALA E 223 7.77 4.31 53.06
CA ALA E 223 6.41 4.73 53.32
C ALA E 223 5.87 5.47 52.10
N ARG E 224 4.56 5.31 51.87
CA ARG E 224 3.94 5.87 50.68
C ARG E 224 2.61 6.51 51.04
N ASN E 225 2.42 7.76 50.61
CA ASN E 225 1.16 8.46 50.73
C ASN E 225 0.41 8.34 49.41
N ALA E 226 -0.73 9.02 49.30
CA ALA E 226 -1.41 9.06 48.03
C ALA E 226 -0.76 10.02 47.05
N LYS E 227 0.14 10.88 47.52
CA LYS E 227 0.86 11.81 46.65
C LYS E 227 2.36 11.57 46.64
N TYR E 228 2.98 11.40 47.81
CA TYR E 228 4.43 11.35 47.93
C TYR E 228 4.87 10.05 48.59
N ALA E 229 6.14 9.71 48.39
CA ALA E 229 6.74 8.52 48.96
C ALA E 229 8.10 8.86 49.54
N LEU E 230 8.60 7.97 50.40
CA LEU E 230 9.89 8.13 51.06
C LEU E 230 10.77 6.94 50.73
N VAL E 231 11.84 7.18 49.98
CA VAL E 231 12.78 6.14 49.58
C VAL E 231 14.13 6.42 50.23
N ALA E 232 14.73 5.40 50.81
CA ALA E 232 16.03 5.49 51.48
C ALA E 232 16.98 4.49 50.84
N ILE E 233 18.02 4.99 50.18
CA ILE E 233 19.01 4.13 49.54
C ILE E 233 20.34 4.26 50.28
N LEU E 234 20.59 3.35 51.21
CA LEU E 234 21.84 3.35 51.97
C LEU E 234 22.49 1.97 51.89
N PRO E 235 23.82 1.92 51.95
CA PRO E 235 24.50 0.62 51.96
C PRO E 235 24.30 -0.11 53.28
N LYS E 236 24.65 -1.40 53.27
CA LYS E 236 24.57 -2.19 54.49
C LYS E 236 25.59 -1.76 55.53
N ASP E 237 26.69 -1.13 55.12
CA ASP E 237 27.71 -0.63 56.03
C ASP E 237 27.52 0.86 56.33
N SER E 238 26.29 1.34 56.28
CA SER E 238 26.00 2.75 56.54
C SER E 238 26.05 3.02 58.04
N TYR E 239 25.71 4.25 58.42
CA TYR E 239 25.65 4.60 59.84
C TYR E 239 24.58 3.78 60.54
N GLN E 240 24.92 3.30 61.74
CA GLN E 240 24.01 2.41 62.47
C GLN E 240 22.72 3.13 62.87
N THR E 241 22.78 4.44 63.04
CA THR E 241 21.60 5.22 63.37
C THR E 241 20.73 5.54 62.16
N LEU E 242 21.10 5.05 60.98
CA LEU E 242 20.30 5.23 59.76
C LEU E 242 19.46 4.00 59.45
N LEU E 243 20.05 2.81 59.50
CA LEU E 243 19.27 1.60 59.29
C LEU E 243 18.31 1.35 60.44
N THR E 244 18.68 1.76 61.66
CA THR E 244 17.80 1.67 62.82
C THR E 244 17.03 2.97 63.00
N GLU E 245 16.27 3.32 61.97
CA GLU E 245 15.43 4.51 61.96
C GLU E 245 14.04 4.15 61.45
N ASN E 246 13.01 4.64 62.15
CA ASN E 246 11.63 4.43 61.74
C ASN E 246 11.26 5.50 60.72
N TYR E 247 11.62 5.23 59.46
CA TYR E 247 11.33 6.19 58.39
C TYR E 247 9.83 6.34 58.17
N THR E 248 9.04 5.30 58.46
CA THR E 248 7.59 5.41 58.34
C THR E 248 7.03 6.37 59.39
N ARG E 249 7.71 6.52 60.52
CA ARG E 249 7.31 7.51 61.51
C ARG E 249 7.73 8.92 61.09
N ILE E 250 8.92 9.05 60.50
CA ILE E 250 9.35 10.35 59.99
C ILE E 250 8.45 10.79 58.85
N PHE E 251 8.05 9.86 57.99
CA PHE E 251 7.16 10.19 56.88
C PHE E 251 5.85 10.78 57.38
N LEU E 252 5.27 10.19 58.43
CA LEU E 252 4.04 10.73 58.99
C LEU E 252 4.27 12.07 59.67
N ASN E 253 5.44 12.23 60.31
CA ASN E 253 5.73 13.49 60.99
C ASN E 253 5.98 14.63 60.01
N MET E 254 6.26 14.33 58.75
CA MET E 254 6.46 15.35 57.73
C MET E 254 5.23 15.60 56.87
N THR E 255 4.47 14.54 56.55
CA THR E 255 3.33 14.67 55.67
C THR E 255 2.04 15.05 56.39
N GLU E 256 1.89 14.67 57.65
CA GLU E 256 0.67 14.95 58.39
C GLU E 256 0.76 16.19 59.26
N SER E 257 1.96 16.66 59.58
CA SER E 257 2.11 17.83 60.43
C SER E 257 1.68 19.10 59.68
N THR E 258 1.13 20.05 60.43
CA THR E 258 0.76 21.34 59.86
C THR E 258 2.03 22.10 59.46
N PRO E 259 1.91 23.08 58.56
CA PRO E 259 3.08 23.89 58.20
C PRO E 259 3.78 24.54 59.37
N LEU E 260 3.04 24.89 60.42
CA LEU E 260 3.66 25.49 61.60
C LEU E 260 4.32 24.45 62.49
N GLU E 261 3.73 23.25 62.58
CA GLU E 261 4.31 22.19 63.40
C GLU E 261 5.61 21.66 62.79
N PHE E 262 5.69 21.61 61.46
CA PHE E 262 6.89 21.09 60.82
C PHE E 262 8.07 22.03 61.02
N THR E 263 7.87 23.33 60.80
CA THR E 263 8.94 24.30 61.00
C THR E 263 9.37 24.40 62.46
N ARG E 264 8.52 23.97 63.40
CA ARG E 264 8.90 23.96 64.81
C ARG E 264 9.60 22.67 65.21
N THR E 265 9.21 21.54 64.62
CA THR E 265 9.89 20.28 64.90
C THR E 265 11.32 20.30 64.37
N ILE E 266 11.51 20.85 63.17
CA ILE E 266 12.86 20.99 62.62
C ILE E 266 13.71 21.90 63.48
N GLN E 267 13.10 22.93 64.07
CA GLN E 267 13.83 23.85 64.94
C GLN E 267 14.42 23.13 66.14
N THR E 268 13.62 22.31 66.82
CA THR E 268 14.09 21.61 68.00
C THR E 268 15.19 20.60 67.66
N ARG E 269 15.15 20.03 66.45
CA ARG E 269 16.23 19.14 66.03
C ARG E 269 17.53 19.91 65.83
N ILE E 270 17.45 21.16 65.37
CA ILE E 270 18.65 21.98 65.23
C ILE E 270 19.15 22.42 66.59
N VAL E 271 18.24 22.72 67.51
CA VAL E 271 18.65 23.09 68.87
C VAL E 271 19.29 21.90 69.58
N SER E 272 18.80 20.69 69.31
CA SER E 272 19.42 19.50 69.88
C SER E 272 20.86 19.33 69.41
N ILE E 273 21.10 19.55 68.10
CA ILE E 273 22.45 19.55 67.58
C ILE E 273 23.24 20.74 68.12
N GLU E 274 22.55 21.77 68.62
CA GLU E 274 23.23 22.90 69.25
C GLU E 274 23.54 22.63 70.72
N ALA E 275 22.66 21.92 71.43
CA ALA E 275 22.88 21.63 72.84
C ALA E 275 24.22 20.91 73.05
N ARG E 276 24.36 19.73 72.46
CA ARG E 276 25.66 19.10 72.35
C ARG E 276 26.47 19.81 71.27
N ARG E 277 27.80 19.87 71.47
CA ARG E 277 28.67 20.58 70.54
C ARG E 277 28.97 19.71 69.32
N ALA E 278 27.90 19.41 68.59
CA ALA E 278 27.98 18.56 67.40
C ALA E 278 27.62 19.31 66.12
N CYS E 279 27.71 20.65 66.14
CA CYS E 279 27.43 21.42 64.93
C CYS E 279 28.49 21.15 63.85
N ALA E 280 29.75 21.03 64.25
CA ALA E 280 30.84 20.73 63.34
C ALA E 280 31.45 19.36 63.58
N ALA E 281 30.97 18.61 64.57
CA ALA E 281 31.50 17.28 64.85
C ALA E 281 30.90 16.29 63.86
N GLN E 282 31.77 15.61 63.11
CA GLN E 282 31.30 14.65 62.12
C GLN E 282 30.76 13.37 62.75
N GLU E 283 30.87 13.20 64.08
CA GLU E 283 30.29 12.03 64.72
C GLU E 283 28.77 12.03 64.60
N ALA E 284 28.15 13.19 64.79
CA ALA E 284 26.71 13.33 64.54
C ALA E 284 26.44 13.76 63.10
N ALA E 285 26.97 13.02 62.15
CA ALA E 285 26.70 13.28 60.74
C ALA E 285 25.32 12.81 60.31
N PRO E 286 24.88 11.59 60.67
CA PRO E 286 23.52 11.18 60.30
C PRO E 286 22.43 12.02 60.95
N ASP E 287 22.70 12.60 62.12
CA ASP E 287 21.72 13.48 62.74
C ASP E 287 21.54 14.76 61.91
N ILE E 288 22.64 15.39 61.54
CA ILE E 288 22.56 16.55 60.64
C ILE E 288 21.99 16.14 59.29
N PHE E 289 22.38 14.96 58.80
CA PHE E 289 21.87 14.47 57.53
C PHE E 289 20.35 14.30 57.58
N LEU E 290 19.82 13.85 58.73
CA LEU E 290 18.36 13.74 58.87
C LEU E 290 17.73 15.11 59.01
N VAL E 291 18.39 16.03 59.72
CA VAL E 291 17.88 17.40 59.83
C VAL E 291 17.87 18.08 58.47
N LEU E 292 18.95 17.90 57.70
CA LEU E 292 18.98 18.47 56.35
C LEU E 292 17.89 17.88 55.48
N PHE E 293 17.61 16.58 55.62
CA PHE E 293 16.57 15.95 54.82
C PHE E 293 15.19 16.48 55.21
N GLN E 294 14.96 16.74 56.50
CA GLN E 294 13.67 17.26 56.94
C GLN E 294 13.47 18.69 56.50
N MET E 295 14.53 19.50 56.51
CA MET E 295 14.43 20.88 56.05
C MET E 295 14.10 20.93 54.57
N LEU E 296 14.68 20.05 53.77
CA LEU E 296 14.42 20.03 52.34
C LEU E 296 12.99 19.64 52.03
N VAL E 297 12.43 18.69 52.81
CA VAL E 297 11.03 18.33 52.63
C VAL E 297 10.12 19.49 53.03
N ALA E 298 10.53 20.29 54.02
CA ALA E 298 9.73 21.45 54.39
C ALA E 298 9.63 22.45 53.26
N HIS E 299 10.75 22.70 52.56
CA HIS E 299 10.72 23.55 51.37
C HIS E 299 9.92 22.90 50.26
N PHE E 300 10.05 21.58 50.10
CA PHE E 300 9.36 20.89 49.02
C PHE E 300 7.84 20.94 49.21
N LEU E 301 7.36 20.70 50.44
CA LEU E 301 5.92 20.72 50.67
C LEU E 301 5.34 22.11 50.51
N VAL E 302 6.11 23.16 50.82
CA VAL E 302 5.62 24.52 50.61
C VAL E 302 5.51 24.82 49.12
N ALA E 303 6.54 24.45 48.35
CA ALA E 303 6.50 24.68 46.91
C ALA E 303 5.47 23.78 46.23
N ARG E 304 5.29 22.55 46.73
CA ARG E 304 4.33 21.64 46.12
C ARG E 304 2.90 22.14 46.32
N GLY E 305 2.61 22.74 47.48
CA GLY E 305 1.29 23.31 47.71
C GLY E 305 1.01 24.54 46.87
N ILE E 306 2.05 25.19 46.37
CA ILE E 306 1.86 26.34 45.49
C ILE E 306 1.51 25.88 44.07
N ALA E 307 2.06 24.74 43.65
CA ALA E 307 1.80 24.22 42.31
C ALA E 307 0.40 23.64 42.14
N GLU E 308 -0.37 23.50 43.22
CA GLU E 308 -1.67 22.86 43.15
C GLU E 308 -2.79 23.82 42.74
N HIS E 309 -2.70 25.10 43.09
CA HIS E 309 -3.78 26.04 42.83
C HIS E 309 -3.52 26.95 41.65
N ARG E 310 -2.27 27.19 41.29
CA ARG E 310 -1.87 28.09 40.21
C ARG E 310 -2.32 29.53 40.43
N PHE E 311 -2.80 29.84 41.63
CA PHE E 311 -3.11 31.22 42.04
C PHE E 311 -2.97 31.27 43.55
N VAL E 312 -1.86 31.83 44.02
CA VAL E 312 -1.53 31.83 45.44
C VAL E 312 -1.57 33.25 45.98
N GLU E 313 -1.97 33.37 47.25
CA GLU E 313 -2.03 34.66 47.90
C GLU E 313 -0.62 35.14 48.26
N VAL E 314 -0.38 36.43 48.06
CA VAL E 314 0.95 36.98 48.31
C VAL E 314 1.26 37.02 49.80
N ASP E 315 0.24 37.24 50.63
CA ASP E 315 0.45 37.25 52.07
C ASP E 315 0.89 35.87 52.58
N CYS E 316 0.26 34.81 52.08
CA CYS E 316 0.58 33.47 52.55
C CYS E 316 2.00 33.08 52.16
N VAL E 317 2.37 33.28 50.90
CA VAL E 317 3.69 32.84 50.43
C VAL E 317 4.80 33.61 51.12
N CYS E 318 4.59 34.90 51.38
CA CYS E 318 5.62 35.68 52.06
C CYS E 318 5.78 35.26 53.51
N ARG E 319 4.69 34.87 54.17
CA ARG E 319 4.76 34.39 55.55
C ARG E 319 5.23 32.95 55.63
N GLN E 320 5.06 32.17 54.56
CA GLN E 320 5.63 30.83 54.51
C GLN E 320 7.10 30.85 54.14
N TYR E 321 7.52 31.83 53.34
CA TYR E 321 8.94 32.01 53.06
C TYR E 321 9.70 32.43 54.30
N ALA E 322 9.09 33.30 55.13
CA ALA E 322 9.75 33.73 56.35
C ALA E 322 9.95 32.58 57.33
N GLU E 323 9.02 31.62 57.33
CA GLU E 323 9.21 30.43 58.16
C GLU E 323 10.38 29.58 57.65
N LEU E 324 10.46 29.38 56.34
CA LEU E 324 11.56 28.63 55.76
C LEU E 324 12.88 29.40 55.88
N TYR E 325 12.82 30.73 55.72
CA TYR E 325 14.03 31.53 55.86
C TYR E 325 14.54 31.52 57.29
N PHE E 326 13.65 31.41 58.27
CA PHE E 326 14.08 31.28 59.65
C PHE E 326 14.82 29.96 59.88
N LEU E 327 14.32 28.88 59.29
CA LEU E 327 15.01 27.59 59.40
C LEU E 327 16.35 27.62 58.68
N ARG E 328 16.47 28.40 57.61
CA ARG E 328 17.73 28.47 56.88
C ARG E 328 18.74 29.36 57.57
N ARG E 329 18.29 30.42 58.24
CA ARG E 329 19.21 31.30 58.95
C ARG E 329 19.56 30.79 60.35
N ILE E 330 18.75 29.89 60.91
CA ILE E 330 19.13 29.27 62.18
C ILE E 330 20.13 28.13 61.95
N SER E 331 20.06 27.48 60.79
CA SER E 331 21.04 26.44 60.47
C SER E 331 22.40 27.03 60.17
N ARG E 332 22.43 28.24 59.61
CA ARG E 332 23.69 28.89 59.27
C ARG E 332 24.48 29.29 60.52
N LEU E 333 23.81 29.50 61.65
CA LEU E 333 24.51 29.86 62.88
C LEU E 333 25.16 28.64 63.52
N CYS E 334 24.44 27.52 63.58
CA CYS E 334 25.04 26.28 64.08
C CYS E 334 26.09 25.76 63.10
N MET E 335 25.71 25.60 61.83
CA MET E 335 26.61 25.09 60.81
C MET E 335 26.95 26.22 59.83
N PRO E 336 28.12 26.85 59.95
CA PRO E 336 28.43 27.99 59.06
C PRO E 336 28.59 27.60 57.60
N THR E 337 28.74 26.32 57.28
CA THR E 337 28.93 25.88 55.90
C THR E 337 27.61 25.63 55.19
N PHE E 338 26.49 26.04 55.78
CA PHE E 338 25.19 25.88 55.13
C PHE E 338 25.06 26.85 53.95
N THR E 339 24.58 26.35 52.83
CA THR E 339 24.49 27.13 51.60
C THR E 339 23.24 26.76 50.82
N THR E 340 22.56 27.76 50.30
CA THR E 340 21.37 27.57 49.46
C THR E 340 21.56 28.40 48.19
N VAL E 341 21.49 27.72 47.04
CA VAL E 341 21.66 28.36 45.74
C VAL E 341 20.61 27.81 44.79
N GLY E 342 19.97 28.71 44.03
CA GLY E 342 19.01 28.28 43.03
C GLY E 342 17.76 29.12 42.91
N TYR E 343 17.37 29.81 43.98
CA TYR E 343 16.16 30.61 43.98
C TYR E 343 16.48 32.07 43.68
N ASN E 344 15.66 32.68 42.83
CA ASN E 344 15.76 34.12 42.53
C ASN E 344 14.33 34.66 42.49
N HIS E 345 13.86 35.16 43.63
CA HIS E 345 12.48 35.65 43.77
C HIS E 345 12.40 37.07 43.21
N THR E 346 12.36 37.16 41.88
CA THR E 346 12.26 38.46 41.21
C THR E 346 10.83 38.92 41.03
N THR E 347 9.89 38.00 40.78
CA THR E 347 8.49 38.37 40.62
C THR E 347 7.85 38.72 41.98
N LEU E 348 7.96 37.80 42.94
CA LEU E 348 7.35 38.04 44.24
C LEU E 348 8.05 39.16 45.00
N GLY E 349 9.36 39.31 44.82
CA GLY E 349 10.07 40.39 45.48
C GLY E 349 9.66 41.75 44.97
N ALA E 350 9.43 41.87 43.65
CA ALA E 350 8.99 43.13 43.09
C ALA E 350 7.57 43.47 43.52
N VAL E 351 6.72 42.45 43.70
CA VAL E 351 5.36 42.70 44.19
C VAL E 351 5.41 43.20 45.63
N ALA E 352 6.28 42.61 46.45
CA ALA E 352 6.42 43.06 47.83
C ALA E 352 7.01 44.47 47.90
N ALA E 353 7.83 44.84 46.92
CA ALA E 353 8.45 46.17 46.93
C ALA E 353 7.39 47.27 46.79
N THR E 354 6.36 47.03 45.99
CA THR E 354 5.30 48.02 45.80
C THR E 354 4.28 48.01 46.94
N GLN E 355 4.12 46.89 47.63
CA GLN E 355 3.18 46.81 48.74
C GLN E 355 3.69 47.52 49.99
N ILE E 356 4.99 47.84 50.05
CA ILE E 356 5.58 48.46 51.23
C ILE E 356 5.66 49.96 51.02
N ALA E 357 5.82 50.40 49.77
CA ALA E 357 5.90 51.82 49.47
C ALA E 357 4.66 52.59 49.91
N ARG E 358 3.52 51.91 50.05
CA ARG E 358 2.29 52.53 50.51
C ARG E 358 2.10 52.46 52.02
N VAL E 359 3.08 51.92 52.74
CA VAL E 359 3.01 51.79 54.19
C VAL E 359 3.80 52.95 54.79
N SER E 360 3.10 53.86 55.46
CA SER E 360 3.75 54.97 56.14
C SER E 360 4.20 54.55 57.53
N ALA E 361 5.16 55.30 58.08
CA ALA E 361 5.66 55.01 59.43
C ALA E 361 4.55 55.17 60.46
N THR E 362 3.81 56.27 60.39
CA THR E 362 2.70 56.47 61.32
C THR E 362 1.55 55.50 61.06
N LYS E 363 1.41 55.03 59.82
CA LYS E 363 0.36 54.10 59.47
C LYS E 363 0.80 52.64 59.59
N LEU E 364 2.02 52.39 60.06
CA LEU E 364 2.48 51.04 60.35
C LEU E 364 2.20 50.66 61.79
N ALA E 365 2.50 51.55 62.74
CA ALA E 365 2.19 51.31 64.15
C ALA E 365 0.68 51.27 64.41
N SER E 366 -0.12 51.79 63.49
CA SER E 366 -1.57 51.74 63.65
C SER E 366 -2.11 50.34 63.39
N LEU E 367 -1.42 49.56 62.56
CA LEU E 367 -1.85 48.21 62.28
C LEU E 367 -1.73 47.34 63.53
N PRO E 368 -2.60 46.34 63.68
CA PRO E 368 -2.50 45.43 64.84
C PRO E 368 -1.34 44.47 64.66
N ARG E 369 -1.08 43.59 65.64
CA ARG E 369 -0.07 42.58 65.39
C ARG E 369 -0.67 41.40 64.65
N SER E 370 -1.32 41.67 63.52
CA SER E 370 -1.57 40.70 62.45
C SER E 370 -1.07 41.21 61.10
N SER E 371 -1.19 42.53 60.86
CA SER E 371 -0.69 43.15 59.64
C SER E 371 0.77 43.56 59.76
N GLN E 372 1.21 43.93 60.97
CA GLN E 372 2.62 44.22 61.17
C GLN E 372 3.47 42.99 60.88
N GLU E 373 3.01 41.81 61.29
CA GLU E 373 3.69 40.57 60.92
C GLU E 373 3.59 40.33 59.42
N THR E 374 2.47 40.71 58.80
CA THR E 374 2.32 40.58 57.36
C THR E 374 3.27 41.52 56.62
N VAL E 375 3.34 42.78 57.07
CA VAL E 375 4.21 43.74 56.41
C VAL E 375 5.68 43.34 56.56
N LEU E 376 6.09 42.97 57.78
CA LEU E 376 7.47 42.60 58.02
C LEU E 376 7.84 41.32 57.27
N ALA E 377 6.87 40.46 57.00
CA ALA E 377 7.14 39.28 56.19
C ALA E 377 7.47 39.66 54.75
N MET E 378 6.82 40.71 54.23
CA MET E 378 7.14 41.18 52.88
C MET E 378 8.45 41.94 52.84
N VAL E 379 8.86 42.56 53.95
CA VAL E 379 10.13 43.28 53.99
C VAL E 379 11.30 42.32 53.81
N GLN E 380 11.22 41.14 54.42
CA GLN E 380 12.35 40.22 54.43
C GLN E 380 12.71 39.76 53.03
N LEU E 381 11.76 39.73 52.10
CA LEU E 381 12.08 39.37 50.72
C LEU E 381 13.07 40.35 50.11
N GLY E 382 12.88 41.64 50.35
CA GLY E 382 13.82 42.64 49.90
C GLY E 382 14.94 42.89 50.88
N ALA E 383 14.78 42.45 52.13
CA ALA E 383 15.78 42.69 53.16
C ALA E 383 16.84 41.61 53.27
N ARG E 384 16.58 40.41 52.75
CA ARG E 384 17.59 39.35 52.83
C ARG E 384 18.86 39.70 52.06
N ASP E 385 18.78 40.66 51.13
CA ASP E 385 19.96 41.30 50.58
C ASP E 385 20.16 42.71 51.12
N GLY E 386 19.08 43.32 51.62
CA GLY E 386 19.04 44.59 52.28
C GLY E 386 18.51 45.66 51.34
N ALA E 387 17.23 46.02 51.50
CA ALA E 387 16.66 47.13 50.77
C ALA E 387 15.76 48.00 51.64
N VAL E 388 15.88 47.92 52.95
CA VAL E 388 14.87 48.45 53.87
C VAL E 388 14.68 49.95 53.64
N PRO E 389 13.48 50.38 53.25
CA PRO E 389 13.22 51.81 53.09
C PRO E 389 13.21 52.52 54.43
N SER E 390 13.46 53.83 54.38
CA SER E 390 13.51 54.63 55.60
C SER E 390 12.16 54.67 56.30
N SER E 391 11.07 54.52 55.54
CA SER E 391 9.74 54.55 56.15
C SER E 391 9.50 53.32 57.03
N ILE E 392 10.17 52.20 56.75
CA ILE E 392 10.00 51.01 57.57
C ILE E 392 10.84 51.09 58.82
N LEU E 393 12.11 51.47 58.68
CA LEU E 393 12.97 51.63 59.85
C LEU E 393 12.40 52.66 60.83
N GLU E 394 11.86 53.76 60.31
CA GLU E 394 11.16 54.72 61.17
C GLU E 394 9.86 54.13 61.69
N GLY E 395 9.18 53.32 60.88
CA GLY E 395 7.96 52.69 61.35
C GLY E 395 8.21 51.65 62.42
N ILE E 396 9.32 50.91 62.30
CA ILE E 396 9.71 49.96 63.33
C ILE E 396 10.06 50.69 64.61
N ALA E 397 10.61 51.91 64.50
CA ALA E 397 11.01 52.66 65.68
C ALA E 397 9.80 53.01 66.54
N MET E 398 8.66 53.30 65.92
CA MET E 398 7.47 53.65 66.69
C MET E 398 6.73 52.42 67.19
N VAL E 399 6.80 51.31 66.45
CA VAL E 399 6.18 50.07 66.93
C VAL E 399 6.85 49.61 68.22
N VAL E 400 8.18 49.70 68.28
CA VAL E 400 8.89 49.36 69.51
C VAL E 400 8.54 50.34 70.62
N GLU E 401 8.36 51.62 70.27
CA GLU E 401 8.05 52.62 71.28
C GLU E 401 6.67 52.36 71.90
N HIS E 402 5.67 52.10 71.07
CA HIS E 402 4.35 51.76 71.59
C HIS E 402 4.40 50.46 72.38
N MET E 403 5.21 49.50 71.93
CA MET E 403 5.36 48.25 72.67
C MET E 403 6.12 48.48 73.98
N TYR E 404 7.02 49.45 74.02
CA TYR E 404 7.78 49.72 75.24
C TYR E 404 6.95 50.52 76.25
N THR E 405 6.25 51.55 75.79
CA THR E 405 5.40 52.32 76.69
C THR E 405 4.28 51.46 77.26
N ALA E 406 3.79 50.50 76.50
CA ALA E 406 2.81 49.55 77.02
C ALA E 406 3.46 48.49 77.91
N TYR E 407 4.73 48.18 77.66
CA TYR E 407 5.45 47.23 78.51
C TYR E 407 5.61 47.76 79.93
N THR E 408 5.79 49.08 80.08
CA THR E 408 6.04 49.66 81.40
C THR E 408 4.85 49.53 82.34
N TYR E 409 3.68 49.12 81.85
CA TYR E 409 2.54 48.90 82.72
C TYR E 409 2.66 47.58 83.49
N VAL E 410 2.85 46.48 82.76
CA VAL E 410 2.88 45.15 83.36
C VAL E 410 4.30 44.60 83.53
N TYR E 411 5.28 45.15 82.82
CA TYR E 411 6.66 44.67 82.85
C TYR E 411 6.75 43.20 82.43
N THR E 412 5.87 42.77 81.52
CA THR E 412 5.90 41.42 80.98
C THR E 412 5.73 41.49 79.47
N LEU E 413 6.27 40.46 78.79
CA LEU E 413 6.19 40.35 77.34
C LEU E 413 5.53 39.02 76.98
N GLY E 414 4.50 39.08 76.12
CA GLY E 414 3.79 37.90 75.71
C GLY E 414 4.37 37.27 74.46
N ASP E 415 3.72 36.19 74.02
CA ASP E 415 4.20 35.45 72.86
C ASP E 415 4.04 36.25 71.57
N THR E 416 2.99 37.07 71.48
CA THR E 416 2.77 37.85 70.27
C THR E 416 3.78 38.99 70.15
N GLU E 417 4.30 39.48 71.28
CA GLU E 417 5.31 40.53 71.24
C GLU E 417 6.69 39.96 70.95
N ARG E 418 7.02 38.82 71.56
CA ARG E 418 8.33 38.21 71.33
C ARG E 418 8.49 37.73 69.89
N LYS E 419 7.38 37.31 69.26
CA LYS E 419 7.44 36.96 67.85
C LYS E 419 7.63 38.19 66.98
N LEU E 420 6.99 39.30 67.37
CA LEU E 420 7.20 40.56 66.66
C LEU E 420 8.65 41.02 66.76
N MET E 421 9.24 40.93 67.95
CA MET E 421 10.64 41.27 68.13
C MET E 421 11.56 40.35 67.36
N LEU E 422 11.13 39.11 67.07
CA LEU E 422 11.93 38.24 66.23
C LEU E 422 11.88 38.68 64.77
N ASP E 423 10.70 39.10 64.30
CA ASP E 423 10.60 39.61 62.94
C ASP E 423 11.35 40.93 62.79
N ILE E 424 11.31 41.77 63.83
CA ILE E 424 12.12 42.99 63.82
C ILE E 424 13.60 42.66 63.82
N HIS E 425 13.99 41.60 64.55
CA HIS E 425 15.38 41.22 64.62
C HIS E 425 15.93 40.81 63.26
N THR E 426 15.18 39.97 62.53
CA THR E 426 15.65 39.53 61.22
C THR E 426 15.64 40.65 60.20
N VAL E 427 14.89 41.72 60.44
CA VAL E 427 14.86 42.85 59.51
C VAL E 427 16.01 43.82 59.76
N LEU E 428 16.25 44.16 61.03
CA LEU E 428 17.31 45.12 61.34
C LEU E 428 18.69 44.52 61.11
N THR E 429 18.85 43.22 61.38
CA THR E 429 20.13 42.57 61.15
C THR E 429 20.41 42.40 59.66
N ASP E 430 19.40 42.00 58.89
CA ASP E 430 19.53 41.90 57.44
C ASP E 430 19.20 43.26 56.81
N SER E 431 20.05 44.23 57.14
CA SER E 431 19.85 45.60 56.68
C SER E 431 21.19 46.32 56.64
N CYS E 432 21.50 46.91 55.49
CA CYS E 432 22.66 47.78 55.38
C CYS E 432 22.47 49.01 56.25
N PRO E 433 23.54 49.54 56.82
CA PRO E 433 23.42 50.75 57.67
C PRO E 433 22.86 51.91 56.86
N PRO E 434 21.82 52.57 57.38
CA PRO E 434 21.19 53.66 56.61
C PRO E 434 22.12 54.85 56.46
N LYS E 435 22.16 55.41 55.26
CA LYS E 435 23.03 56.54 54.99
C LYS E 435 22.51 57.82 55.64
N ASP E 436 21.19 57.97 55.73
CA ASP E 436 20.62 59.15 56.37
C ASP E 436 20.89 59.12 57.87
N SER E 437 21.51 60.19 58.38
CA SER E 437 21.84 60.25 59.80
C SER E 437 20.62 60.36 60.69
N GLY E 438 19.50 60.85 60.16
CA GLY E 438 18.29 60.94 60.98
C GLY E 438 17.70 59.59 61.32
N VAL E 439 17.94 58.58 60.49
CA VAL E 439 17.41 57.25 60.76
C VAL E 439 18.27 56.54 61.79
N SER E 440 19.59 56.70 61.71
CA SER E 440 20.49 56.02 62.65
C SER E 440 20.24 56.47 64.09
N GLU E 441 19.94 57.75 64.29
CA GLU E 441 19.65 58.23 65.63
C GLU E 441 18.35 57.64 66.16
N LYS E 442 17.32 57.56 65.31
CA LYS E 442 16.07 56.95 65.73
C LYS E 442 16.22 55.45 65.99
N LEU E 443 17.17 54.80 65.29
CA LEU E 443 17.42 53.39 65.53
C LEU E 443 18.20 53.16 66.82
N LEU E 444 19.09 54.10 67.18
CA LEU E 444 19.80 53.99 68.45
C LEU E 444 18.84 54.10 69.63
N ARG E 445 17.74 54.82 69.46
CA ARG E 445 16.72 54.88 70.50
C ARG E 445 16.05 53.52 70.68
N THR E 446 15.75 52.83 69.58
CA THR E 446 15.12 51.52 69.66
C THR E 446 16.02 50.52 70.37
N TYR E 447 17.31 50.50 70.02
CA TYR E 447 18.26 49.63 70.71
C TYR E 447 18.34 49.98 72.19
N LEU E 448 18.19 51.26 72.53
CA LEU E 448 18.14 51.65 73.93
C LEU E 448 16.83 51.26 74.61
N MET E 449 15.77 51.06 73.82
CA MET E 449 14.49 50.64 74.40
C MET E 449 14.42 49.12 74.56
N PHE E 450 15.05 48.36 73.66
CA PHE E 450 15.16 46.93 73.88
C PHE E 450 16.03 46.62 75.10
N THR E 451 17.10 47.39 75.29
CA THR E 451 17.88 47.30 76.52
C THR E 451 17.01 47.62 77.73
N SER E 452 16.10 48.59 77.59
CA SER E 452 15.24 48.96 78.70
C SER E 452 14.34 47.81 79.14
N MET E 453 13.86 47.02 78.17
CA MET E 453 13.06 45.84 78.49
C MET E 453 13.92 44.64 78.87
N CYS E 454 15.24 44.74 78.74
CA CYS E 454 16.15 43.67 79.15
C CYS E 454 16.54 43.87 80.62
N THR E 455 15.55 43.68 81.48
CA THR E 455 15.75 43.86 82.92
C THR E 455 16.45 42.64 83.51
N ASN E 456 16.74 42.72 84.81
CA ASN E 456 17.36 41.58 85.50
C ASN E 456 16.43 40.38 85.50
N ILE E 457 15.13 40.62 85.65
CA ILE E 457 14.16 39.52 85.62
C ILE E 457 14.14 38.86 84.25
N GLU E 458 14.20 39.66 83.18
CA GLU E 458 14.22 39.09 81.83
C GLU E 458 15.51 38.33 81.55
N LEU E 459 16.60 38.72 82.20
CA LEU E 459 17.88 38.04 81.99
C LEU E 459 17.84 36.61 82.53
N GLY E 460 17.57 36.47 83.82
CA GLY E 460 17.48 35.14 84.43
C GLY E 460 16.34 34.30 83.90
N GLU E 461 15.32 34.94 83.34
CA GLU E 461 14.18 34.20 82.78
C GLU E 461 14.54 33.61 81.42
N MET E 462 15.25 34.37 80.58
CA MET E 462 15.65 33.88 79.28
C MET E 462 16.85 32.94 79.34
N ILE E 463 17.68 33.06 80.38
CA ILE E 463 18.79 32.14 80.55
C ILE E 463 18.26 30.74 80.91
N ALA E 464 17.29 30.67 81.80
CA ALA E 464 16.69 29.39 82.16
C ALA E 464 15.96 28.77 80.98
N ARG E 465 15.47 29.58 80.05
CA ARG E 465 14.82 29.06 78.85
C ARG E 465 15.84 28.39 77.92
N PHE E 466 16.90 29.12 77.57
CA PHE E 466 17.94 28.57 76.70
C PHE E 466 18.81 27.53 77.40
N SER E 467 18.62 27.32 78.71
CA SER E 467 19.32 26.26 79.42
C SER E 467 18.63 24.91 79.30
N LYS E 468 17.42 24.87 78.74
CA LYS E 468 16.66 23.65 78.55
C LYS E 468 16.38 23.50 77.06
N PRO E 469 17.35 23.00 76.28
CA PRO E 469 17.16 22.91 74.82
C PRO E 469 16.07 21.95 74.40
N ASP E 470 15.51 21.15 75.31
CA ASP E 470 14.42 20.25 74.95
C ASP E 470 13.12 21.01 74.76
N SER E 471 12.87 22.04 75.59
CA SER E 471 11.66 22.83 75.51
C SER E 471 11.89 24.19 74.85
N LEU E 472 12.99 24.35 74.13
CA LEU E 472 13.29 25.64 73.50
C LEU E 472 12.38 25.90 72.32
N ASN E 473 11.82 27.10 72.26
CA ASN E 473 11.02 27.55 71.13
C ASN E 473 11.36 29.02 70.90
N ILE E 474 12.23 29.28 69.93
CA ILE E 474 12.74 30.64 69.71
C ILE E 474 11.61 31.60 69.36
N TYR E 475 10.55 31.09 68.73
CA TYR E 475 9.40 31.96 68.42
C TYR E 475 8.74 32.48 69.68
N ARG E 476 8.82 31.73 70.79
CA ARG E 476 8.19 32.12 72.04
C ARG E 476 9.18 32.41 73.16
N ALA E 477 10.46 32.11 72.96
CA ALA E 477 11.50 32.37 73.95
C ALA E 477 12.39 33.54 73.56
N PHE E 478 12.04 34.28 72.51
CA PHE E 478 12.85 35.40 72.06
C PHE E 478 12.80 36.53 73.07
N SER E 479 13.97 37.04 73.44
CA SER E 479 14.11 38.09 74.44
C SER E 479 14.54 39.40 73.80
N PRO E 480 14.10 40.55 74.34
CA PRO E 480 14.56 41.84 73.81
C PRO E 480 16.03 42.11 74.04
N CYS E 481 16.70 41.30 74.86
CA CYS E 481 18.14 41.46 75.07
C CYS E 481 18.92 41.24 73.78
N PHE E 482 18.37 40.45 72.86
CA PHE E 482 19.06 40.14 71.61
C PHE E 482 19.21 41.37 70.72
N LEU E 483 18.32 42.36 70.87
CA LEU E 483 18.39 43.61 70.12
C LEU E 483 18.90 44.77 70.97
N GLY E 484 19.15 44.54 72.25
CA GLY E 484 19.58 45.61 73.13
C GLY E 484 21.10 45.78 73.16
N LEU E 485 21.51 46.94 73.66
CA LEU E 485 22.92 47.29 73.75
C LEU E 485 23.55 46.87 75.08
N ARG E 486 22.97 45.89 75.76
CA ARG E 486 23.52 45.35 76.99
C ARG E 486 24.37 44.13 76.67
N TYR E 487 25.53 44.03 77.31
CA TYR E 487 26.53 43.04 76.95
C TYR E 487 26.78 41.97 78.00
N ASP E 488 26.36 42.17 79.24
CA ASP E 488 26.55 41.16 80.28
C ASP E 488 25.38 40.19 80.34
N LEU E 489 25.07 39.57 79.19
CA LEU E 489 23.97 38.61 79.14
C LEU E 489 24.31 37.29 79.83
N HIS E 490 25.58 37.02 80.08
CA HIS E 490 25.99 35.76 80.69
C HIS E 490 27.03 36.01 81.78
N GLY E 512 23.55 20.22 79.20
CA GLY E 512 23.67 20.88 77.92
C GLY E 512 22.83 22.15 77.82
N THR E 513 23.49 23.25 77.46
CA THR E 513 22.83 24.54 77.31
C THR E 513 22.93 25.00 75.87
N SER E 514 21.82 25.54 75.34
CA SER E 514 21.79 26.00 73.97
C SER E 514 22.53 27.33 73.82
N GLY E 515 23.28 27.46 72.73
CA GLY E 515 24.06 28.64 72.45
C GLY E 515 23.44 29.63 71.50
N PHE E 516 22.16 29.47 71.16
CA PHE E 516 21.52 30.40 70.24
C PHE E 516 21.27 31.77 70.88
N ALA E 517 21.23 31.84 72.22
CA ALA E 517 21.09 33.13 72.88
C ALA E 517 22.26 34.04 72.56
N GLU E 518 23.46 33.48 72.50
CA GLU E 518 24.64 34.26 72.12
C GLU E 518 24.71 34.46 70.61
N LEU E 519 24.31 33.44 69.83
CA LEU E 519 24.34 33.56 68.38
C LEU E 519 23.39 34.64 67.88
N LEU E 520 22.14 34.61 68.36
CA LEU E 520 21.16 35.60 67.94
C LEU E 520 21.55 37.00 68.39
N HIS E 521 22.17 37.12 69.58
CA HIS E 521 22.60 38.44 70.05
C HIS E 521 23.82 38.93 69.28
N ALA E 522 24.78 38.04 69.00
CA ALA E 522 25.96 38.45 68.25
C ALA E 522 25.63 38.79 66.81
N LEU E 523 24.58 38.16 66.26
CA LEU E 523 24.14 38.49 64.91
C LEU E 523 23.70 39.95 64.83
N HIS E 524 23.10 40.47 65.90
CA HIS E 524 22.74 41.88 65.97
C HIS E 524 23.93 42.78 66.23
N LEU E 525 24.89 42.31 67.04
CA LEU E 525 26.06 43.13 67.35
C LEU E 525 26.98 43.30 66.16
N ASP E 526 27.01 42.32 65.24
CA ASP E 526 27.87 42.43 64.07
C ASP E 526 27.32 43.45 63.09
N SER E 527 26.09 43.25 62.61
CA SER E 527 25.46 44.22 61.72
C SER E 527 24.82 45.34 62.53
N LEU E 528 25.61 45.98 63.38
CA LEU E 528 25.12 47.05 64.25
C LEU E 528 25.53 48.41 63.70
N ASN E 529 24.62 49.37 63.77
CA ASN E 529 24.94 50.75 63.44
C ASN E 529 26.00 51.29 64.40
N LEU E 530 27.09 51.81 63.83
CA LEU E 530 28.21 52.25 64.64
C LEU E 530 27.82 53.38 65.57
N ILE E 531 28.18 53.24 66.85
CA ILE E 531 27.91 54.30 67.83
C ILE E 531 28.71 55.53 67.46
N PRO E 532 28.12 56.74 67.48
CA PRO E 532 28.88 57.92 67.06
C PRO E 532 30.05 58.26 67.97
N ALA E 533 29.99 57.89 69.25
CA ALA E 533 31.05 58.22 70.19
C ALA E 533 31.97 57.04 70.50
N ILE E 534 31.79 55.91 69.83
CA ILE E 534 32.64 54.75 70.09
C ILE E 534 34.04 54.90 69.50
N ASN E 535 34.25 55.88 68.62
CA ASN E 535 35.54 56.12 68.00
C ASN E 535 36.28 57.31 68.62
N CYS E 536 35.95 57.67 69.86
CA CYS E 536 36.59 58.77 70.55
C CYS E 536 37.58 58.32 71.61
N SER E 537 37.77 57.01 71.77
CA SER E 537 38.59 56.49 72.87
C SER E 537 39.25 55.19 72.40
N LYS E 538 39.79 54.46 73.36
CA LYS E 538 40.48 53.19 73.14
C LYS E 538 39.74 52.06 73.83
N ILE E 539 38.40 52.09 73.74
CA ILE E 539 37.57 51.14 74.47
C ILE E 539 37.99 49.72 74.14
N THR E 540 38.19 48.91 75.18
CA THR E 540 38.48 47.50 75.03
C THR E 540 37.17 46.74 75.10
N ALA E 541 36.78 46.11 74.00
CA ALA E 541 35.48 45.44 74.02
C ALA E 541 35.59 44.05 74.65
N ASP E 542 36.13 43.97 75.86
CA ASP E 542 35.83 42.85 76.74
C ASP E 542 35.32 43.30 78.10
N LYS E 543 35.83 44.41 78.62
CA LYS E 543 35.35 45.01 79.86
C LYS E 543 34.28 46.07 79.59
N ILE E 544 33.22 45.71 78.87
CA ILE E 544 32.13 46.64 78.61
C ILE E 544 30.83 45.97 79.06
N ILE E 545 30.09 46.65 79.93
CA ILE E 545 28.85 46.09 80.46
C ILE E 545 27.65 46.49 79.60
N ALA E 546 27.52 47.78 79.29
CA ALA E 546 26.41 48.25 78.46
C ALA E 546 26.78 49.58 77.84
N THR E 547 26.00 49.97 76.84
CA THR E 547 26.16 51.25 76.15
C THR E 547 24.81 51.97 76.14
N VAL E 548 24.81 53.22 76.62
CA VAL E 548 23.59 54.01 76.70
C VAL E 548 23.68 55.19 75.75
N PRO E 549 23.18 55.06 74.51
CA PRO E 549 23.23 56.17 73.54
C PRO E 549 22.09 57.18 73.69
N LEU E 550 22.22 58.06 74.68
CA LEU E 550 21.27 59.15 74.86
C LEU E 550 21.49 60.20 73.77
N PRO E 551 20.56 61.14 73.59
CA PRO E 551 20.80 62.22 72.62
C PRO E 551 22.00 63.07 73.02
N HIS E 552 22.96 63.17 72.10
CA HIS E 552 24.22 63.91 72.23
C HIS E 552 24.89 63.67 73.58
N VAL E 553 24.80 62.44 74.08
CA VAL E 553 25.67 61.94 75.15
C VAL E 553 25.58 60.42 75.13
N THR E 554 26.71 59.76 75.34
CA THR E 554 26.76 58.30 75.36
C THR E 554 27.43 57.83 76.64
N TYR E 555 26.65 57.29 77.56
CA TYR E 555 27.21 56.65 78.75
C TYR E 555 27.70 55.26 78.39
N ILE E 556 28.92 54.93 78.81
CA ILE E 556 29.52 53.63 78.55
C ILE E 556 29.92 53.04 79.89
N ILE E 557 29.21 52.01 80.34
CA ILE E 557 29.55 51.33 81.58
C ILE E 557 30.65 50.31 81.31
N SER E 558 31.72 50.36 82.09
CA SER E 558 32.86 49.50 81.86
C SER E 558 33.54 49.18 83.19
N SER E 559 34.43 48.19 83.15
CA SER E 559 35.24 47.86 84.32
C SER E 559 36.47 48.74 84.44
N GLU E 560 36.79 49.52 83.41
CA GLU E 560 37.92 50.43 83.43
C GLU E 560 37.47 51.81 82.95
N ALA E 561 38.06 52.85 83.54
CA ALA E 561 37.73 54.21 83.15
C ALA E 561 38.24 54.50 81.74
N LEU E 562 37.56 55.43 81.07
CA LEU E 562 37.92 55.83 79.72
C LEU E 562 38.82 57.07 79.75
N SER E 563 39.39 57.38 78.59
CA SER E 563 40.43 58.40 78.49
C SER E 563 39.96 59.72 77.88
N ASN E 564 38.78 59.75 77.26
CA ASN E 564 38.36 60.93 76.51
C ASN E 564 37.63 61.95 77.37
N ALA E 565 36.67 61.49 78.17
CA ALA E 565 35.72 62.38 78.83
C ALA E 565 35.53 61.95 80.27
N VAL E 566 34.55 62.57 80.94
CA VAL E 566 34.36 62.38 82.37
C VAL E 566 34.04 60.93 82.70
N VAL E 567 34.31 60.55 83.95
CA VAL E 567 34.17 59.19 84.43
C VAL E 567 33.57 59.23 85.83
N TYR E 568 32.58 58.37 86.07
CA TYR E 568 31.92 58.26 87.37
C TYR E 568 32.14 56.85 87.91
N GLU E 569 32.83 56.74 89.03
CA GLU E 569 33.19 55.46 89.63
C GLU E 569 32.22 55.11 90.75
N VAL E 570 31.64 53.93 90.68
CA VAL E 570 30.74 53.46 91.73
C VAL E 570 31.58 53.00 92.92
N SER E 571 31.33 53.58 94.08
CA SER E 571 32.10 53.29 95.29
C SER E 571 31.28 52.38 96.20
N GLU E 572 31.57 51.08 96.14
CA GLU E 572 30.94 50.11 97.02
C GLU E 572 31.98 49.08 97.46
N ILE E 573 31.94 48.70 98.73
CA ILE E 573 32.92 47.77 99.25
C ILE E 573 32.52 46.32 98.94
N PHE E 574 31.24 46.05 98.79
CA PHE E 574 30.76 44.71 98.45
C PHE E 574 30.81 44.43 96.96
N LEU E 575 31.28 45.37 96.14
CA LEU E 575 31.25 45.22 94.69
C LEU E 575 32.29 44.21 94.26
N LYS E 576 31.83 43.06 93.74
CA LYS E 576 32.74 42.02 93.27
C LYS E 576 33.49 42.42 92.00
N SER E 577 33.10 43.51 91.35
CA SER E 577 33.74 43.96 90.13
C SER E 577 33.92 45.47 90.20
N ALA E 578 34.32 46.07 89.08
CA ALA E 578 34.54 47.51 88.99
C ALA E 578 33.56 48.10 87.98
N MET E 579 33.01 49.27 88.33
CA MET E 579 32.03 49.95 87.48
C MET E 579 32.50 51.38 87.25
N PHE E 580 32.69 51.74 85.99
CA PHE E 580 33.06 53.10 85.60
C PHE E 580 32.08 53.59 84.55
N ILE E 581 31.35 54.66 84.87
CA ILE E 581 30.38 55.26 83.96
C ILE E 581 31.05 56.42 83.24
N SER E 582 31.39 56.21 81.98
CA SER E 582 32.04 57.22 81.16
C SER E 582 31.01 57.88 80.26
N ALA E 583 30.92 59.22 80.33
CA ALA E 583 29.97 59.99 79.55
C ALA E 583 30.73 60.77 78.49
N ILE E 584 30.63 60.31 77.24
CA ILE E 584 31.38 60.89 76.13
C ILE E 584 30.40 61.59 75.19
N LYS E 585 30.76 62.81 74.77
CA LYS E 585 30.01 63.52 73.75
C LYS E 585 30.28 62.91 72.37
N PRO E 586 29.25 62.73 71.55
CA PRO E 586 29.45 62.08 70.24
C PRO E 586 30.41 62.82 69.32
N ASP E 587 30.81 64.05 69.64
CA ASP E 587 31.75 64.80 68.83
C ASP E 587 33.19 64.67 69.32
N CYS E 588 33.46 63.70 70.19
CA CYS E 588 34.77 63.53 70.83
C CYS E 588 35.22 64.82 71.50
N SER E 589 34.27 65.60 71.98
CA SER E 589 34.53 66.90 72.59
C SER E 589 34.47 66.78 74.11
N GLY E 590 34.59 67.91 74.80
CA GLY E 590 34.49 67.94 76.25
C GLY E 590 33.26 68.68 76.73
N PHE E 591 32.92 68.50 78.00
CA PHE E 591 31.74 69.12 78.59
C PHE E 591 32.05 70.52 79.11
N ASN E 592 30.99 71.27 79.41
CA ASN E 592 31.14 72.64 79.85
C ASN E 592 31.46 72.74 81.34
N PHE E 593 31.00 71.79 82.14
CA PHE E 593 31.25 71.80 83.57
C PHE E 593 32.56 71.08 83.88
N SER E 594 32.96 71.16 85.16
CA SER E 594 34.19 70.54 85.64
C SER E 594 33.88 69.71 86.88
N GLN E 595 34.53 68.55 86.97
CA GLN E 595 34.32 67.65 88.10
C GLN E 595 35.37 67.88 89.19
N ILE E 596 34.93 67.76 90.44
CA ILE E 596 35.86 67.84 91.56
C ILE E 596 36.54 66.49 91.79
N ASP E 597 35.76 65.40 91.70
CA ASP E 597 36.28 64.06 91.88
C ASP E 597 35.41 63.10 91.08
N ARG E 598 35.72 61.81 91.20
CA ARG E 598 34.98 60.76 90.50
C ARG E 598 33.79 60.25 91.29
N HIS E 599 33.51 60.81 92.46
CA HIS E 599 32.39 60.35 93.26
C HIS E 599 31.06 60.78 92.64
N ILE E 600 30.05 59.94 92.81
CA ILE E 600 28.72 60.20 92.26
C ILE E 600 27.90 60.91 93.35
N PRO E 601 27.35 62.11 93.07
CA PRO E 601 26.54 62.79 94.08
C PRO E 601 25.27 62.01 94.40
N ILE E 602 24.59 62.45 95.46
CA ILE E 602 23.40 61.76 95.97
C ILE E 602 22.33 62.81 96.23
N VAL E 603 21.24 62.75 95.46
CA VAL E 603 20.02 63.47 95.80
C VAL E 603 19.17 62.56 96.67
N TYR E 604 18.52 63.14 97.67
CA TYR E 604 17.95 62.35 98.76
C TYR E 604 16.43 62.28 98.77
N ASN E 605 15.74 62.96 97.86
CA ASN E 605 14.28 62.90 97.81
C ASN E 605 13.82 62.93 96.36
N ILE E 606 13.04 61.93 95.97
CA ILE E 606 12.41 61.90 94.65
C ILE E 606 11.04 61.25 94.79
N SER E 607 10.16 61.59 93.86
CA SER E 607 8.82 61.02 93.77
C SER E 607 8.33 61.23 92.35
N THR E 608 7.26 60.51 91.98
CA THR E 608 6.70 60.64 90.65
C THR E 608 6.34 62.11 90.40
N PRO E 609 7.05 62.80 89.51
CA PRO E 609 6.93 64.26 89.42
C PRO E 609 5.70 64.67 88.61
N ARG E 610 4.97 65.65 89.15
CA ARG E 610 3.79 66.21 88.50
C ARG E 610 4.03 67.65 88.05
N ARG E 611 5.28 67.98 87.73
CA ARG E 611 5.68 69.34 87.38
C ARG E 611 6.09 69.45 85.93
N GLY E 612 6.99 68.59 85.48
CA GLY E 612 7.32 68.47 84.07
C GLY E 612 7.77 67.06 83.78
N CYS E 613 8.77 66.92 82.92
CA CYS E 613 9.44 65.63 82.71
C CYS E 613 10.92 65.79 83.04
N PRO E 614 11.32 65.63 84.30
CA PRO E 614 12.75 65.67 84.64
C PRO E 614 13.51 64.45 84.17
N LEU E 615 12.84 63.32 84.00
CA LEU E 615 13.49 62.07 83.64
C LEU E 615 13.52 61.82 82.14
N CYS E 616 12.82 62.63 81.33
CA CYS E 616 12.85 62.44 79.89
C CYS E 616 14.27 62.58 79.36
N ASP E 617 14.55 61.81 78.30
CA ASP E 617 15.87 61.75 77.67
C ASP E 617 16.96 61.35 78.65
N SER E 618 16.60 60.75 79.78
CA SER E 618 17.54 60.26 80.78
C SER E 618 17.32 58.77 80.97
N VAL E 619 18.27 58.13 81.65
CA VAL E 619 18.23 56.70 81.91
C VAL E 619 18.47 56.48 83.40
N ILE E 620 17.54 55.79 84.06
CA ILE E 620 17.67 55.42 85.47
C ILE E 620 18.25 54.02 85.53
N MET E 621 19.42 53.89 86.16
CA MET E 621 20.17 52.64 86.20
C MET E 621 20.03 51.99 87.57
N SER E 622 19.90 50.67 87.58
CA SER E 622 19.84 49.87 88.80
C SER E 622 21.03 48.93 88.86
N TYR E 623 21.65 48.86 90.03
CA TYR E 623 22.80 47.99 90.21
C TYR E 623 22.79 47.42 91.62
N ASP E 624 23.09 46.12 91.73
CA ASP E 624 23.24 45.48 93.02
C ASP E 624 24.61 45.79 93.59
N GLU E 625 24.67 45.98 94.91
CA GLU E 625 25.93 46.35 95.53
C GLU E 625 27.00 45.27 95.42
N SER E 626 26.64 44.05 95.04
CA SER E 626 27.64 43.01 94.79
C SER E 626 27.71 42.58 93.34
N ASP E 627 26.58 42.19 92.74
CA ASP E 627 26.59 41.65 91.37
C ASP E 627 26.35 42.73 90.31
N GLY E 628 27.17 43.78 90.32
CA GLY E 628 27.20 44.76 89.26
C GLY E 628 25.84 45.35 88.92
N LEU E 629 25.56 45.45 87.62
CA LEU E 629 24.31 46.00 87.13
C LEU E 629 23.12 45.13 87.51
N GLN E 630 21.93 45.74 87.55
CA GLN E 630 20.69 44.98 87.57
C GLN E 630 19.84 45.21 86.33
N SER E 631 19.57 46.46 85.96
CA SER E 631 18.69 46.73 84.83
C SER E 631 18.80 48.20 84.43
N LEU E 632 18.58 48.47 83.15
CA LEU E 632 18.49 49.81 82.61
C LEU E 632 17.10 50.05 82.05
N MET E 633 16.64 51.30 82.10
CA MET E 633 15.38 51.69 81.48
C MET E 633 15.48 53.12 80.98
N TYR E 634 15.21 53.31 79.69
CA TYR E 634 15.20 54.63 79.07
C TYR E 634 13.83 55.27 79.23
N VAL E 635 13.79 56.47 79.81
CA VAL E 635 12.55 57.20 80.03
C VAL E 635 12.29 58.04 78.77
N THR E 636 11.43 57.53 77.90
CA THR E 636 11.07 58.21 76.66
C THR E 636 9.79 59.02 76.76
N ASN E 637 8.70 58.38 77.20
CA ASN E 637 7.42 59.04 77.36
C ASN E 637 7.20 59.44 78.80
N GLU E 638 6.33 60.43 79.01
CA GLU E 638 5.94 60.81 80.36
C GLU E 638 5.14 59.70 81.04
N ARG E 639 4.53 58.80 80.27
CA ARG E 639 3.89 57.62 80.86
C ARG E 639 4.92 56.67 81.45
N VAL E 640 6.03 56.47 80.74
CA VAL E 640 7.12 55.65 81.26
C VAL E 640 7.60 56.20 82.61
N GLN E 641 7.74 57.52 82.70
CA GLN E 641 8.21 58.14 83.94
C GLN E 641 7.25 57.85 85.09
N THR E 642 5.94 58.01 84.85
CA THR E 642 4.97 57.73 85.89
C THR E 642 4.84 56.23 86.17
N ASN E 643 5.18 55.38 85.19
CA ASN E 643 5.16 53.94 85.41
C ASN E 643 6.45 53.43 86.03
N LEU E 644 7.47 54.26 86.17
CA LEU E 644 8.70 53.82 86.82
C LEU E 644 8.50 53.61 88.31
N PHE E 645 7.60 54.36 88.94
CA PHE E 645 7.31 54.22 90.36
C PHE E 645 6.11 53.30 90.57
N LEU E 646 6.28 52.03 90.20
CA LEU E 646 5.26 51.02 90.36
C LEU E 646 5.73 49.94 91.35
N ASP E 647 4.79 49.09 91.75
CA ASP E 647 5.12 47.98 92.63
C ASP E 647 5.98 46.95 91.90
N LYS E 648 5.58 46.57 90.68
CA LYS E 648 6.31 45.62 89.86
C LYS E 648 7.49 46.26 89.13
N SER E 649 7.87 47.47 89.51
CA SER E 649 8.91 48.19 88.82
C SER E 649 10.29 47.63 89.15
N PRO E 650 11.24 47.70 88.21
CA PRO E 650 12.61 47.27 88.53
C PRO E 650 13.33 48.21 89.47
N PHE E 651 12.88 49.45 89.59
CA PHE E 651 13.51 50.45 90.45
C PHE E 651 12.54 50.88 91.54
N PHE E 652 13.07 51.64 92.49
CA PHE E 652 12.29 52.33 93.51
C PHE E 652 11.46 51.35 94.34
N ASP E 653 12.11 50.26 94.75
CA ASP E 653 11.50 49.34 95.69
C ASP E 653 11.62 49.89 97.12
N ASN E 654 10.79 49.37 98.01
CA ASN E 654 10.89 49.80 99.40
C ASN E 654 11.90 48.99 100.20
N ASN E 655 12.09 47.70 99.88
CA ASN E 655 13.12 46.92 100.56
C ASN E 655 14.51 47.51 100.32
N ASN E 656 14.94 47.53 99.05
CA ASN E 656 16.12 48.23 98.57
C ASN E 656 17.33 48.11 99.48
N LEU E 657 17.60 46.91 100.01
CA LEU E 657 18.70 46.79 100.96
C LEU E 657 20.06 46.67 100.25
N HIS E 658 20.10 45.96 99.12
CA HIS E 658 21.35 45.71 98.42
C HIS E 658 21.41 46.35 97.04
N ILE E 659 20.37 47.08 96.63
CA ILE E 659 20.21 47.53 95.26
C ILE E 659 20.05 49.05 95.26
N HIS E 660 20.93 49.74 94.54
CA HIS E 660 20.95 51.19 94.46
C HIS E 660 20.45 51.64 93.10
N TYR E 661 20.28 52.96 92.96
CA TYR E 661 19.75 53.55 91.74
C TYR E 661 20.58 54.77 91.35
N LEU E 662 21.03 54.80 90.09
CA LEU E 662 21.74 55.93 89.53
C LEU E 662 20.88 56.62 88.49
N TRP E 663 21.13 57.91 88.30
CA TRP E 663 20.36 58.74 87.38
C TRP E 663 21.32 59.28 86.31
N LEU E 664 21.27 58.68 85.12
CA LEU E 664 22.12 59.08 84.01
C LEU E 664 21.36 60.11 83.18
N ARG E 665 21.71 61.38 83.34
CA ARG E 665 20.97 62.48 82.75
C ARG E 665 21.58 62.90 81.42
N ASP E 666 20.81 63.67 80.66
CA ASP E 666 21.31 64.29 79.43
C ASP E 666 22.32 65.40 79.71
N ASN E 667 22.43 65.83 80.98
CA ASN E 667 23.50 66.74 81.38
C ASN E 667 24.88 66.21 80.97
N GLY E 668 25.04 64.89 80.95
CA GLY E 668 26.35 64.28 81.04
C GLY E 668 26.77 64.01 82.46
N THR E 669 25.90 64.28 83.43
CA THR E 669 26.19 64.13 84.85
C THR E 669 25.40 62.96 85.42
N VAL E 670 26.02 62.21 86.33
CA VAL E 670 25.40 61.07 86.99
C VAL E 670 25.14 61.43 88.45
N VAL E 671 24.03 60.95 88.99
CA VAL E 671 23.67 61.19 90.38
C VAL E 671 22.91 59.97 90.89
N GLU E 672 23.00 59.75 92.20
CA GLU E 672 22.38 58.60 92.83
C GLU E 672 21.08 59.02 93.51
N ILE E 673 19.98 58.35 93.15
CA ILE E 673 18.67 58.61 93.73
C ILE E 673 18.50 57.70 94.94
N ARG E 674 18.44 58.29 96.12
CA ARG E 674 18.44 57.53 97.37
C ARG E 674 17.29 57.96 98.26
N GLY E 675 16.38 57.03 98.56
CA GLY E 675 15.45 57.20 99.67
C GLY E 675 14.02 57.57 99.36
N MET E 676 13.09 56.91 100.05
CA MET E 676 11.71 57.37 100.24
C MET E 676 10.86 57.30 98.98
N TYR E 677 11.28 56.54 97.97
CA TYR E 677 10.49 56.41 96.75
C TYR E 677 9.08 55.87 97.05
N GLY F 2 4.92 -11.84 12.77
CA GLY F 2 4.59 -11.03 13.92
C GLY F 2 5.65 -11.06 15.00
N ILE F 3 5.88 -12.24 15.57
CA ILE F 3 6.88 -12.46 16.61
C ILE F 3 7.83 -13.52 16.10
N GLN F 4 8.94 -13.10 15.50
CA GLN F 4 9.91 -14.03 14.92
C GLN F 4 10.87 -14.49 16.02
N TYR F 5 10.85 -15.80 16.30
CA TYR F 5 11.65 -16.35 17.38
C TYR F 5 13.12 -16.43 16.99
N VAL F 6 13.95 -16.70 17.98
CA VAL F 6 15.40 -16.82 17.81
C VAL F 6 15.79 -18.27 18.06
N ALA F 7 16.94 -18.65 17.50
CA ALA F 7 17.42 -20.02 17.65
C ALA F 7 17.94 -20.26 19.07
N LEU F 8 18.79 -19.37 19.57
CA LEU F 8 19.35 -19.48 20.91
C LEU F 8 18.79 -18.36 21.78
N PRO F 9 17.69 -18.61 22.51
CA PRO F 9 17.17 -17.58 23.42
C PRO F 9 18.06 -17.33 24.63
N CYS F 10 19.03 -18.18 24.88
CA CYS F 10 19.98 -18.03 25.98
C CYS F 10 21.37 -17.74 25.44
N CYS F 11 22.19 -17.14 26.29
CA CYS F 11 23.58 -16.86 25.96
C CYS F 11 24.36 -16.71 27.26
N ALA F 12 25.68 -16.52 27.12
CA ALA F 12 26.57 -16.36 28.26
C ALA F 12 27.16 -14.95 28.21
N ILE F 13 27.05 -14.22 29.32
CA ILE F 13 27.58 -12.87 29.36
C ILE F 13 29.10 -12.99 29.41
N GLN F 14 29.76 -12.67 28.29
CA GLN F 14 31.21 -12.73 28.23
C GLN F 14 31.80 -11.45 28.79
N ALA F 15 32.92 -11.57 29.50
CA ALA F 15 33.61 -10.34 29.89
C ALA F 15 34.49 -9.86 28.75
N SER F 16 33.92 -9.69 27.56
CA SER F 16 34.54 -8.93 26.49
C SER F 16 33.59 -7.96 25.81
N ALA F 17 32.27 -8.06 26.05
CA ALA F 17 31.32 -7.20 25.38
C ALA F 17 31.34 -5.78 25.92
N ALA F 18 31.94 -5.55 27.08
CA ALA F 18 32.03 -4.19 27.61
C ALA F 18 32.86 -3.30 26.68
N SER F 19 33.89 -3.86 26.07
CA SER F 19 34.73 -3.12 25.13
C SER F 19 34.16 -3.10 23.72
N THR F 20 33.38 -4.12 23.36
CA THR F 20 32.82 -4.26 22.01
C THR F 20 31.29 -4.20 22.05
N LEU F 21 30.75 -3.29 22.86
CA LEU F 21 29.31 -3.18 22.99
C LEU F 21 28.74 -2.40 21.80
N PRO F 22 27.75 -2.95 21.10
CA PRO F 22 27.13 -2.20 20.00
C PRO F 22 26.41 -0.97 20.52
N LEU F 23 26.52 0.12 19.76
CA LEU F 23 25.83 1.36 20.11
C LEU F 23 24.32 1.16 20.12
N PHE F 24 23.63 1.99 20.88
CA PHE F 24 22.18 1.85 21.02
C PHE F 24 21.46 2.11 19.70
N PHE F 25 21.98 3.03 18.88
CA PHE F 25 21.36 3.35 17.61
C PHE F 25 21.72 2.35 16.51
N ALA F 26 22.29 1.20 16.87
CA ALA F 26 22.59 0.14 15.93
C ALA F 26 21.87 -1.16 16.24
N VAL F 27 21.12 -1.22 17.35
CA VAL F 27 20.47 -2.45 17.76
C VAL F 27 19.18 -2.64 16.97
N HIS F 28 18.91 -3.89 16.59
CA HIS F 28 17.68 -4.24 15.88
C HIS F 28 16.61 -4.83 16.79
N SER F 29 17.00 -5.77 17.65
CA SER F 29 16.03 -6.47 18.49
C SER F 29 16.60 -6.65 19.90
N ILE F 30 15.69 -6.83 20.85
CA ILE F 30 15.99 -6.79 22.28
C ILE F 30 15.58 -8.11 22.93
N HIS F 31 15.63 -9.22 22.17
CA HIS F 31 15.05 -10.50 22.56
C HIS F 31 15.31 -10.81 24.04
N PHE F 32 14.23 -11.07 24.77
CA PHE F 32 14.26 -11.26 26.21
C PHE F 32 14.11 -12.73 26.56
N ALA F 33 14.06 -13.02 27.86
CA ALA F 33 13.93 -14.38 28.36
C ALA F 33 12.78 -14.47 29.36
N ASP F 34 12.64 -15.62 30.02
CA ASP F 34 11.55 -15.84 30.96
C ASP F 34 12.11 -16.40 32.25
N PRO F 35 11.57 -16.00 33.40
CA PRO F 35 12.13 -16.49 34.68
C PRO F 35 11.97 -17.98 34.89
N ASN F 36 10.94 -18.60 34.32
CA ASN F 36 10.73 -20.04 34.50
C ASN F 36 11.63 -20.88 33.61
N HIS F 37 12.16 -20.32 32.53
CA HIS F 37 13.03 -21.06 31.61
C HIS F 37 14.44 -20.47 31.66
N CYS F 38 15.33 -21.08 30.88
CA CYS F 38 16.71 -20.61 30.74
C CYS F 38 17.43 -20.59 32.08
N ASN F 39 17.17 -21.61 32.91
CA ASN F 39 17.78 -21.78 34.23
C ASN F 39 17.48 -20.62 35.17
N GLY F 40 16.43 -19.86 34.90
CA GLY F 40 16.04 -18.78 35.79
C GLY F 40 16.98 -17.60 35.84
N VAL F 41 17.90 -17.47 34.88
CA VAL F 41 18.84 -16.37 34.86
C VAL F 41 18.22 -15.20 34.08
N CYS F 42 18.62 -13.99 34.45
CA CYS F 42 18.12 -12.77 33.81
C CYS F 42 19.14 -12.35 32.76
N ILE F 43 18.79 -12.58 31.49
CA ILE F 43 19.72 -12.35 30.37
C ILE F 43 18.91 -11.90 29.16
N ALA F 44 19.40 -10.87 28.49
CA ALA F 44 18.80 -10.37 27.26
C ALA F 44 19.75 -10.63 26.09
N LYS F 45 19.26 -10.34 24.89
CA LYS F 45 20.02 -10.58 23.67
C LYS F 45 19.78 -9.45 22.69
N LEU F 46 20.86 -8.82 22.24
CA LEU F 46 20.82 -7.78 21.25
C LEU F 46 21.16 -8.33 19.87
N ARG F 47 20.79 -7.58 18.84
CA ARG F 47 21.07 -7.95 17.47
C ARG F 47 21.50 -6.71 16.68
N SER F 48 22.55 -6.88 15.88
CA SER F 48 23.14 -5.78 15.13
C SER F 48 23.31 -6.17 13.67
N LYS F 49 23.97 -5.31 12.90
CA LYS F 49 24.21 -5.55 11.48
C LYS F 49 25.62 -5.09 11.15
N THR F 50 26.48 -6.02 10.77
CA THR F 50 27.78 -5.66 10.19
C THR F 50 27.81 -6.27 8.79
N GLY F 51 27.31 -5.50 7.83
CA GLY F 51 27.39 -5.80 6.42
C GLY F 51 26.33 -6.78 5.95
N ASP F 52 26.48 -8.06 6.30
CA ASP F 52 25.43 -9.04 6.09
C ASP F 52 25.26 -10.02 7.25
N ILE F 53 25.87 -9.77 8.41
CA ILE F 53 25.89 -10.75 9.50
C ILE F 53 25.03 -10.26 10.65
N THR F 54 24.22 -11.16 11.20
CA THR F 54 23.39 -10.87 12.37
C THR F 54 24.24 -11.09 13.62
N VAL F 55 24.74 -10.00 14.20
CA VAL F 55 25.62 -10.08 15.36
C VAL F 55 24.78 -10.23 16.62
N GLU F 56 25.01 -11.32 17.36
CA GLU F 56 24.35 -11.57 18.62
C GLU F 56 25.30 -11.27 19.77
N THR F 57 24.83 -10.45 20.71
CA THR F 57 25.64 -10.06 21.88
C THR F 57 24.83 -10.27 23.14
N CYS F 58 25.41 -10.96 24.11
CA CYS F 58 24.76 -11.18 25.39
C CYS F 58 24.84 -9.92 26.24
N VAL F 59 23.76 -9.62 26.96
CA VAL F 59 23.62 -8.36 27.68
C VAL F 59 22.94 -8.64 29.01
N ASN F 60 23.40 -7.94 30.06
CA ASN F 60 22.79 -8.06 31.38
C ASN F 60 21.30 -7.73 31.32
N GLY F 61 20.48 -8.61 31.91
CA GLY F 61 19.04 -8.45 31.85
C GLY F 61 18.50 -7.33 32.71
N PHE F 62 19.25 -6.92 33.75
CA PHE F 62 18.79 -5.87 34.65
C PHE F 62 19.15 -4.48 34.14
N ASN F 63 20.43 -4.26 33.84
CA ASN F 63 20.87 -2.95 33.36
C ASN F 63 20.24 -2.57 32.03
N LEU F 64 19.74 -3.55 31.26
CA LEU F 64 19.05 -3.23 30.02
C LEU F 64 17.58 -2.91 30.25
N ARG F 65 16.91 -3.67 31.13
CA ARG F 65 15.53 -3.37 31.46
C ARG F 65 15.41 -2.02 32.16
N SER F 66 16.26 -1.77 33.16
CA SER F 66 16.26 -0.47 33.83
C SER F 66 16.59 0.65 32.86
N PHE F 67 17.40 0.37 31.83
CA PHE F 67 17.62 1.35 30.78
C PHE F 67 16.33 1.66 30.03
N LEU F 68 15.62 0.62 29.62
CA LEU F 68 14.35 0.82 28.93
C LEU F 68 13.31 1.48 29.83
N VAL F 69 13.39 1.22 31.14
CA VAL F 69 12.50 1.89 32.09
C VAL F 69 12.79 3.39 32.10
N ALA F 70 14.07 3.75 32.14
CA ALA F 70 14.45 5.17 32.16
C ALA F 70 14.05 5.87 30.86
N VAL F 71 13.97 5.13 29.76
CA VAL F 71 13.61 5.74 28.48
C VAL F 71 12.13 6.04 28.40
N VAL F 72 11.28 5.11 28.85
CA VAL F 72 9.84 5.32 28.78
C VAL F 72 9.41 6.38 29.79
N ARG F 73 10.04 6.39 30.97
CA ARG F 73 9.74 7.43 31.95
C ARG F 73 10.15 8.82 31.47
N ARG F 74 11.06 8.91 30.50
CA ARG F 74 11.39 10.18 29.86
C ARG F 74 10.30 10.62 28.88
N LEU F 75 9.23 9.84 28.71
CA LEU F 75 8.18 10.13 27.76
C LEU F 75 6.85 10.40 28.45
N GLY F 76 6.87 10.76 29.74
CA GLY F 76 5.69 10.92 30.57
C GLY F 76 4.51 11.59 29.91
N SER F 77 4.75 12.66 29.15
CA SER F 77 3.68 13.34 28.43
C SER F 77 3.44 12.76 27.05
N TRP F 78 4.49 12.26 26.38
CA TRP F 78 4.39 11.72 25.04
C TRP F 78 4.29 10.20 25.01
N ALA F 79 4.10 9.56 26.17
CA ALA F 79 4.03 8.10 26.21
C ALA F 79 2.73 7.61 25.61
N SER F 80 2.84 6.69 24.64
CA SER F 80 1.67 6.07 24.05
C SER F 80 1.08 5.04 25.02
N GLN F 81 -0.06 4.46 24.63
CA GLN F 81 -0.71 3.48 25.49
C GLN F 81 0.10 2.19 25.57
N GLU F 82 0.63 1.73 24.43
CA GLU F 82 1.40 0.49 24.43
C GLU F 82 2.75 0.68 25.12
N ASN F 83 3.29 1.90 25.12
CA ASN F 83 4.53 2.15 25.85
C ASN F 83 4.35 1.95 27.35
N LEU F 84 3.12 2.13 27.86
CA LEU F 84 2.88 1.87 29.27
C LEU F 84 2.86 0.37 29.56
N ARG F 85 2.32 -0.43 28.64
CA ARG F 85 2.39 -1.88 28.79
C ARG F 85 3.84 -2.36 28.71
N LEU F 86 4.67 -1.69 27.91
CA LEU F 86 6.10 -2.00 27.91
C LEU F 86 6.72 -1.69 29.26
N LEU F 87 6.39 -0.53 29.84
CA LEU F 87 6.92 -0.18 31.14
C LEU F 87 6.42 -1.13 32.23
N TRP F 88 5.16 -1.56 32.13
CA TRP F 88 4.61 -2.45 33.15
C TRP F 88 5.29 -3.81 33.11
N TYR F 89 5.47 -4.37 31.91
CA TYR F 89 6.16 -5.65 31.79
C TYR F 89 7.57 -5.57 32.35
N LEU F 90 8.27 -4.46 32.11
CA LEU F 90 9.63 -4.31 32.60
C LEU F 90 9.68 -4.28 34.12
N GLN F 91 8.66 -3.68 34.75
CA GLN F 91 8.71 -3.51 36.20
C GLN F 91 8.45 -4.81 36.94
N ARG F 92 7.48 -5.60 36.48
CA ARG F 92 7.20 -6.89 37.12
C ARG F 92 7.99 -8.05 36.51
N SER F 93 8.85 -7.79 35.52
CA SER F 93 9.86 -8.75 35.14
C SER F 93 11.16 -8.51 35.90
N LEU F 94 11.42 -7.27 36.31
CA LEU F 94 12.57 -6.99 37.17
C LEU F 94 12.33 -7.53 38.57
N THR F 95 11.15 -7.30 39.12
CA THR F 95 10.84 -7.81 40.45
C THR F 95 10.64 -9.31 40.47
N ALA F 96 10.32 -9.92 39.32
CA ALA F 96 10.21 -11.37 39.26
C ALA F 96 11.57 -12.05 39.18
N TYR F 97 12.55 -11.41 38.53
CA TYR F 97 13.90 -11.97 38.48
C TYR F 97 14.65 -11.75 39.79
N THR F 98 14.34 -10.68 40.53
CA THR F 98 15.03 -10.42 41.78
C THR F 98 14.57 -11.38 42.88
N VAL F 99 13.32 -11.82 42.84
CA VAL F 99 12.81 -12.73 43.87
C VAL F 99 13.53 -14.06 43.84
N GLY F 100 14.18 -14.40 42.73
CA GLY F 100 14.96 -15.62 42.65
C GLY F 100 16.40 -15.34 42.26
N PHE F 101 16.87 -14.13 42.55
CA PHE F 101 18.23 -13.72 42.19
C PHE F 101 19.17 -14.18 43.30
N ASN F 102 19.64 -15.42 43.18
CA ASN F 102 20.63 -16.00 44.07
C ASN F 102 22.00 -15.92 43.41
N ALA F 103 23.01 -16.50 44.06
CA ALA F 103 24.35 -16.57 43.49
C ALA F 103 24.43 -17.53 42.30
N THR F 104 23.43 -18.38 42.11
CA THR F 104 23.45 -19.33 41.00
C THR F 104 23.01 -18.68 39.70
N THR F 105 21.91 -17.92 39.74
CA THR F 105 21.41 -17.27 38.53
C THR F 105 22.30 -16.13 38.07
N ALA F 106 23.28 -15.71 38.87
CA ALA F 106 24.26 -14.73 38.42
C ALA F 106 25.37 -15.35 37.58
N ASP F 107 25.48 -16.67 37.57
CA ASP F 107 26.47 -17.38 36.76
C ASP F 107 25.88 -17.57 35.36
N SER F 108 26.28 -16.72 34.42
CA SER F 108 25.76 -16.76 33.06
C SER F 108 26.50 -17.73 32.16
N SER F 109 27.63 -18.28 32.60
CA SER F 109 28.43 -19.18 31.77
C SER F 109 27.79 -20.55 31.56
N ILE F 110 26.62 -20.80 32.17
CA ILE F 110 25.95 -22.08 31.96
C ILE F 110 25.52 -22.24 30.51
N HIS F 111 25.10 -21.14 29.88
CA HIS F 111 24.60 -21.17 28.52
C HIS F 111 25.71 -20.97 27.48
N ASN F 112 26.96 -21.23 27.85
CA ASN F 112 28.08 -21.12 26.93
C ASN F 112 28.33 -22.48 26.29
N VAL F 113 28.49 -22.48 24.97
CA VAL F 113 28.67 -23.70 24.20
C VAL F 113 30.15 -23.82 23.83
N ASN F 114 30.89 -24.62 24.60
CA ASN F 114 32.29 -24.88 24.30
C ASN F 114 32.36 -25.84 23.11
N ILE F 115 32.78 -25.33 21.95
CA ILE F 115 32.73 -26.10 20.71
C ILE F 115 34.01 -26.88 20.46
N ILE F 116 35.08 -26.63 21.21
CA ILE F 116 36.38 -27.30 21.05
C ILE F 116 36.84 -27.30 19.59
#